data_4EWT
#
_entry.id   4EWT
#
_cell.length_a   44.620
_cell.length_b   120.110
_cell.length_c   132.410
_cell.angle_alpha   115.40
_cell.angle_beta   94.64
_cell.angle_gamma   96.55
#
_symmetry.space_group_name_H-M   'P 1'
#
loop_
_entity.id
_entity.type
_entity.pdbx_description
1 polymer 'Peptidase, M20/M25/M40 family'
2 non-polymer 'MANGANESE (II) ION'
3 non-polymer DI(HYDROXYETHYL)ETHER
4 non-polymer '1-DEOXY-1-THIO-HEPTAETHYLENE GLYCOL'
5 water water
#
_entity_poly.entity_id   1
_entity_poly.type   'polypeptide(L)'
_entity_poly.pdbx_seq_one_letter_code
;MNQQLIETLKSKEGKMIEIRRYLHQHPELSFHEDETAKYIAEFYKGKDVEVETNVGPRGIKVTIDSGKPGKTLAIRADFD
ALPITEDTGLSFASQNKGVMHACGHDAHTAYMLVLAETLAEMKDSFTGKVVVIHQPAEEVPPGGAKTMIENGVLDGVDHV
LGVHVMSTMKTGKVYYRPGYVQTGRAFFKLKVQGKGGHGSSPHMANDAIVAGSYFVTALQTVVSRRLSPFETGVVTIGSF
DGKGQFNVIKDVVEIEGDVRGLTDATKATIEKEIKRLSKGLEDMYGVTCTLEYNDDYPALYNDPEFTEYVAKTLKEANLD
FGVEMCEPQPPSEDFAYYAKERPSAFIYTGAAVENGEIYPHHHPKFNISEKSLLISAEAVGTVVLDYLKGDN
;
_entity_poly.pdbx_strand_id   A,C,D,B
#
# COMPACT_ATOMS: atom_id res chain seq x y z
N MET A 1 10.78 32.81 55.62
CA MET A 1 12.00 32.57 54.88
C MET A 1 11.85 32.85 53.40
N ASN A 2 10.63 32.77 52.89
CA ASN A 2 10.34 32.97 51.48
C ASN A 2 10.61 34.34 50.96
N GLN A 3 10.18 35.29 51.76
CA GLN A 3 10.39 36.68 51.54
C GLN A 3 11.83 37.00 51.29
N GLN A 4 12.69 36.52 52.18
CA GLN A 4 14.15 36.69 52.10
C GLN A 4 14.72 36.03 50.85
N LEU A 5 14.21 34.83 50.54
CA LEU A 5 14.59 34.10 49.34
C LEU A 5 14.38 34.95 48.10
N ILE A 6 13.16 35.46 47.93
CA ILE A 6 12.78 36.20 46.72
C ILE A 6 13.66 37.42 46.50
N GLU A 7 13.88 38.24 47.52
CA GLU A 7 14.68 39.42 47.34
C GLU A 7 16.16 39.14 47.14
N THR A 8 16.66 38.11 47.77
CA THR A 8 18.03 37.68 47.48
C THR A 8 18.17 37.27 46.01
N LEU A 9 17.19 36.51 45.51
CA LEU A 9 17.22 36.06 44.12
C LEU A 9 17.06 37.22 43.16
N LYS A 10 16.12 38.10 43.42
CA LYS A 10 15.99 39.28 42.60
C LYS A 10 17.27 40.07 42.53
N SER A 11 17.97 40.18 43.64
CA SER A 11 19.23 40.96 43.70
C SER A 11 20.39 40.30 42.95
N LYS A 12 20.26 39.02 42.65
CA LYS A 12 21.29 38.28 41.92
C LYS A 12 20.89 37.98 40.47
N GLU A 13 19.84 38.66 39.99
CA GLU A 13 19.34 38.39 38.63
C GLU A 13 20.44 38.63 37.61
N GLY A 14 21.14 39.76 37.78
CA GLY A 14 22.26 40.14 36.89
C GLY A 14 23.34 39.08 36.77
N LYS A 15 23.60 38.39 37.87
CA LYS A 15 24.56 37.34 37.91
C LYS A 15 24.11 36.09 37.09
N MET A 16 22.84 35.75 37.19
CA MET A 16 22.28 34.62 36.41
C MET A 16 22.46 34.87 34.92
N ILE A 17 22.15 36.10 34.51
CA ILE A 17 22.19 36.54 33.12
C ILE A 17 23.63 36.48 32.59
N GLU A 18 24.55 37.08 33.35
CA GLU A 18 25.98 37.05 33.05
C GLU A 18 26.53 35.61 32.94
N ILE A 19 26.05 34.73 33.82
CA ILE A 19 26.48 33.33 33.78
C ILE A 19 25.87 32.56 32.58
N ARG A 20 24.64 32.83 32.24
CA ARG A 20 24.06 32.14 31.13
C ARG A 20 24.85 32.47 29.86
N ARG A 21 25.15 33.74 29.69
CA ARG A 21 25.82 34.26 28.52
C ARG A 21 27.22 33.68 28.35
N TYR A 22 27.98 33.61 29.44
CA TYR A 22 29.28 32.94 29.41
C TYR A 22 29.15 31.47 28.96
N LEU A 23 28.18 30.76 29.52
CA LEU A 23 27.97 29.35 29.19
C LEU A 23 27.45 29.16 27.77
N HIS A 24 26.60 30.10 27.33
CA HIS A 24 26.08 30.12 25.98
C HIS A 24 27.20 30.25 24.94
N GLN A 25 28.22 31.03 25.32
CA GLN A 25 29.40 31.30 24.49
C GLN A 25 30.35 30.11 24.38
N HIS A 26 30.35 29.25 25.40
CA HIS A 26 31.27 28.12 25.45
C HIS A 26 30.55 26.78 25.55
N PRO A 27 29.64 26.49 24.59
CA PRO A 27 28.88 25.24 24.67
C PRO A 27 29.74 24.04 24.31
N GLU A 28 29.45 22.89 24.93
CA GLU A 28 30.14 21.66 24.61
C GLU A 28 29.16 20.52 24.39
N LEU A 29 29.53 19.64 23.47
CA LEU A 29 28.73 18.46 23.11
C LEU A 29 28.58 17.46 24.25
N SER A 30 27.52 16.65 24.17
CA SER A 30 27.29 15.55 25.10
C SER A 30 28.48 14.59 25.14
N PHE A 31 28.92 14.24 26.35
CA PHE A 31 30.08 13.38 26.59
C PHE A 31 31.44 14.04 26.30
N HIS A 32 31.42 15.35 26.03
CA HIS A 32 32.65 16.12 25.81
C HIS A 32 32.61 17.49 26.51
N GLU A 33 31.88 17.55 27.62
CA GLU A 33 31.64 18.81 28.32
C GLU A 33 32.69 18.88 29.46
N ASP A 34 33.94 19.03 29.04
CA ASP A 34 35.09 19.13 29.95
C ASP A 34 35.19 20.52 30.60
N GLU A 35 35.03 21.57 29.80
CA GLU A 35 35.13 22.95 30.30
C GLU A 35 33.90 23.37 31.10
N THR A 36 32.73 22.94 30.67
CA THR A 36 31.48 23.27 31.37
C THR A 36 31.46 22.64 32.77
N ALA A 37 31.77 21.34 32.84
CA ALA A 37 31.86 20.63 34.13
C ALA A 37 32.88 21.26 35.08
N LYS A 38 34.03 21.69 34.55
CA LYS A 38 35.04 22.37 35.35
C LYS A 38 34.59 23.74 35.84
N TYR A 39 33.88 24.47 34.99
CA TYR A 39 33.33 25.78 35.36
C TYR A 39 32.29 25.71 36.49
N ILE A 40 31.47 24.66 36.48
CA ILE A 40 30.44 24.44 37.49
C ILE A 40 31.07 24.10 38.84
N ALA A 41 32.04 23.18 38.84
CA ALA A 41 32.78 22.83 40.06
C ALA A 41 33.57 24.04 40.60
N GLU A 42 34.08 24.87 39.73
CA GLU A 42 34.76 26.05 40.16
C GLU A 42 33.82 27.07 40.72
N PHE A 43 32.60 27.17 40.19
CA PHE A 43 31.64 28.12 40.76
C PHE A 43 31.43 27.93 42.27
N TYR A 44 31.38 26.67 42.71
CA TYR A 44 31.12 26.39 44.12
C TYR A 44 32.32 26.57 45.06
N LYS A 45 33.46 26.99 44.52
CA LYS A 45 34.63 27.30 45.34
C LYS A 45 34.35 28.49 46.22
N GLY A 46 34.64 28.34 47.50
CA GLY A 46 34.40 29.41 48.49
C GLY A 46 33.00 29.44 49.04
N LYS A 47 32.17 28.50 48.57
CA LYS A 47 30.77 28.39 49.02
C LYS A 47 30.56 27.16 49.89
N ASP A 48 29.63 27.25 50.82
CA ASP A 48 29.46 26.23 51.87
C ASP A 48 28.58 25.09 51.41
N VAL A 49 29.11 24.28 50.51
CA VAL A 49 28.43 23.07 50.00
C VAL A 49 29.45 21.93 49.88
N GLU A 50 28.97 20.70 49.79
CA GLU A 50 29.84 19.61 49.41
C GLU A 50 29.75 19.33 47.92
N VAL A 51 30.83 19.42 47.21
CA VAL A 51 30.73 19.06 45.83
C VAL A 51 31.47 17.80 45.47
N GLU A 52 30.68 16.86 45.02
CA GLU A 52 31.20 15.58 44.54
C GLU A 52 31.32 15.64 43.02
N THR A 53 32.48 15.32 42.51
CA THR A 53 32.77 15.41 41.12
C THR A 53 32.86 14.02 40.47
N ASN A 54 32.84 14.00 39.16
CA ASN A 54 32.88 12.73 38.44
C ASN A 54 31.94 11.64 38.97
N VAL A 55 30.67 12.01 39.18
CA VAL A 55 29.64 11.05 39.60
C VAL A 55 29.32 10.13 38.42
N GLY A 56 28.77 10.68 37.35
CA GLY A 56 28.94 10.07 36.04
C GLY A 56 30.28 10.57 35.55
N PRO A 57 30.71 10.15 34.35
CA PRO A 57 31.77 10.96 33.76
C PRO A 57 31.24 12.40 33.57
N ARG A 58 31.88 13.34 34.25
CA ARG A 58 31.47 14.76 34.31
C ARG A 58 30.17 14.98 35.09
N GLY A 59 29.81 14.02 35.94
CA GLY A 59 28.67 14.14 36.83
C GLY A 59 29.02 14.91 38.10
N ILE A 60 28.20 15.93 38.41
CA ILE A 60 28.45 16.80 39.56
C ILE A 60 27.24 16.83 40.49
N LYS A 61 27.49 16.47 41.75
CA LYS A 61 26.47 16.36 42.78
C LYS A 61 26.85 17.30 43.92
N VAL A 62 26.18 18.45 44.02
CA VAL A 62 26.49 19.38 45.12
C VAL A 62 25.43 19.27 46.23
N THR A 63 25.92 18.93 47.42
CA THR A 63 25.06 18.73 48.58
C THR A 63 25.02 19.97 49.48
N ILE A 64 23.81 20.42 49.78
CA ILE A 64 23.57 21.52 50.70
C ILE A 64 22.88 20.93 51.92
N ASP A 65 23.67 20.59 52.93
CA ASP A 65 23.14 20.00 54.16
C ASP A 65 22.87 21.11 55.16
N SER A 66 21.63 21.19 55.64
CA SER A 66 21.23 22.22 56.61
C SER A 66 21.90 22.00 57.96
N GLY A 67 22.41 20.78 58.19
CA GLY A 67 23.00 20.40 59.46
C GLY A 67 22.01 19.69 60.35
N LYS A 68 20.73 19.71 59.93
CA LYS A 68 19.63 19.17 60.73
C LYS A 68 18.96 18.00 60.00
N PRO A 69 18.35 17.06 60.76
CA PRO A 69 17.74 15.89 60.14
C PRO A 69 16.50 16.23 59.34
N GLY A 70 16.28 15.51 58.25
CA GLY A 70 15.12 15.76 57.40
C GLY A 70 15.17 15.09 56.04
N LYS A 71 14.21 15.42 55.23
CA LYS A 71 14.07 14.95 53.86
C LYS A 71 15.22 15.35 52.96
N THR A 72 15.29 14.74 51.79
CA THR A 72 16.28 15.14 50.81
C THR A 72 15.59 15.35 49.48
N LEU A 73 15.68 16.58 48.98
CA LEU A 73 15.10 16.96 47.71
C LEU A 73 16.21 17.21 46.71
N ALA A 74 16.14 16.52 45.58
CA ALA A 74 17.08 16.75 44.50
C ALA A 74 16.48 17.72 43.50
N ILE A 75 17.29 18.67 43.06
CA ILE A 75 16.90 19.61 42.01
C ILE A 75 17.89 19.50 40.86
N ARG A 76 17.39 19.44 39.64
CA ARG A 76 18.20 19.01 38.51
C ARG A 76 18.34 20.07 37.42
N ALA A 77 19.57 20.29 36.96
CA ALA A 77 19.86 21.13 35.79
C ALA A 77 20.86 20.42 34.89
N ASP A 78 20.55 20.35 33.60
CA ASP A 78 21.47 19.75 32.62
C ASP A 78 22.34 20.83 31.96
N PHE A 79 23.49 20.42 31.42
CA PHE A 79 24.44 21.40 30.88
C PHE A 79 25.13 21.10 29.54
N ASP A 80 24.73 20.01 28.88
CA ASP A 80 25.28 19.68 27.56
C ASP A 80 24.61 20.51 26.46
N ALA A 81 25.36 20.76 25.40
CA ALA A 81 24.85 21.50 24.23
C ALA A 81 24.64 20.55 23.04
N LEU A 82 24.34 21.11 21.87
CA LEU A 82 23.98 20.32 20.68
C LEU A 82 24.87 20.62 19.46
N PRO A 83 24.98 19.66 18.51
CA PRO A 83 25.75 19.87 17.27
C PRO A 83 25.00 20.74 16.25
N ILE A 84 24.89 22.04 16.55
CA ILE A 84 24.10 22.99 15.76
C ILE A 84 24.87 24.29 15.57
N THR A 85 24.85 24.81 14.36
CA THR A 85 25.52 26.05 14.06
C THR A 85 24.64 27.21 14.41
N GLU A 86 25.07 28.03 15.37
CA GLU A 86 24.24 29.11 15.92
C GLU A 86 24.05 30.26 14.93
N ASP A 87 22.84 30.78 14.89
CA ASP A 87 22.45 31.76 13.92
C ASP A 87 21.75 32.97 14.41
N THR A 88 21.52 32.92 15.71
CA THR A 88 21.36 34.07 16.52
C THR A 88 22.58 34.78 15.97
N GLY A 89 22.58 36.08 15.82
CA GLY A 89 21.69 36.95 16.48
C GLY A 89 22.57 37.67 17.52
N LEU A 90 23.14 36.89 18.43
CA LEU A 90 23.59 37.42 19.71
C LEU A 90 25.07 37.62 19.89
N SER A 91 25.39 38.68 20.62
CA SER A 91 26.80 39.00 20.89
C SER A 91 27.55 37.87 21.60
N PHE A 92 26.82 37.11 22.41
CA PHE A 92 27.37 35.98 23.15
C PHE A 92 27.05 34.63 22.49
N ALA A 93 26.86 34.66 21.17
CA ALA A 93 26.63 33.42 20.41
C ALA A 93 27.87 32.56 20.49
N SER A 94 27.66 31.24 20.49
CA SER A 94 28.74 30.25 20.59
C SER A 94 30.00 30.46 19.75
N GLN A 95 31.15 30.47 20.41
CA GLN A 95 32.42 30.60 19.69
C GLN A 95 33.05 29.23 19.45
N ASN A 96 32.30 28.18 19.77
CA ASN A 96 32.70 26.81 19.48
C ASN A 96 31.96 26.33 18.24
N LYS A 97 32.62 26.50 17.08
CA LYS A 97 32.00 26.25 15.76
C LYS A 97 31.19 24.96 15.68
N GLY A 98 29.94 25.08 15.23
CA GLY A 98 29.10 23.90 15.01
C GLY A 98 28.38 23.38 16.22
N VAL A 99 28.66 23.95 17.39
CA VAL A 99 27.90 23.61 18.59
C VAL A 99 27.24 24.83 19.24
N MET A 100 26.07 24.61 19.82
CA MET A 100 25.18 25.66 20.35
C MET A 100 24.29 25.15 21.49
N HIS A 101 24.12 25.97 22.52
CA HIS A 101 23.10 25.69 23.55
C HIS A 101 21.70 26.01 23.02
N ALA A 102 21.18 25.09 22.19
CA ALA A 102 19.90 25.28 21.50
C ALA A 102 18.68 24.73 22.27
N CYS A 103 18.87 24.39 23.54
CA CYS A 103 17.78 23.84 24.38
C CYS A 103 17.68 24.51 25.76
N GLY A 104 18.46 25.57 25.96
CA GLY A 104 18.38 26.39 27.17
C GLY A 104 19.07 25.77 28.37
N HIS A 105 19.95 24.79 28.12
CA HIS A 105 20.70 24.13 29.19
C HIS A 105 21.69 25.08 29.87
N ASP A 106 22.19 26.06 29.12
CA ASP A 106 22.98 27.15 29.70
C ASP A 106 22.15 27.95 30.71
N ALA A 107 20.89 28.21 30.35
CA ALA A 107 19.97 28.91 31.25
C ALA A 107 19.60 28.05 32.46
N HIS A 108 19.38 26.76 32.25
CA HIS A 108 19.15 25.87 33.39
C HIS A 108 20.31 25.89 34.39
N THR A 109 21.54 25.82 33.88
CA THR A 109 22.72 25.83 34.71
C THR A 109 22.88 27.17 35.44
N ALA A 110 22.65 28.26 34.71
CA ALA A 110 22.79 29.60 35.25
C ALA A 110 21.93 29.85 36.49
N TYR A 111 20.63 29.58 36.37
CA TYR A 111 19.72 29.87 37.47
C TYR A 111 19.98 28.92 38.65
N MET A 112 20.31 27.66 38.35
CA MET A 112 20.58 26.66 39.38
C MET A 112 21.84 26.99 40.18
N LEU A 113 22.89 27.47 39.51
CA LEU A 113 24.11 27.85 40.23
C LEU A 113 23.82 28.97 41.23
N VAL A 114 23.07 29.98 40.80
CA VAL A 114 22.74 31.13 41.65
C VAL A 114 21.72 30.75 42.74
N LEU A 115 20.78 29.88 42.42
CA LEU A 115 19.85 29.39 43.43
C LEU A 115 20.57 28.56 44.49
N ALA A 116 21.51 27.72 44.06
CA ALA A 116 22.23 26.84 44.98
C ALA A 116 23.07 27.65 45.97
N GLU A 117 23.78 28.65 45.45
CA GLU A 117 24.52 29.63 46.27
C GLU A 117 23.59 30.26 47.30
N THR A 118 22.41 30.66 46.84
CA THR A 118 21.42 31.31 47.70
C THR A 118 20.88 30.38 48.78
N LEU A 119 20.49 29.16 48.40
CA LEU A 119 20.02 28.18 49.38
C LEU A 119 21.10 27.84 50.41
N ALA A 120 22.37 27.90 49.98
CA ALA A 120 23.51 27.63 50.86
C ALA A 120 23.70 28.67 51.97
N GLU A 121 23.21 29.89 51.74
CA GLU A 121 23.30 30.94 52.76
C GLU A 121 22.04 30.98 53.64
N MET A 122 21.14 30.03 53.41
CA MET A 122 19.87 29.95 54.13
C MET A 122 19.66 28.62 54.84
N LYS A 123 20.75 27.98 55.27
CA LYS A 123 20.65 26.71 55.99
C LYS A 123 19.84 26.83 57.26
N ASP A 124 19.64 28.04 57.73
CA ASP A 124 18.90 28.35 58.97
CA ASP A 124 18.87 28.34 58.93
C ASP A 124 17.41 28.38 58.63
N SER A 125 17.06 28.19 57.38
CA SER A 125 15.65 28.24 56.95
C SER A 125 15.04 26.91 56.47
N PHE A 126 15.81 25.82 56.54
CA PHE A 126 15.27 24.50 56.21
C PHE A 126 15.97 23.39 56.98
N THR A 127 15.46 22.16 56.81
CA THR A 127 16.04 20.96 57.41
C THR A 127 16.33 19.93 56.31
N GLY A 128 17.08 18.89 56.66
CA GLY A 128 17.49 17.88 55.69
C GLY A 128 18.49 18.44 54.70
N LYS A 129 18.36 18.02 53.45
CA LYS A 129 19.35 18.34 52.43
C LYS A 129 18.72 18.71 51.09
N VAL A 130 19.42 19.56 50.36
CA VAL A 130 19.19 19.75 48.94
C VAL A 130 20.33 19.04 48.22
N VAL A 131 19.97 18.25 47.22
CA VAL A 131 20.94 17.66 46.32
C VAL A 131 20.77 18.35 44.96
N VAL A 132 21.70 19.21 44.61
CA VAL A 132 21.69 19.83 43.31
C VAL A 132 22.41 18.91 42.33
N ILE A 133 21.73 18.57 41.24
CA ILE A 133 22.27 17.69 40.22
C ILE A 133 22.59 18.51 38.96
N HIS A 134 23.88 18.65 38.67
CA HIS A 134 24.31 19.25 37.41
C HIS A 134 24.65 18.11 36.45
N GLN A 135 23.79 17.91 35.44
CA GLN A 135 23.84 16.72 34.59
C GLN A 135 24.38 17.00 33.19
N PRO A 136 25.39 16.22 32.75
CA PRO A 136 25.85 16.26 31.37
C PRO A 136 25.02 15.31 30.50
N ALA A 137 25.29 15.34 29.20
CA ALA A 137 24.91 14.24 28.28
C ALA A 137 23.41 13.94 28.20
N GLU A 138 22.57 14.94 28.46
CA GLU A 138 21.11 14.75 28.37
C GLU A 138 20.65 14.44 26.93
N GLU A 139 21.31 15.05 25.95
CA GLU A 139 20.81 15.09 24.57
C GLU A 139 21.02 13.84 23.73
N VAL A 140 22.06 13.07 24.06
CA VAL A 140 22.46 11.92 23.23
C VAL A 140 22.43 10.64 24.05
N PRO A 141 21.67 9.61 23.59
CA PRO A 141 21.67 8.28 24.21
C PRO A 141 23.10 7.74 24.36
N PRO A 142 23.40 7.03 25.47
CA PRO A 142 22.53 6.59 26.57
C PRO A 142 22.15 7.69 27.57
N GLY A 143 22.75 8.88 27.43
CA GLY A 143 22.41 10.01 28.29
C GLY A 143 23.23 10.10 29.56
N GLY A 144 22.98 11.14 30.33
CA GLY A 144 23.72 11.37 31.59
C GLY A 144 23.00 10.88 32.83
N ALA A 145 21.67 11.01 32.83
CA ALA A 145 20.85 10.67 34.00
C ALA A 145 21.11 9.24 34.44
N LYS A 146 21.14 8.34 33.44
CA LYS A 146 21.41 6.93 33.62
C LYS A 146 22.76 6.72 34.33
N THR A 147 23.83 7.26 33.74
CA THR A 147 25.18 7.13 34.31
C THR A 147 25.29 7.71 35.73
N MET A 148 24.55 8.79 35.98
CA MET A 148 24.52 9.41 37.31
C MET A 148 23.79 8.60 38.35
N ILE A 149 22.70 7.94 37.93
CA ILE A 149 21.98 7.03 38.82
C ILE A 149 22.89 5.88 39.23
N GLU A 150 23.62 5.33 38.25
CA GLU A 150 24.50 4.18 38.49
C GLU A 150 25.62 4.52 39.45
N ASN A 151 25.97 5.81 39.49
CA ASN A 151 26.97 6.29 40.43
C ASN A 151 26.38 6.91 41.70
N GLY A 152 25.12 6.60 41.96
CA GLY A 152 24.49 6.90 43.24
C GLY A 152 24.03 8.33 43.46
N VAL A 153 23.79 9.07 42.39
CA VAL A 153 23.30 10.46 42.51
C VAL A 153 22.01 10.58 43.33
N LEU A 154 21.25 9.48 43.40
CA LEU A 154 19.97 9.47 44.10
C LEU A 154 20.01 8.76 45.46
N ASP A 155 21.21 8.41 45.94
CA ASP A 155 21.37 7.88 47.30
C ASP A 155 20.85 8.89 48.33
N GLY A 156 19.82 8.50 49.07
CA GLY A 156 19.25 9.37 50.11
C GLY A 156 18.07 10.21 49.65
N VAL A 157 17.93 10.37 48.34
CA VAL A 157 16.97 11.29 47.73
C VAL A 157 15.53 10.79 47.79
N ASP A 158 14.64 11.61 48.33
CA ASP A 158 13.22 11.29 48.43
C ASP A 158 12.42 11.70 47.17
N HIS A 159 12.64 12.93 46.69
CA HIS A 159 11.97 13.43 45.49
C HIS A 159 12.94 14.18 44.57
N VAL A 160 12.65 14.19 43.27
CA VAL A 160 13.43 14.97 42.30
C VAL A 160 12.55 16.02 41.63
N LEU A 161 13.07 17.24 41.51
CA LEU A 161 12.37 18.29 40.78
C LEU A 161 13.28 18.80 39.68
N GLY A 162 12.70 19.08 38.52
CA GLY A 162 13.46 19.65 37.43
C GLY A 162 12.62 20.68 36.71
N VAL A 163 13.30 21.59 36.03
CA VAL A 163 12.64 22.65 35.31
C VAL A 163 13.27 22.70 33.94
N HIS A 164 12.43 22.93 32.93
CA HIS A 164 12.91 23.22 31.59
C HIS A 164 12.28 24.53 31.14
N VAL A 165 13.12 25.44 30.64
CA VAL A 165 12.64 26.63 29.94
C VAL A 165 12.00 26.23 28.62
N MET A 166 10.87 26.84 28.30
CA MET A 166 10.15 26.57 27.07
C MET A 166 10.03 27.80 26.19
N SER A 167 10.82 27.81 25.12
CA SER A 167 10.87 28.95 24.18
C SER A 167 9.55 29.12 23.43
N THR A 168 8.65 28.15 23.62
CA THR A 168 7.40 28.06 22.88
C THR A 168 6.22 28.39 23.79
N MET A 169 6.48 28.59 25.07
CA MET A 169 5.41 28.93 26.02
C MET A 169 5.58 30.34 26.59
N LYS A 170 4.45 30.97 26.92
CA LYS A 170 4.41 32.37 27.30
C LYS A 170 5.17 32.67 28.59
N THR A 171 6.12 33.61 28.48
CA THR A 171 6.86 34.10 29.63
C THR A 171 5.92 34.81 30.61
N GLY A 172 6.22 34.70 31.89
CA GLY A 172 5.39 35.27 32.94
C GLY A 172 4.68 34.23 33.78
N LYS A 173 4.89 32.96 33.46
CA LYS A 173 4.33 31.86 34.27
C LYS A 173 5.06 30.51 34.13
N VAL A 174 4.74 29.62 35.06
CA VAL A 174 5.28 28.26 35.10
C VAL A 174 4.16 27.25 34.83
N TYR A 175 4.52 26.12 34.22
CA TYR A 175 3.56 25.14 33.75
C TYR A 175 3.83 23.74 34.28
N TYR A 176 2.75 23.00 34.51
CA TYR A 176 2.81 21.67 35.13
C TYR A 176 1.74 20.71 34.60
N ARG A 177 1.94 19.42 34.85
CA ARG A 177 1.02 18.36 34.50
C ARG A 177 1.40 17.04 35.18
N PRO A 178 0.50 16.47 35.96
CA PRO A 178 0.81 15.19 36.60
C PRO A 178 0.73 14.06 35.58
N GLY A 179 1.31 12.91 35.92
CA GLY A 179 1.28 11.77 35.02
C GLY A 179 2.27 11.95 33.88
N TYR A 180 2.03 11.21 32.79
CA TYR A 180 2.92 11.23 31.63
C TYR A 180 2.93 12.57 30.90
N VAL A 181 4.11 13.17 30.77
CA VAL A 181 4.19 14.56 30.31
C VAL A 181 5.11 14.72 29.08
N GLN A 182 6.04 13.80 28.89
CA GLN A 182 6.90 13.76 27.69
C GLN A 182 7.10 12.32 27.22
N THR A 183 7.22 12.16 25.90
CA THR A 183 7.19 10.85 25.27
C THR A 183 8.47 10.09 25.53
N GLY A 184 8.37 8.78 25.57
CA GLY A 184 9.55 7.93 25.53
C GLY A 184 9.91 7.62 24.10
N ARG A 185 11.07 7.00 23.91
CA ARG A 185 11.64 6.88 22.59
C ARG A 185 12.26 5.51 22.40
N ALA A 186 12.10 4.96 21.19
CA ALA A 186 12.84 3.77 20.78
C ALA A 186 13.39 3.97 19.38
N PHE A 187 14.41 3.18 19.02
CA PHE A 187 15.01 3.21 17.71
C PHE A 187 15.09 1.80 17.14
N PHE A 188 14.93 1.68 15.83
CA PHE A 188 15.09 0.39 15.18
C PHE A 188 15.80 0.48 13.84
N LYS A 189 16.51 -0.61 13.52
CA LYS A 189 17.08 -0.81 12.20
C LYS A 189 16.48 -2.09 11.67
N LEU A 190 16.06 -2.06 10.41
CA LEU A 190 15.52 -3.26 9.80
C LEU A 190 16.26 -3.53 8.51
N LYS A 191 16.83 -4.71 8.42
CA LYS A 191 17.44 -5.11 7.18
C LYS A 191 16.47 -6.05 6.48
N VAL A 192 16.16 -5.74 5.23
CA VAL A 192 15.27 -6.55 4.41
C VAL A 192 16.13 -7.16 3.31
N GLN A 193 16.35 -8.47 3.41
CA GLN A 193 17.19 -9.18 2.46
C GLN A 193 16.30 -9.98 1.51
N GLY A 194 16.29 -9.59 0.23
CA GLY A 194 15.69 -10.38 -0.84
C GLY A 194 16.81 -11.08 -1.62
N LYS A 195 16.71 -11.04 -2.93
CA LYS A 195 17.67 -11.64 -3.81
C LYS A 195 17.81 -10.74 -5.03
N GLY A 196 19.02 -10.27 -5.27
CA GLY A 196 19.35 -9.47 -6.44
C GLY A 196 19.32 -10.25 -7.74
N GLY A 197 19.25 -9.55 -8.85
CA GLY A 197 19.26 -10.19 -10.16
C GLY A 197 19.12 -9.14 -11.25
N HIS A 198 19.34 -9.56 -12.49
CA HIS A 198 19.21 -8.66 -13.63
C HIS A 198 17.79 -8.13 -13.74
N GLY A 199 17.67 -6.84 -14.05
CA GLY A 199 16.37 -6.14 -14.05
C GLY A 199 15.34 -6.65 -15.03
N SER A 200 15.77 -7.39 -16.03
CA SER A 200 14.86 -7.96 -17.04
C SER A 200 14.25 -9.33 -16.67
N SER A 201 14.61 -9.87 -15.50
CA SER A 201 14.11 -11.17 -15.09
C SER A 201 13.66 -11.12 -13.63
N PRO A 202 12.59 -10.35 -13.35
CA PRO A 202 12.15 -10.16 -11.97
C PRO A 202 11.71 -11.47 -11.31
N HIS A 203 11.26 -12.42 -12.12
CA HIS A 203 10.81 -13.73 -11.61
C HIS A 203 11.94 -14.56 -11.01
N MET A 204 13.16 -14.24 -11.38
CA MET A 204 14.37 -14.86 -10.89
C MET A 204 14.89 -14.15 -9.65
N ALA A 205 14.32 -13.01 -9.33
CA ALA A 205 14.84 -12.26 -8.21
C ALA A 205 13.79 -12.11 -7.11
N ASN A 206 14.17 -11.47 -6.00
CA ASN A 206 13.20 -11.10 -4.94
C ASN A 206 13.49 -9.66 -4.51
N ASP A 207 12.63 -8.77 -4.97
CA ASP A 207 12.87 -7.32 -4.95
C ASP A 207 12.80 -6.77 -3.51
N ALA A 208 13.93 -6.37 -2.95
CA ALA A 208 13.92 -5.80 -1.60
C ALA A 208 13.26 -4.42 -1.56
N ILE A 209 13.33 -3.66 -2.65
CA ILE A 209 12.72 -2.32 -2.65
C ILE A 209 11.20 -2.42 -2.59
N VAL A 210 10.62 -3.29 -3.41
CA VAL A 210 9.19 -3.56 -3.36
C VAL A 210 8.79 -4.04 -1.95
N ALA A 211 9.52 -5.00 -1.37
CA ALA A 211 9.14 -5.50 -0.04
C ALA A 211 9.23 -4.41 1.02
N GLY A 212 10.32 -3.63 0.97
CA GLY A 212 10.53 -2.55 1.92
C GLY A 212 9.48 -1.46 1.77
N SER A 213 9.08 -1.19 0.52
CA SER A 213 8.02 -0.20 0.24
C SER A 213 6.66 -0.67 0.73
N TYR A 214 6.35 -1.96 0.54
CA TYR A 214 5.11 -2.50 1.10
C TYR A 214 5.16 -2.45 2.61
N PHE A 215 6.30 -2.79 3.21
CA PHE A 215 6.49 -2.57 4.65
C PHE A 215 6.20 -1.15 5.15
N VAL A 216 6.68 -0.11 4.43
CA VAL A 216 6.44 1.27 4.85
C VAL A 216 4.95 1.59 4.83
N THR A 217 4.23 1.17 3.78
CA THR A 217 2.80 1.37 3.68
C THR A 217 2.02 0.65 4.79
N ALA A 218 2.36 -0.62 5.04
CA ALA A 218 1.72 -1.40 6.11
C ALA A 218 2.01 -0.83 7.51
N LEU A 219 3.20 -0.27 7.70
CA LEU A 219 3.61 0.29 8.98
C LEU A 219 2.68 1.42 9.47
N GLN A 220 2.01 2.11 8.54
CA GLN A 220 1.15 3.23 8.90
C GLN A 220 -0.03 2.78 9.75
N THR A 221 -0.37 1.48 9.69
CA THR A 221 -1.46 0.94 10.50
C THR A 221 -1.13 0.83 11.97
N VAL A 222 0.15 0.86 12.32
CA VAL A 222 0.52 0.86 13.75
C VAL A 222 -0.08 2.06 14.47
N VAL A 223 0.18 3.26 13.94
CA VAL A 223 -0.42 4.44 14.52
C VAL A 223 -1.92 4.50 14.18
N SER A 224 -2.29 4.11 12.96
CA SER A 224 -3.64 4.46 12.51
C SER A 224 -4.72 3.47 12.94
N ARG A 225 -4.31 2.28 13.35
CA ARG A 225 -5.19 1.20 13.70
C ARG A 225 -4.90 0.59 15.08
N ARG A 226 -3.64 0.36 15.37
CA ARG A 226 -3.23 -0.44 16.53
C ARG A 226 -3.21 0.35 17.84
N LEU A 227 -3.07 1.67 17.74
CA LEU A 227 -3.11 2.53 18.91
C LEU A 227 -4.50 3.12 19.08
N SER A 228 -4.91 3.30 20.32
CA SER A 228 -6.10 4.06 20.60
C SER A 228 -5.95 5.49 20.09
N PRO A 229 -7.04 6.08 19.62
CA PRO A 229 -7.01 7.51 19.25
C PRO A 229 -6.59 8.42 20.42
N PHE A 230 -6.80 7.98 21.65
CA PHE A 230 -6.38 8.73 22.83
C PHE A 230 -4.97 8.46 23.30
N GLU A 231 -4.28 7.54 22.64
CA GLU A 231 -2.86 7.38 22.86
C GLU A 231 -2.07 8.33 21.97
N THR A 232 -0.80 8.54 22.33
CA THR A 232 0.10 9.42 21.61
C THR A 232 1.32 8.60 21.20
N GLY A 233 1.41 8.31 19.90
CA GLY A 233 2.46 7.48 19.34
C GLY A 233 2.93 8.01 18.00
N VAL A 234 4.20 7.76 17.67
CA VAL A 234 4.78 8.20 16.39
C VAL A 234 5.69 7.09 15.91
N VAL A 235 5.56 6.76 14.63
CA VAL A 235 6.46 5.82 13.99
C VAL A 235 6.93 6.48 12.70
N THR A 236 8.20 6.87 12.71
CA THR A 236 8.83 7.53 11.56
C THR A 236 9.93 6.64 10.95
N ILE A 237 9.88 6.45 9.63
CA ILE A 237 11.02 5.86 8.92
C ILE A 237 11.79 7.02 8.35
N GLY A 238 12.91 7.34 9.00
CA GLY A 238 13.76 8.43 8.56
C GLY A 238 14.81 8.04 7.54
N SER A 239 15.08 6.75 7.40
CA SER A 239 16.10 6.30 6.46
C SER A 239 15.64 5.04 5.74
N PHE A 240 15.47 5.14 4.42
CA PHE A 240 15.17 3.98 3.59
C PHE A 240 16.37 3.91 2.65
N ASP A 241 17.39 3.13 3.03
CA ASP A 241 18.60 3.08 2.23
C ASP A 241 18.49 1.97 1.20
N GLY A 242 18.03 2.35 0.00
CA GLY A 242 17.84 1.42 -1.11
C GLY A 242 18.53 1.86 -2.40
N LYS A 243 19.59 2.66 -2.27
CA LYS A 243 20.31 3.13 -3.44
C LYS A 243 20.98 1.97 -4.17
N GLY A 244 20.85 1.95 -5.49
CA GLY A 244 21.33 0.83 -6.25
C GLY A 244 21.68 1.25 -7.65
N GLN A 245 21.58 0.30 -8.57
CA GLN A 245 21.90 0.48 -9.95
C GLN A 245 20.61 0.34 -10.76
N PHE A 246 20.44 1.22 -11.74
CA PHE A 246 19.23 1.28 -12.57
C PHE A 246 18.44 0.02 -12.91
N ASN A 247 19.21 -0.95 -13.41
CA ASN A 247 18.73 -2.16 -14.06
C ASN A 247 19.14 -3.44 -13.34
N VAL A 248 19.36 -3.31 -12.04
CA VAL A 248 19.64 -4.46 -11.19
C VAL A 248 18.54 -4.43 -10.15
N ILE A 249 17.83 -5.54 -10.00
CA ILE A 249 16.86 -5.68 -8.92
C ILE A 249 17.60 -5.71 -7.58
N LYS A 250 17.22 -4.81 -6.68
CA LYS A 250 17.96 -4.57 -5.45
C LYS A 250 17.81 -5.70 -4.41
N ASP A 251 18.96 -6.18 -3.92
CA ASP A 251 19.03 -7.40 -3.08
C ASP A 251 18.72 -7.17 -1.60
N VAL A 252 19.00 -5.95 -1.13
CA VAL A 252 18.86 -5.61 0.27
C VAL A 252 18.53 -4.12 0.42
N VAL A 253 17.60 -3.82 1.32
CA VAL A 253 17.40 -2.43 1.76
C VAL A 253 17.59 -2.31 3.28
N GLU A 254 18.14 -1.22 3.74
CA GLU A 254 18.24 -0.95 5.15
C GLU A 254 17.33 0.17 5.54
N ILE A 255 16.48 -0.14 6.48
CA ILE A 255 15.52 0.82 6.98
C ILE A 255 15.89 1.20 8.41
N GLU A 256 15.86 2.51 8.69
CA GLU A 256 16.05 2.96 10.06
C GLU A 256 14.88 3.84 10.46
N GLY A 257 14.40 3.63 11.68
CA GLY A 257 13.29 4.42 12.18
C GLY A 257 13.34 4.77 13.66
N ASP A 258 12.43 5.65 14.05
CA ASP A 258 12.27 5.96 15.46
C ASP A 258 10.82 6.08 15.86
N VAL A 259 10.64 5.91 17.15
CA VAL A 259 9.37 5.61 17.76
C VAL A 259 9.24 6.50 18.98
N ARG A 260 8.08 7.13 19.13
CA ARG A 260 7.73 7.82 20.36
C ARG A 260 6.42 7.28 20.87
N GLY A 261 6.34 7.13 22.19
CA GLY A 261 5.08 6.78 22.85
C GLY A 261 5.02 7.60 24.12
N LEU A 262 3.86 8.20 24.39
CA LEU A 262 3.72 9.05 25.58
C LEU A 262 3.63 8.22 26.88
N THR A 263 3.18 6.97 26.78
CA THR A 263 3.23 6.09 27.95
C THR A 263 4.11 4.87 27.64
N ASP A 264 4.53 4.15 28.68
CA ASP A 264 5.22 2.87 28.50
C ASP A 264 4.37 1.82 27.79
N ALA A 265 3.07 1.77 28.10
CA ALA A 265 2.17 0.82 27.44
C ALA A 265 2.12 1.09 25.92
N THR A 266 2.05 2.37 25.55
CA THR A 266 2.06 2.77 24.14
C THR A 266 3.38 2.36 23.44
N LYS A 267 4.51 2.57 24.11
CA LYS A 267 5.79 2.10 23.56
C LYS A 267 5.81 0.59 23.36
N ALA A 268 5.24 -0.14 24.32
CA ALA A 268 5.21 -1.60 24.28
C ALA A 268 4.36 -2.11 23.13
N THR A 269 3.17 -1.53 22.98
CA THR A 269 2.30 -1.84 21.84
C THR A 269 2.97 -1.59 20.47
N ILE A 270 3.65 -0.45 20.32
CA ILE A 270 4.32 -0.11 19.06
C ILE A 270 5.42 -1.12 18.72
N GLU A 271 6.17 -1.50 19.73
CA GLU A 271 7.25 -2.44 19.54
C GLU A 271 6.69 -3.80 19.13
N LYS A 272 5.61 -4.22 19.78
CA LYS A 272 4.94 -5.47 19.47
C LYS A 272 4.41 -5.48 18.03
N GLU A 273 3.76 -4.38 17.63
CA GLU A 273 3.17 -4.30 16.30
C GLU A 273 4.18 -4.14 15.15
N ILE A 274 5.30 -3.48 15.40
CA ILE A 274 6.37 -3.35 14.41
C ILE A 274 7.06 -4.69 14.24
N LYS A 275 7.28 -5.38 15.36
CA LYS A 275 7.80 -6.75 15.31
C LYS A 275 6.89 -7.71 14.56
N ARG A 276 5.56 -7.53 14.65
CA ARG A 276 4.59 -8.39 13.94
C ARG A 276 4.66 -8.14 12.43
N LEU A 277 4.68 -6.88 12.06
CA LEU A 277 4.83 -6.51 10.66
C LEU A 277 6.14 -6.97 10.07
N SER A 278 7.20 -6.89 10.86
CA SER A 278 8.53 -7.23 10.38
C SER A 278 8.68 -8.74 10.12
N LYS A 279 8.28 -9.55 11.10
CA LYS A 279 8.22 -11.01 10.96
C LYS A 279 7.28 -11.46 9.80
N GLY A 280 6.09 -10.86 9.75
CA GLY A 280 5.11 -11.19 8.74
C GLY A 280 5.57 -10.83 7.33
N LEU A 281 6.39 -9.79 7.21
CA LEU A 281 6.96 -9.43 5.91
C LEU A 281 7.79 -10.58 5.31
N GLU A 282 8.46 -11.35 6.16
CA GLU A 282 9.23 -12.50 5.70
C GLU A 282 8.34 -13.54 5.03
N ASP A 283 7.17 -13.80 5.60
CA ASP A 283 6.25 -14.78 4.99
C ASP A 283 5.54 -14.19 3.77
N MET A 284 5.20 -12.91 3.83
CA MET A 284 4.46 -12.28 2.74
C MET A 284 5.27 -12.17 1.45
N TYR A 285 6.51 -11.71 1.58
CA TYR A 285 7.40 -11.48 0.43
C TYR A 285 8.57 -12.47 0.26
N GLY A 286 8.71 -13.40 1.21
CA GLY A 286 9.80 -14.40 1.14
C GLY A 286 11.15 -13.75 1.33
N VAL A 287 11.17 -12.59 2.00
CA VAL A 287 12.43 -11.94 2.33
C VAL A 287 12.91 -12.41 3.68
N THR A 288 14.16 -12.13 4.03
CA THR A 288 14.66 -12.33 5.40
C THR A 288 14.78 -10.96 6.06
N CYS A 289 14.22 -10.81 7.26
CA CYS A 289 14.25 -9.53 7.96
C CYS A 289 15.15 -9.64 9.18
N THR A 290 16.01 -8.65 9.36
CA THR A 290 16.82 -8.55 10.58
C THR A 290 16.46 -7.26 11.29
N LEU A 291 15.68 -7.41 12.36
CA LEU A 291 15.24 -6.29 13.17
C LEU A 291 16.07 -6.17 14.45
N GLU A 292 16.64 -4.98 14.64
CA GLU A 292 17.30 -4.61 15.88
C GLU A 292 16.40 -3.50 16.46
N TYR A 293 15.86 -3.74 17.65
CA TYR A 293 14.91 -2.81 18.23
C TYR A 293 15.46 -2.38 19.59
N ASN A 294 15.84 -1.10 19.69
CA ASN A 294 16.56 -0.60 20.85
C ASN A 294 15.74 0.41 21.60
N ASP A 295 15.27 0.03 22.77
CA ASP A 295 14.59 0.97 23.65
C ASP A 295 15.53 2.11 24.04
N ASP A 296 14.95 3.27 24.27
CA ASP A 296 15.72 4.43 24.59
C ASP A 296 14.89 5.13 25.66
N TYR A 297 15.07 6.44 25.87
CA TYR A 297 14.50 7.12 27.04
C TYR A 297 13.07 6.66 27.31
N PRO A 298 12.73 6.42 28.60
CA PRO A 298 11.32 6.14 28.89
C PRO A 298 10.49 7.42 28.83
N ALA A 299 9.17 7.28 28.74
CA ALA A 299 8.26 8.42 28.89
C ALA A 299 8.44 9.08 30.27
N LEU A 300 8.31 10.39 30.32
CA LEU A 300 8.51 11.12 31.56
C LEU A 300 7.21 11.13 32.34
N TYR A 301 7.23 10.48 33.49
CA TYR A 301 6.04 10.37 34.33
C TYR A 301 6.15 11.31 35.52
N ASN A 302 5.34 12.36 35.54
CA ASN A 302 5.26 13.24 36.68
C ASN A 302 4.40 12.59 37.76
N ASP A 303 5.04 12.21 38.86
CA ASP A 303 4.33 11.65 40.02
C ASP A 303 3.18 12.57 40.41
N PRO A 304 1.94 12.05 40.40
CA PRO A 304 0.75 12.87 40.66
C PRO A 304 0.73 13.55 42.03
N GLU A 305 1.11 12.83 43.10
CA GLU A 305 1.17 13.38 44.46
C GLU A 305 2.16 14.54 44.54
N PHE A 306 3.40 14.29 44.12
CA PHE A 306 4.44 15.30 44.21
C PHE A 306 4.17 16.49 43.29
N THR A 307 3.76 16.22 42.05
CA THR A 307 3.49 17.29 41.08
C THR A 307 2.39 18.23 41.56
N GLU A 308 1.34 17.65 42.14
CA GLU A 308 0.24 18.48 42.67
C GLU A 308 0.69 19.26 43.88
N TYR A 309 1.48 18.63 44.74
CA TYR A 309 2.11 19.34 45.84
C TYR A 309 2.88 20.55 45.31
N VAL A 310 3.64 20.38 44.22
CA VAL A 310 4.47 21.44 43.66
C VAL A 310 3.62 22.63 43.18
N ALA A 311 2.56 22.32 42.45
CA ALA A 311 1.63 23.34 41.97
C ALA A 311 0.86 24.02 43.10
N LYS A 312 0.55 23.26 44.16
CA LYS A 312 -0.18 23.78 45.31
C LYS A 312 0.71 24.78 46.05
N THR A 313 1.95 24.36 46.29
CA THR A 313 2.95 25.18 46.99
C THR A 313 3.20 26.50 46.25
N LEU A 314 3.35 26.42 44.93
CA LEU A 314 3.68 27.60 44.13
C LEU A 314 2.52 28.60 44.03
N LYS A 315 1.29 28.10 44.01
CA LYS A 315 0.11 28.96 43.95
C LYS A 315 -0.13 29.65 45.29
N GLU A 316 0.21 28.96 46.38
CA GLU A 316 0.01 29.46 47.73
C GLU A 316 1.10 30.40 48.24
N ALA A 317 2.17 30.54 47.48
CA ALA A 317 3.28 31.44 47.86
C ALA A 317 3.06 32.86 47.34
N ASN A 318 2.21 32.99 46.34
CA ASN A 318 1.97 34.26 45.73
C ASN A 318 3.10 35.06 45.15
N LEU A 319 3.70 34.58 44.08
CA LEU A 319 4.88 35.21 43.50
C LEU A 319 4.49 36.11 42.32
N ASP A 320 5.47 36.58 41.60
CA ASP A 320 5.20 37.46 40.54
C ASP A 320 5.06 36.77 39.18
N PHE A 321 4.59 35.54 39.25
CA PHE A 321 4.28 34.71 38.08
C PHE A 321 3.13 33.74 38.33
N GLY A 322 2.37 33.45 37.27
CA GLY A 322 1.24 32.53 37.35
C GLY A 322 1.65 31.07 37.29
N VAL A 323 0.75 30.19 37.72
CA VAL A 323 0.98 28.75 37.69
C VAL A 323 -0.25 28.09 37.10
N GLU A 324 -0.07 27.29 36.04
CA GLU A 324 -1.20 26.62 35.40
C GLU A 324 -0.88 25.31 34.67
N MET A 325 -1.91 24.49 34.50
CA MET A 325 -1.83 23.22 33.83
C MET A 325 -1.42 23.38 32.36
N CYS A 326 -0.69 22.39 31.85
CA CYS A 326 -0.30 22.38 30.44
C CYS A 326 -0.52 21.02 29.79
N GLU A 327 -0.44 21.00 28.47
CA GLU A 327 -0.53 19.77 27.69
C GLU A 327 0.79 19.00 27.74
N PRO A 328 0.78 17.69 27.42
CA PRO A 328 2.03 16.93 27.33
C PRO A 328 2.88 17.44 26.16
N GLN A 329 4.18 17.20 26.22
CA GLN A 329 5.11 17.79 25.24
C GLN A 329 5.78 16.74 24.35
N PRO A 330 6.03 17.09 23.07
CA PRO A 330 6.54 16.12 22.10
C PRO A 330 7.95 15.52 22.33
N PRO A 331 8.93 16.33 22.78
CA PRO A 331 10.28 15.75 22.82
C PRO A 331 10.51 14.76 23.97
N SER A 332 11.52 13.91 23.84
CA SER A 332 11.88 13.01 24.91
C SER A 332 12.91 13.73 25.77
N GLU A 333 13.06 13.27 27.01
CA GLU A 333 13.84 13.97 28.01
C GLU A 333 14.39 12.92 28.95
N ASP A 334 15.70 12.95 29.21
CA ASP A 334 16.28 11.91 30.07
C ASP A 334 16.06 12.10 31.58
N PHE A 335 15.47 13.23 31.95
CA PHE A 335 14.92 13.40 33.30
C PHE A 335 13.97 12.24 33.62
N ALA A 336 13.41 11.63 32.58
CA ALA A 336 12.48 10.52 32.75
C ALA A 336 13.07 9.35 33.53
N TYR A 337 14.39 9.19 33.44
CA TYR A 337 15.12 8.20 34.23
C TYR A 337 15.07 8.48 35.73
N TYR A 338 15.22 9.75 36.13
CA TYR A 338 15.00 10.12 37.54
C TYR A 338 13.57 9.83 37.94
N ALA A 339 12.65 10.22 37.07
CA ALA A 339 11.22 10.14 37.35
C ALA A 339 10.74 8.70 37.51
N LYS A 340 11.58 7.75 37.13
CA LYS A 340 11.25 6.33 37.22
C LYS A 340 11.90 5.66 38.44
N GLU A 341 12.93 6.31 39.00
CA GLU A 341 13.58 5.82 40.23
C GLU A 341 12.98 6.45 41.49
N ARG A 342 12.58 7.71 41.39
CA ARG A 342 11.95 8.41 42.51
C ARG A 342 10.70 9.14 42.01
N PRO A 343 9.75 9.42 42.92
CA PRO A 343 8.64 10.29 42.53
C PRO A 343 9.17 11.67 42.19
N SER A 344 8.84 12.17 41.00
CA SER A 344 9.43 13.41 40.52
C SER A 344 8.41 14.29 39.83
N ALA A 345 8.80 15.55 39.62
CA ALA A 345 8.03 16.51 38.85
C ALA A 345 8.98 17.30 37.96
N PHE A 346 8.68 17.29 36.67
CA PHE A 346 9.43 18.08 35.70
C PHE A 346 8.48 19.16 35.27
N ILE A 347 8.84 20.41 35.55
CA ILE A 347 7.94 21.53 35.25
C ILE A 347 8.58 22.51 34.26
N TYR A 348 7.77 23.41 33.71
CA TYR A 348 8.23 24.29 32.67
C TYR A 348 8.15 25.76 33.05
N THR A 349 9.16 26.52 32.61
CA THR A 349 9.15 27.97 32.74
C THR A 349 8.96 28.62 31.36
N GLY A 350 7.89 29.38 31.18
CA GLY A 350 7.66 30.11 29.94
C GLY A 350 8.88 30.95 29.59
N ALA A 351 9.34 30.82 28.36
CA ALA A 351 10.56 31.50 27.93
C ALA A 351 10.47 32.10 26.52
N ALA A 352 9.25 32.24 25.99
CA ALA A 352 9.03 32.84 24.67
C ALA A 352 9.46 34.31 24.65
N VAL A 353 10.27 34.67 23.66
CA VAL A 353 10.77 36.04 23.50
C VAL A 353 9.62 37.03 23.31
N GLU A 354 9.80 38.25 23.83
CA GLU A 354 8.74 39.27 23.82
C GLU A 354 8.49 39.78 22.39
N ASN A 355 9.57 40.03 21.69
CA ASN A 355 9.54 40.58 20.36
C ASN A 355 10.33 39.74 19.40
N GLY A 356 10.02 39.83 18.13
CA GLY A 356 10.67 38.95 17.16
C GLY A 356 10.06 37.57 17.03
N GLU A 357 10.61 36.78 16.11
CA GLU A 357 10.15 35.42 15.84
C GLU A 357 10.33 34.50 17.05
N ILE A 358 9.39 33.57 17.22
CA ILE A 358 9.45 32.56 18.26
C ILE A 358 9.86 31.22 17.64
N TYR A 359 11.10 30.80 17.92
CA TYR A 359 11.64 29.56 17.36
C TYR A 359 11.58 28.41 18.36
N PRO A 360 11.44 27.15 17.87
CA PRO A 360 11.43 26.00 18.77
C PRO A 360 12.85 25.57 19.16
N HIS A 361 12.92 24.63 20.11
CA HIS A 361 14.20 24.04 20.56
C HIS A 361 14.95 23.30 19.46
N HIS A 362 16.27 23.30 19.57
CA HIS A 362 17.18 22.68 18.58
C HIS A 362 17.33 23.44 17.25
N HIS A 363 16.52 24.48 17.05
CA HIS A 363 16.62 25.35 15.86
C HIS A 363 17.82 26.32 15.99
N PRO A 364 18.55 26.57 14.88
CA PRO A 364 19.69 27.51 14.88
C PRO A 364 19.37 28.92 15.40
N LYS A 365 18.10 29.31 15.35
CA LYS A 365 17.68 30.65 15.79
C LYS A 365 17.03 30.66 17.18
N PHE A 366 17.02 29.50 17.84
CA PHE A 366 16.48 29.33 19.20
C PHE A 366 16.89 30.47 20.13
N ASN A 367 15.89 31.06 20.80
CA ASN A 367 16.13 32.12 21.79
C ASN A 367 15.03 32.17 22.84
N ILE A 368 15.42 32.55 24.06
CA ILE A 368 14.50 32.63 25.19
C ILE A 368 14.49 34.04 25.81
N SER A 369 13.39 34.39 26.44
CA SER A 369 13.36 35.52 27.29
C SER A 369 14.18 35.23 28.52
N GLU A 370 15.10 36.12 28.84
CA GLU A 370 16.07 35.89 29.92
C GLU A 370 15.47 36.06 31.31
N LYS A 371 14.22 36.49 31.37
CA LYS A 371 13.53 36.59 32.65
C LYS A 371 12.91 35.27 33.09
N SER A 372 13.10 34.22 32.28
CA SER A 372 12.82 32.85 32.68
C SER A 372 13.81 32.39 33.75
N LEU A 373 15.00 33.01 33.78
CA LEU A 373 16.04 32.65 34.75
C LEU A 373 15.58 32.87 36.19
N LEU A 374 15.15 34.09 36.47
CA LEU A 374 14.71 34.48 37.81
C LEU A 374 13.48 33.68 38.24
N ILE A 375 12.52 33.55 37.33
CA ILE A 375 11.28 32.81 37.58
C ILE A 375 11.56 31.35 37.95
N SER A 376 12.52 30.73 37.27
CA SER A 376 12.93 29.36 37.57
C SER A 376 13.51 29.23 38.98
N ALA A 377 14.43 30.14 39.32
CA ALA A 377 15.03 30.13 40.65
C ALA A 377 13.99 30.36 41.75
N GLU A 378 13.12 31.34 41.55
CA GLU A 378 12.05 31.65 42.52
C GLU A 378 11.13 30.46 42.73
N ALA A 379 10.72 29.84 41.63
CA ALA A 379 9.86 28.66 41.67
C ALA A 379 10.49 27.49 42.39
N VAL A 380 11.70 27.10 41.97
CA VAL A 380 12.40 25.97 42.56
C VAL A 380 12.76 26.25 44.02
N GLY A 381 13.30 27.44 44.29
CA GLY A 381 13.60 27.83 45.66
C GLY A 381 12.41 27.77 46.60
N THR A 382 11.27 28.28 46.14
CA THR A 382 10.03 28.24 46.91
C THR A 382 9.63 26.81 47.26
N VAL A 383 9.74 25.91 46.28
CA VAL A 383 9.45 24.51 46.52
C VAL A 383 10.43 23.96 47.57
N VAL A 384 11.71 24.26 47.39
CA VAL A 384 12.72 23.79 48.33
C VAL A 384 12.45 24.21 49.77
N LEU A 385 12.04 25.47 49.95
CA LEU A 385 11.83 26.00 51.30
C LEU A 385 10.57 25.45 51.96
N ASP A 386 9.49 25.30 51.19
CA ASP A 386 8.26 24.67 51.71
C ASP A 386 8.45 23.19 52.00
N TYR A 387 8.89 22.44 50.99
CA TYR A 387 9.37 21.08 51.16
C TYR A 387 10.57 21.20 52.09
N LEU A 388 10.87 20.23 52.93
CA LEU A 388 12.03 20.50 53.79
C LEU A 388 11.92 21.64 54.88
N LYS A 389 10.78 22.26 55.08
CA LYS A 389 10.50 23.08 56.25
C LYS A 389 10.38 22.22 57.47
N MET B 1 -28.81 30.43 48.76
CA MET B 1 -29.47 29.79 49.94
C MET B 1 -28.59 29.84 51.20
N ASN B 2 -27.49 29.09 51.27
CA ASN B 2 -27.08 28.10 50.28
C ASN B 2 -27.07 26.71 50.92
N GLN B 3 -26.95 26.69 52.25
CA GLN B 3 -27.12 25.46 53.05
C GLN B 3 -28.57 24.97 53.02
N GLN B 4 -29.50 25.87 52.73
CA GLN B 4 -30.91 25.52 52.56
C GLN B 4 -31.11 24.62 51.35
N LEU B 5 -30.44 24.95 50.26
CA LEU B 5 -30.52 24.15 49.03
C LEU B 5 -30.13 22.70 49.28
N ILE B 6 -28.96 22.50 49.86
CA ILE B 6 -28.43 21.16 50.14
C ILE B 6 -29.39 20.33 50.99
N GLU B 7 -29.84 20.90 52.11
CA GLU B 7 -30.79 20.23 53.01
C GLU B 7 -32.09 19.86 52.28
N THR B 8 -32.65 20.82 51.54
CA THR B 8 -33.86 20.57 50.77
C THR B 8 -33.63 19.44 49.78
N LEU B 9 -32.52 19.52 49.04
CA LEU B 9 -32.14 18.50 48.07
C LEU B 9 -31.98 17.12 48.71
N LYS B 10 -31.25 17.08 49.83
CA LYS B 10 -31.04 15.83 50.55
C LYS B 10 -32.36 15.19 50.96
N SER B 11 -33.29 16.01 51.48
CA SER B 11 -34.61 15.53 51.87
C SER B 11 -35.43 15.00 50.68
N LYS B 12 -35.00 15.33 49.47
CA LYS B 12 -35.74 14.93 48.27
C LYS B 12 -35.05 13.83 47.46
N GLU B 13 -33.98 13.25 48.01
CA GLU B 13 -33.25 12.18 47.34
C GLU B 13 -34.15 11.00 46.94
N GLY B 14 -35.02 10.59 47.86
CA GLY B 14 -35.97 9.49 47.61
C GLY B 14 -36.83 9.71 46.39
N LYS B 15 -37.31 10.94 46.24
CA LYS B 15 -38.07 11.37 45.06
C LYS B 15 -37.24 11.27 43.77
N MET B 16 -35.96 11.66 43.85
CA MET B 16 -35.06 11.59 42.69
C MET B 16 -35.01 10.17 42.15
N ILE B 17 -34.78 9.21 43.05
CA ILE B 17 -34.67 7.79 42.71
C ILE B 17 -35.97 7.22 42.09
N GLU B 18 -37.10 7.57 42.65
CA GLU B 18 -38.35 7.08 42.14
C GLU B 18 -38.63 7.57 40.72
N ILE B 19 -38.32 8.81 40.45
CA ILE B 19 -38.49 9.35 39.11
C ILE B 19 -37.53 8.66 38.14
N ARG B 20 -36.29 8.48 38.57
CA ARG B 20 -35.28 7.79 37.77
C ARG B 20 -35.74 6.40 37.36
N ARG B 21 -36.25 5.64 38.33
CA ARG B 21 -36.66 4.25 38.11
C ARG B 21 -37.89 4.14 37.21
N TYR B 22 -38.84 5.04 37.41
CA TYR B 22 -40.01 5.13 36.54
C TYR B 22 -39.60 5.38 35.09
N LEU B 23 -38.74 6.38 34.89
CA LEU B 23 -38.26 6.73 33.54
C LEU B 23 -37.45 5.61 32.91
N HIS B 24 -36.66 4.94 33.74
CA HIS B 24 -35.89 3.76 33.33
C HIS B 24 -36.81 2.64 32.81
N GLN B 25 -37.95 2.44 33.49
CA GLN B 25 -38.92 1.42 33.07
C GLN B 25 -39.64 1.74 31.76
N HIS B 26 -39.74 3.02 31.42
CA HIS B 26 -40.50 3.46 30.25
C HIS B 26 -39.64 4.35 29.33
N PRO B 27 -38.55 3.78 28.78
CA PRO B 27 -37.70 4.58 27.91
C PRO B 27 -38.27 4.67 26.49
N GLU B 28 -37.86 5.72 25.78
CA GLU B 28 -38.32 5.94 24.41
C GLU B 28 -37.16 6.38 23.53
N LEU B 29 -37.21 5.94 22.28
CA LEU B 29 -36.21 6.27 21.27
C LEU B 29 -36.19 7.75 20.92
N SER B 30 -35.02 8.22 20.51
CA SER B 30 -34.84 9.56 19.97
C SER B 30 -35.88 9.83 18.88
N PHE B 31 -36.42 11.05 18.88
CA PHE B 31 -37.49 11.47 17.96
C PHE B 31 -38.83 10.75 18.17
N HIS B 32 -38.94 9.94 19.22
CA HIS B 32 -40.16 9.19 19.50
C HIS B 32 -40.54 9.27 20.98
N GLU B 33 -40.04 10.30 21.66
CA GLU B 33 -40.19 10.42 23.11
C GLU B 33 -41.43 11.30 23.34
N ASP B 34 -42.59 10.75 23.00
CA ASP B 34 -43.88 11.41 23.27
C ASP B 34 -44.28 11.32 24.74
N GLU B 35 -44.13 10.15 25.35
CA GLU B 35 -44.59 9.92 26.72
C GLU B 35 -43.66 10.50 27.79
N THR B 36 -42.36 10.42 27.54
CA THR B 36 -41.36 11.04 28.40
C THR B 36 -41.49 12.57 28.37
N ALA B 37 -41.64 13.15 27.18
CA ALA B 37 -41.91 14.60 27.06
C ALA B 37 -43.17 15.02 27.82
N LYS B 38 -44.25 14.25 27.65
CA LYS B 38 -45.51 14.47 28.38
C LYS B 38 -45.28 14.48 29.89
N TYR B 39 -44.61 13.43 30.38
CA TYR B 39 -44.30 13.25 31.80
C TYR B 39 -43.59 14.47 32.37
N ILE B 40 -42.61 14.98 31.63
CA ILE B 40 -41.83 16.13 32.04
C ILE B 40 -42.71 17.38 32.12
N ALA B 41 -43.59 17.55 31.12
CA ALA B 41 -44.59 18.62 31.17
C ALA B 41 -45.54 18.45 32.36
N GLU B 42 -45.90 17.21 32.67
CA GLU B 42 -46.82 16.90 33.78
C GLU B 42 -46.19 17.17 35.15
N PHE B 43 -44.86 17.08 35.23
CA PHE B 43 -44.14 17.31 36.47
C PHE B 43 -44.28 18.77 36.94
N TYR B 44 -44.13 19.71 36.01
CA TYR B 44 -44.18 21.14 36.36
C TYR B 44 -45.59 21.71 36.58
N LYS B 45 -46.61 20.87 36.44
CA LYS B 45 -47.98 21.31 36.74
C LYS B 45 -48.13 21.54 38.25
N GLY B 46 -48.60 22.73 38.61
CA GLY B 46 -48.71 23.15 40.01
C GLY B 46 -47.42 23.66 40.62
N LYS B 47 -46.40 23.83 39.79
CA LYS B 47 -45.12 24.35 40.23
C LYS B 47 -44.87 25.70 39.57
N ASP B 48 -44.40 26.66 40.36
CA ASP B 48 -44.28 28.05 39.92
C ASP B 48 -43.11 28.28 38.93
N VAL B 49 -43.34 27.88 37.68
CA VAL B 49 -42.36 28.08 36.60
C VAL B 49 -43.07 28.36 35.28
N GLU B 50 -42.32 28.80 34.30
CA GLU B 50 -42.85 29.10 33.00
C GLU B 50 -42.45 28.05 31.98
N VAL B 51 -43.40 27.24 31.56
CA VAL B 51 -43.14 26.07 30.71
C VAL B 51 -43.45 26.34 29.24
N GLU B 52 -42.44 26.20 28.39
CA GLU B 52 -42.61 26.21 26.92
C GLU B 52 -42.42 24.78 26.42
N THR B 53 -43.34 24.32 25.58
CA THR B 53 -43.41 22.91 25.24
C THR B 53 -43.12 22.56 23.76
N ASN B 54 -43.10 23.57 22.89
CA ASN B 54 -42.85 23.34 21.47
C ASN B 54 -41.61 24.07 20.93
N VAL B 55 -40.53 24.07 21.70
CA VAL B 55 -39.24 24.63 21.26
C VAL B 55 -38.48 23.54 20.47
N GLY B 56 -38.76 23.49 19.17
CA GLY B 56 -38.43 22.32 18.37
C GLY B 56 -39.37 21.17 18.75
N PRO B 57 -39.44 20.11 17.92
CA PRO B 57 -40.24 18.95 18.33
C PRO B 57 -39.79 18.40 19.69
N ARG B 58 -40.75 18.18 20.60
CA ARG B 58 -40.51 17.54 21.91
C ARG B 58 -39.62 18.35 22.87
N GLY B 59 -39.27 19.57 22.44
CA GLY B 59 -38.38 20.42 23.23
C GLY B 59 -39.10 21.13 24.35
N ILE B 60 -38.61 20.94 25.58
CA ILE B 60 -39.18 21.59 26.76
C ILE B 60 -38.19 22.58 27.39
N LYS B 61 -38.65 23.80 27.57
CA LYS B 61 -37.86 24.89 28.14
C LYS B 61 -38.62 25.49 29.33
N VAL B 62 -38.00 25.39 30.50
CA VAL B 62 -38.61 25.83 31.74
C VAL B 62 -37.83 27.03 32.28
N THR B 63 -38.51 28.15 32.46
CA THR B 63 -37.85 29.35 32.97
C THR B 63 -38.23 29.59 34.43
N ILE B 64 -37.22 29.67 35.29
CA ILE B 64 -37.40 29.94 36.70
C ILE B 64 -36.90 31.37 36.93
N ASP B 65 -37.82 32.32 36.86
CA ASP B 65 -37.49 33.74 36.99
C ASP B 65 -37.56 34.17 38.45
N SER B 66 -36.48 34.80 38.92
CA SER B 66 -36.43 35.35 40.28
C SER B 66 -37.22 36.65 40.40
N GLY B 67 -37.50 37.28 39.25
CA GLY B 67 -38.13 38.60 39.18
C GLY B 67 -37.14 39.74 39.25
N LYS B 68 -35.89 39.44 39.62
CA LYS B 68 -34.88 40.48 39.86
C LYS B 68 -33.80 40.53 38.78
N PRO B 69 -33.18 41.72 38.59
CA PRO B 69 -32.00 41.93 37.75
C PRO B 69 -30.91 40.88 37.99
N GLY B 70 -30.27 40.44 36.91
CA GLY B 70 -29.19 39.47 37.02
C GLY B 70 -28.86 38.78 35.72
N LYS B 71 -28.02 37.76 35.81
CA LYS B 71 -27.58 37.00 34.65
C LYS B 71 -28.59 35.89 34.32
N THR B 72 -28.32 35.16 33.23
CA THR B 72 -29.17 34.05 32.83
C THR B 72 -28.32 32.82 32.52
N LEU B 73 -28.68 31.71 33.16
CA LEU B 73 -27.95 30.48 33.09
C LEU B 73 -28.88 29.36 32.68
N ALA B 74 -28.54 28.70 31.57
CA ALA B 74 -29.27 27.50 31.14
C ALA B 74 -28.63 26.25 31.71
N ILE B 75 -29.47 25.32 32.16
CA ILE B 75 -29.00 24.02 32.65
C ILE B 75 -29.72 22.92 31.87
N ARG B 76 -28.99 21.86 31.54
CA ARG B 76 -29.45 20.92 30.53
C ARG B 76 -29.42 19.47 31.02
N ALA B 77 -30.53 18.77 30.80
CA ALA B 77 -30.58 17.31 30.94
C ALA B 77 -31.31 16.73 29.72
N ASP B 78 -30.77 15.67 29.15
CA ASP B 78 -31.38 15.03 27.98
C ASP B 78 -32.26 13.86 28.42
N PHE B 79 -33.25 13.48 27.59
CA PHE B 79 -34.20 12.45 28.03
C PHE B 79 -34.54 11.33 27.05
N ASP B 80 -33.75 11.19 25.99
CA ASP B 80 -33.96 10.09 25.05
C ASP B 80 -33.20 8.82 25.48
N ALA B 81 -33.75 7.67 25.09
CA ALA B 81 -33.14 6.37 25.34
C ALA B 81 -32.56 5.75 24.06
N LEU B 82 -32.15 4.48 24.14
CA LEU B 82 -31.37 3.85 23.06
C LEU B 82 -31.97 2.52 22.57
N PRO B 83 -31.74 2.18 21.28
CA PRO B 83 -32.25 0.92 20.73
C PRO B 83 -31.43 -0.27 21.20
N ILE B 84 -31.51 -0.55 22.50
CA ILE B 84 -30.74 -1.61 23.14
C ILE B 84 -31.68 -2.41 24.04
N THR B 85 -31.58 -3.74 23.97
CA THR B 85 -32.37 -4.64 24.80
C THR B 85 -31.72 -4.77 26.17
N GLU B 86 -32.44 -4.37 27.22
CA GLU B 86 -31.87 -4.36 28.57
C GLU B 86 -31.55 -5.76 29.10
N ASP B 87 -30.42 -5.86 29.80
CA ASP B 87 -29.98 -7.12 30.39
C ASP B 87 -29.44 -7.02 31.84
N THR B 88 -29.85 -5.95 32.53
CA THR B 88 -29.33 -5.62 33.86
C THR B 88 -29.90 -6.53 34.95
N GLY B 89 -31.10 -7.04 34.71
CA GLY B 89 -31.81 -7.82 35.72
C GLY B 89 -32.39 -6.97 36.83
N LEU B 90 -32.44 -5.66 36.62
CA LEU B 90 -33.02 -4.74 37.61
C LEU B 90 -34.55 -4.84 37.62
N SER B 91 -35.17 -4.59 38.77
CA SER B 91 -36.63 -4.71 38.89
C SER B 91 -37.35 -3.66 38.05
N PHE B 92 -36.70 -2.52 37.86
CA PHE B 92 -37.29 -1.40 37.13
C PHE B 92 -36.74 -1.32 35.70
N ALA B 93 -36.23 -2.45 35.19
CA ALA B 93 -35.71 -2.54 33.84
C ALA B 93 -36.79 -2.20 32.81
N SER B 94 -36.36 -1.72 31.64
CA SER B 94 -37.28 -1.33 30.57
C SER B 94 -38.37 -2.35 30.30
N GLN B 95 -39.60 -1.85 30.22
CA GLN B 95 -40.76 -2.65 29.83
C GLN B 95 -41.16 -2.30 28.40
N ASN B 96 -40.26 -1.61 27.72
CA ASN B 96 -40.37 -1.36 26.32
C ASN B 96 -39.28 -2.13 25.58
N LYS B 97 -39.65 -3.31 25.10
CA LYS B 97 -38.69 -4.30 24.59
C LYS B 97 -37.82 -3.77 23.45
N GLY B 98 -36.51 -3.84 23.65
CA GLY B 98 -35.56 -3.38 22.64
C GLY B 98 -35.09 -1.95 22.87
N VAL B 99 -35.76 -1.23 23.76
CA VAL B 99 -35.35 0.12 24.18
C VAL B 99 -34.86 0.10 25.63
N MET B 100 -33.85 0.91 25.94
CA MET B 100 -33.22 0.97 27.27
C MET B 100 -32.56 2.33 27.50
N HIS B 101 -32.68 2.85 28.71
CA HIS B 101 -31.91 4.04 29.11
C HIS B 101 -30.47 3.65 29.45
N ALA B 102 -29.69 3.43 28.40
CA ALA B 102 -28.34 2.89 28.53
C ALA B 102 -27.25 3.95 28.55
N CYS B 103 -27.65 5.23 28.71
CA CYS B 103 -26.66 6.31 28.84
C CYS B 103 -26.88 7.13 30.11
N GLY B 104 -27.87 6.72 30.92
CA GLY B 104 -28.17 7.45 32.16
C GLY B 104 -29.02 8.70 31.96
N HIS B 105 -29.68 8.82 30.81
CA HIS B 105 -30.53 9.97 30.50
C HIS B 105 -31.76 10.06 31.42
N ASP B 106 -32.15 8.90 31.97
CA ASP B 106 -33.20 8.83 33.00
C ASP B 106 -32.74 9.50 34.29
N ALA B 107 -31.48 9.29 34.65
CA ALA B 107 -30.90 9.89 35.85
C ALA B 107 -30.76 11.41 35.68
N HIS B 108 -30.30 11.85 34.51
CA HIS B 108 -30.20 13.29 34.23
C HIS B 108 -31.55 13.99 34.40
N THR B 109 -32.58 13.38 33.85
CA THR B 109 -33.91 13.96 33.89
C THR B 109 -34.48 13.96 35.31
N ALA B 110 -34.25 12.88 36.05
CA ALA B 110 -34.69 12.73 37.43
C ALA B 110 -34.14 13.81 38.36
N TYR B 111 -32.81 13.95 38.39
CA TYR B 111 -32.17 14.90 39.28
C TYR B 111 -32.55 16.31 38.87
N MET B 112 -32.62 16.54 37.56
CA MET B 112 -32.97 17.87 37.06
C MET B 112 -34.38 18.29 37.47
N LEU B 113 -35.32 17.35 37.42
CA LEU B 113 -36.72 17.67 37.70
C LEU B 113 -36.85 18.15 39.13
N VAL B 114 -36.27 17.37 40.05
CA VAL B 114 -36.25 17.69 41.48
C VAL B 114 -35.49 18.99 41.78
N LEU B 115 -34.34 19.18 41.14
CA LEU B 115 -33.58 20.41 41.33
C LEU B 115 -34.39 21.65 40.93
N ALA B 116 -35.04 21.58 39.77
CA ALA B 116 -35.78 22.71 39.22
C ALA B 116 -36.99 23.06 40.10
N GLU B 117 -37.58 22.03 40.71
CA GLU B 117 -38.71 22.20 41.63
C GLU B 117 -38.19 22.92 42.86
N THR B 118 -37.01 22.51 43.34
CA THR B 118 -36.36 23.14 44.47
C THR B 118 -35.96 24.58 44.16
N LEU B 119 -35.40 24.81 42.97
CA LEU B 119 -35.01 26.15 42.57
C LEU B 119 -36.19 27.10 42.43
N ALA B 120 -37.34 26.55 42.04
CA ALA B 120 -38.59 27.33 41.97
C ALA B 120 -39.04 27.84 43.35
N GLU B 121 -38.69 27.09 44.40
CA GLU B 121 -39.04 27.43 45.78
C GLU B 121 -38.14 28.50 46.38
N MET B 122 -37.05 28.82 45.66
CA MET B 122 -36.02 29.73 46.15
C MET B 122 -35.80 30.93 45.25
N LYS B 123 -36.86 31.40 44.61
CA LYS B 123 -36.80 32.60 43.77
C LYS B 123 -36.33 33.83 44.56
N ASP B 124 -36.55 33.82 45.87
CA ASP B 124 -36.07 34.87 46.77
C ASP B 124 -34.56 34.80 47.00
N SER B 125 -33.95 33.68 46.61
CA SER B 125 -32.58 33.37 47.01
C SER B 125 -31.57 33.61 45.90
N PHE B 126 -32.05 33.88 44.68
CA PHE B 126 -31.16 34.19 43.56
C PHE B 126 -31.68 35.38 42.75
N THR B 127 -30.87 35.84 41.80
CA THR B 127 -31.25 36.92 40.91
C THR B 127 -31.06 36.50 39.46
N GLY B 128 -31.85 37.08 38.57
CA GLY B 128 -31.82 36.73 37.15
C GLY B 128 -32.79 35.61 36.83
N LYS B 129 -32.36 34.67 36.00
CA LYS B 129 -33.21 33.59 35.51
C LYS B 129 -32.45 32.27 35.40
N VAL B 130 -33.19 31.18 35.58
CA VAL B 130 -32.70 29.84 35.27
C VAL B 130 -33.54 29.31 34.12
N VAL B 131 -32.86 28.91 33.05
CA VAL B 131 -33.52 28.29 31.92
C VAL B 131 -33.16 26.81 31.97
N VAL B 132 -34.13 25.98 32.33
CA VAL B 132 -33.93 24.53 32.38
C VAL B 132 -34.27 23.96 31.03
N ILE B 133 -33.29 23.30 30.42
CA ILE B 133 -33.44 22.71 29.08
C ILE B 133 -33.63 21.21 29.19
N HIS B 134 -34.86 20.76 28.96
CA HIS B 134 -35.14 19.35 28.79
C HIS B 134 -35.08 19.00 27.31
N GLN B 135 -34.04 18.26 26.93
CA GLN B 135 -33.73 18.03 25.52
C GLN B 135 -33.89 16.57 25.10
N PRO B 136 -34.70 16.34 24.04
CA PRO B 136 -34.79 15.02 23.42
C PRO B 136 -33.72 14.82 22.36
N ALA B 137 -33.70 13.62 21.76
CA ALA B 137 -32.99 13.34 20.51
C ALA B 137 -31.46 13.43 20.52
N GLU B 138 -30.84 13.51 21.70
CA GLU B 138 -29.36 13.60 21.82
C GLU B 138 -28.62 12.46 21.10
N GLU B 139 -29.21 11.28 21.08
CA GLU B 139 -28.48 10.10 20.64
C GLU B 139 -28.43 9.88 19.12
N VAL B 140 -29.50 10.26 18.43
CA VAL B 140 -29.57 10.04 16.97
C VAL B 140 -29.42 11.35 16.21
N PRO B 141 -28.41 11.44 15.33
CA PRO B 141 -28.21 12.63 14.49
C PRO B 141 -29.41 12.90 13.60
N PRO B 142 -29.88 14.12 13.49
CA PRO B 142 -29.20 15.34 13.93
C PRO B 142 -29.56 15.85 15.30
N GLY B 143 -30.05 15.00 16.17
CA GLY B 143 -30.26 15.38 17.55
C GLY B 143 -31.08 16.61 17.91
N GLY B 144 -31.12 16.87 19.19
CA GLY B 144 -31.98 17.85 19.75
C GLY B 144 -31.41 19.21 20.01
N ALA B 145 -30.12 19.35 20.33
CA ALA B 145 -29.65 20.68 20.68
C ALA B 145 -29.86 21.71 19.59
N LYS B 146 -29.60 21.30 18.35
CA LYS B 146 -29.65 22.22 17.20
C LYS B 146 -31.04 22.78 16.95
N THR B 147 -32.06 21.91 16.93
CA THR B 147 -33.45 22.37 16.74
C THR B 147 -33.86 23.32 17.85
N MET B 148 -33.46 23.00 19.07
CA MET B 148 -33.79 23.84 20.23
C MET B 148 -33.13 25.20 20.15
N ILE B 149 -31.88 25.22 19.70
CA ILE B 149 -31.13 26.47 19.53
C ILE B 149 -31.78 27.31 18.43
N GLU B 150 -32.18 26.65 17.35
CA GLU B 150 -32.90 27.28 16.24
C GLU B 150 -34.24 27.87 16.66
N ASN B 151 -34.84 27.29 17.71
CA ASN B 151 -36.12 27.75 18.22
C ASN B 151 -36.01 28.73 19.40
N GLY B 152 -34.79 29.23 19.63
CA GLY B 152 -34.56 30.36 20.54
C GLY B 152 -34.36 29.99 22.00
N VAL B 153 -33.93 28.75 22.23
CA VAL B 153 -33.69 28.25 23.58
C VAL B 153 -32.57 29.01 24.31
N LEU B 154 -31.63 29.56 23.55
CA LEU B 154 -30.49 30.23 24.16
C LEU B 154 -30.65 31.75 24.21
N ASP B 155 -31.84 32.23 23.90
CA ASP B 155 -32.15 33.66 23.94
C ASP B 155 -31.99 34.21 25.36
N GLY B 156 -31.19 35.27 25.50
CA GLY B 156 -30.91 35.90 26.79
C GLY B 156 -29.93 35.12 27.67
N VAL B 157 -29.60 33.89 27.26
CA VAL B 157 -28.75 33.01 28.04
C VAL B 157 -27.29 33.44 27.98
N ASP B 158 -26.62 33.47 29.14
CA ASP B 158 -25.20 33.88 29.24
C ASP B 158 -24.22 32.68 29.26
N HIS B 159 -24.60 31.63 29.98
CA HIS B 159 -23.79 30.42 30.10
C HIS B 159 -24.71 29.21 30.13
N VAL B 160 -24.17 28.07 29.68
CA VAL B 160 -24.91 26.82 29.69
C VAL B 160 -24.12 25.79 30.51
N LEU B 161 -24.83 25.08 31.38
CA LEU B 161 -24.23 24.04 32.18
C LEU B 161 -24.96 22.73 31.92
N GLY B 162 -24.18 21.68 31.69
CA GLY B 162 -24.74 20.34 31.56
C GLY B 162 -23.94 19.35 32.36
N VAL B 163 -24.61 18.27 32.75
CA VAL B 163 -24.00 17.21 33.54
C VAL B 163 -24.28 15.88 32.87
N HIS B 164 -23.25 15.03 32.84
CA HIS B 164 -23.42 13.64 32.44
C HIS B 164 -22.93 12.77 33.59
N VAL B 165 -23.77 11.85 34.06
CA VAL B 165 -23.31 10.77 34.94
C VAL B 165 -22.38 9.90 34.13
N MET B 166 -21.33 9.38 34.77
CA MET B 166 -20.38 8.55 34.07
C MET B 166 -20.28 7.20 34.76
N SER B 167 -20.83 6.16 34.14
CA SER B 167 -20.82 4.81 34.72
C SER B 167 -19.43 4.22 34.93
N THR B 168 -18.39 4.80 34.32
CA THR B 168 -17.02 4.26 34.47
C THR B 168 -16.08 5.18 35.25
N MET B 169 -16.62 6.25 35.84
CA MET B 169 -15.86 7.07 36.78
C MET B 169 -16.44 6.89 38.18
N LYS B 170 -15.53 6.85 39.15
CA LYS B 170 -15.86 6.50 40.53
C LYS B 170 -16.80 7.50 41.21
N THR B 171 -17.89 6.97 41.76
CA THR B 171 -18.74 7.67 42.71
C THR B 171 -17.90 7.77 43.97
N GLY B 172 -17.81 8.93 44.62
CA GLY B 172 -18.60 10.11 44.32
C GLY B 172 -17.74 11.35 44.31
N LYS B 173 -17.41 11.77 43.09
CA LYS B 173 -16.79 13.04 42.81
C LYS B 173 -17.46 13.63 41.57
N VAL B 174 -17.25 14.92 41.33
CA VAL B 174 -17.60 15.51 40.05
C VAL B 174 -16.29 15.78 39.31
N TYR B 175 -16.30 15.58 37.99
CA TYR B 175 -15.09 15.68 37.17
C TYR B 175 -15.27 16.73 36.09
N TYR B 176 -14.20 17.44 35.76
CA TYR B 176 -14.28 18.53 34.80
C TYR B 176 -12.99 18.62 33.99
N ARG B 177 -13.04 19.40 32.92
CA ARG B 177 -11.88 19.68 32.10
C ARG B 177 -12.19 20.88 31.19
N PRO B 178 -11.36 21.94 31.25
CA PRO B 178 -11.49 23.05 30.31
C PRO B 178 -11.08 22.62 28.90
N GLY B 179 -11.61 23.28 27.88
CA GLY B 179 -11.30 22.97 26.50
C GLY B 179 -12.13 21.83 25.91
N TYR B 180 -11.60 21.19 24.90
CA TYR B 180 -12.25 20.10 24.21
C TYR B 180 -12.31 18.84 25.08
N VAL B 181 -13.50 18.40 25.40
CA VAL B 181 -13.72 17.27 26.30
C VAL B 181 -14.25 16.06 25.58
N GLN B 182 -15.02 16.27 24.53
CA GLN B 182 -15.62 15.16 23.81
C GLN B 182 -15.51 15.36 22.31
N THR B 183 -15.35 14.24 21.59
CA THR B 183 -15.00 14.25 20.16
C THR B 183 -16.18 14.70 19.32
N GLY B 184 -15.86 15.32 18.19
CA GLY B 184 -16.83 15.59 17.15
C GLY B 184 -16.81 14.49 16.10
N ARG B 185 -17.81 14.51 15.24
CA ARG B 185 -18.05 13.39 14.36
C ARG B 185 -18.32 13.82 12.91
N ALA B 186 -17.87 13.00 11.97
CA ALA B 186 -18.21 13.15 10.56
C ALA B 186 -18.38 11.78 9.93
N PHE B 187 -19.06 11.77 8.81
CA PHE B 187 -19.19 10.59 8.02
C PHE B 187 -19.12 10.85 6.54
N PHE B 188 -18.70 9.85 5.81
CA PHE B 188 -18.50 10.04 4.38
C PHE B 188 -18.90 8.83 3.54
N LYS B 189 -19.33 9.11 2.31
CA LYS B 189 -19.58 8.09 1.30
C LYS B 189 -18.69 8.40 0.11
N LEU B 190 -17.85 7.44 -0.27
CA LEU B 190 -17.08 7.61 -1.49
C LEU B 190 -17.47 6.61 -2.58
N LYS B 191 -17.86 7.13 -3.73
CA LYS B 191 -18.10 6.27 -4.88
C LYS B 191 -16.86 6.34 -5.76
N VAL B 192 -16.31 5.19 -6.10
CA VAL B 192 -15.10 5.10 -6.91
C VAL B 192 -15.52 4.42 -8.20
N GLN B 193 -15.54 5.17 -9.29
CA GLN B 193 -16.03 4.72 -10.58
C GLN B 193 -14.86 4.56 -11.56
N GLY B 194 -14.62 3.31 -11.97
CA GLY B 194 -13.69 3.03 -13.03
C GLY B 194 -14.46 2.67 -14.29
N LYS B 195 -14.04 1.59 -14.91
CA LYS B 195 -14.62 1.05 -16.09
C LYS B 195 -14.63 -0.47 -16.07
N GLY B 196 -15.82 -1.05 -16.13
CA GLY B 196 -15.97 -2.50 -16.04
C GLY B 196 -15.51 -3.16 -17.33
N GLY B 197 -15.29 -4.47 -17.27
CA GLY B 197 -14.86 -5.22 -18.45
C GLY B 197 -14.55 -6.66 -18.12
N HIS B 198 -14.30 -7.47 -19.15
CA HIS B 198 -14.00 -8.88 -18.95
C HIS B 198 -12.74 -9.04 -18.13
N GLY B 199 -12.79 -9.94 -17.15
CA GLY B 199 -11.74 -10.08 -16.14
C GLY B 199 -10.36 -10.43 -16.65
N SER B 200 -10.27 -10.93 -17.87
CA SER B 200 -8.98 -11.31 -18.44
C SER B 200 -8.42 -10.29 -19.46
N SER B 201 -9.10 -9.17 -19.60
CA SER B 201 -8.61 -8.06 -20.42
C SER B 201 -8.53 -6.79 -19.56
N PRO B 202 -7.64 -6.78 -18.56
CA PRO B 202 -7.61 -5.65 -17.65
C PRO B 202 -7.16 -4.33 -18.28
N HIS B 203 -6.33 -4.41 -19.33
CA HIS B 203 -5.88 -3.21 -20.03
C HIS B 203 -7.03 -2.43 -20.66
N MET B 204 -8.18 -3.07 -20.86
CA MET B 204 -9.35 -2.42 -21.44
C MET B 204 -10.30 -1.85 -20.42
N ALA B 205 -10.02 -2.09 -19.17
CA ALA B 205 -10.91 -1.71 -18.09
C ALA B 205 -10.15 -0.81 -17.11
N ASN B 206 -10.86 -0.28 -16.14
CA ASN B 206 -10.21 0.44 -15.04
C ASN B 206 -10.79 -0.06 -13.71
N ASP B 207 -9.98 -0.82 -12.99
CA ASP B 207 -10.42 -1.67 -11.89
C ASP B 207 -10.69 -0.84 -10.63
N ALA B 208 -11.97 -0.69 -10.28
CA ALA B 208 -12.38 0.07 -9.10
C ALA B 208 -12.01 -0.60 -7.76
N ILE B 209 -11.96 -1.92 -7.75
CA ILE B 209 -11.55 -2.65 -6.53
C ILE B 209 -10.08 -2.35 -6.23
N VAL B 210 -9.25 -2.37 -7.27
CA VAL B 210 -7.84 -2.02 -7.11
C VAL B 210 -7.66 -0.58 -6.60
N ALA B 211 -8.30 0.40 -7.26
CA ALA B 211 -8.21 1.80 -6.85
C ALA B 211 -8.75 1.96 -5.43
N GLY B 212 -9.89 1.34 -5.14
CA GLY B 212 -10.51 1.43 -3.84
C GLY B 212 -9.60 0.90 -2.76
N SER B 213 -8.94 -0.23 -3.03
CA SER B 213 -8.02 -0.83 -2.09
C SER B 213 -6.78 0.04 -1.88
N TYR B 214 -6.19 0.58 -2.91
CA TYR B 214 -5.08 1.51 -2.77
CA TYR B 214 -5.08 1.49 -2.77
C TYR B 214 -5.54 2.74 -2.01
N PHE B 215 -6.76 3.21 -2.20
CA PHE B 215 -7.27 4.30 -1.38
C PHE B 215 -7.31 4.00 0.15
N VAL B 216 -7.81 2.83 0.54
CA VAL B 216 -7.88 2.43 1.96
C VAL B 216 -6.50 2.36 2.59
N THR B 217 -5.60 1.77 1.84
CA THR B 217 -4.20 1.72 2.18
C THR B 217 -3.58 3.14 2.41
N ALA B 218 -3.76 4.05 1.46
CA ALA B 218 -3.25 5.43 1.57
C ALA B 218 -3.92 6.23 2.68
N LEU B 219 -5.19 5.90 2.94
CA LEU B 219 -5.99 6.61 3.95
C LEU B 219 -5.37 6.51 5.36
N GLN B 220 -4.61 5.46 5.61
CA GLN B 220 -3.99 5.25 6.93
C GLN B 220 -3.05 6.39 7.33
N THR B 221 -2.49 7.08 6.34
CA THR B 221 -1.56 8.17 6.55
C THR B 221 -2.25 9.41 7.11
N VAL B 222 -3.57 9.51 6.95
CA VAL B 222 -4.26 10.65 7.52
C VAL B 222 -3.99 10.69 9.01
N VAL B 223 -4.29 9.61 9.70
CA VAL B 223 -4.04 9.55 11.11
C VAL B 223 -2.57 9.35 11.43
N SER B 224 -1.84 8.58 10.65
CA SER B 224 -0.47 8.20 10.99
C SER B 224 0.56 9.28 10.62
N ARG B 225 0.22 10.19 9.70
CA ARG B 225 1.17 11.25 9.25
C ARG B 225 0.60 12.68 9.27
N ARG B 226 -0.70 12.84 9.06
CA ARG B 226 -1.24 14.19 8.88
C ARG B 226 -1.65 14.85 10.19
N LEU B 227 -1.95 14.01 11.17
CA LEU B 227 -2.32 14.41 12.50
C LEU B 227 -1.12 14.46 13.41
N SER B 228 -1.07 15.45 14.30
CA SER B 228 -0.06 15.47 15.34
C SER B 228 -0.26 14.26 16.27
N PRO B 229 0.83 13.64 16.75
CA PRO B 229 0.70 12.59 17.77
C PRO B 229 -0.20 13.01 18.94
N PHE B 230 -0.20 14.31 19.25
CA PHE B 230 -0.99 14.86 20.36
C PHE B 230 -2.44 15.20 20.03
N GLU B 231 -2.81 15.03 18.77
CA GLU B 231 -4.20 15.19 18.38
C GLU B 231 -4.91 13.84 18.54
N THR B 232 -6.23 13.88 18.58
CA THR B 232 -7.05 12.68 18.76
C THR B 232 -8.03 12.60 17.60
N GLY B 233 -7.81 11.59 16.76
CA GLY B 233 -8.59 11.41 15.54
C GLY B 233 -8.73 9.95 15.10
N VAL B 234 -9.82 9.65 14.40
CA VAL B 234 -10.06 8.29 13.92
C VAL B 234 -10.63 8.37 12.53
N VAL B 235 -10.13 7.52 11.63
CA VAL B 235 -10.74 7.31 10.34
C VAL B 235 -10.96 5.83 10.13
N THR B 236 -12.22 5.45 10.10
CA THR B 236 -12.62 4.05 9.93
C THR B 236 -13.44 3.90 8.65
N ILE B 237 -13.08 2.91 7.86
CA ILE B 237 -13.89 2.53 6.71
C ILE B 237 -14.66 1.31 7.17
N GLY B 238 -15.94 1.51 7.43
CA GLY B 238 -16.80 0.40 7.86
C GLY B 238 -17.43 -0.40 6.72
N SER B 239 -17.38 0.17 5.52
CA SER B 239 -18.06 -0.43 4.37
C SER B 239 -17.25 -0.28 3.09
N PHE B 240 -16.88 -1.42 2.50
CA PHE B 240 -16.21 -1.47 1.20
C PHE B 240 -17.05 -2.37 0.33
N ASP B 241 -18.02 -1.76 -0.35
CA ASP B 241 -18.99 -2.51 -1.12
C ASP B 241 -18.47 -2.70 -2.53
N GLY B 242 -17.76 -3.80 -2.73
CA GLY B 242 -17.19 -4.16 -4.01
C GLY B 242 -17.65 -5.53 -4.47
N LYS B 243 -18.79 -6.00 -3.96
CA LYS B 243 -19.31 -7.33 -4.34
C LYS B 243 -19.67 -7.34 -5.82
N GLY B 244 -19.19 -8.37 -6.53
CA GLY B 244 -19.39 -8.46 -7.97
C GLY B 244 -19.29 -9.89 -8.47
N GLN B 245 -19.12 -10.04 -9.78
CA GLN B 245 -18.87 -11.34 -10.38
C GLN B 245 -17.37 -11.57 -10.31
N PHE B 246 -16.97 -12.70 -9.76
CA PHE B 246 -15.54 -12.96 -9.52
C PHE B 246 -14.65 -12.66 -10.76
N ASN B 247 -15.19 -12.87 -11.96
CA ASN B 247 -14.41 -12.76 -13.19
C ASN B 247 -14.75 -11.56 -14.08
N VAL B 248 -15.40 -10.57 -13.50
CA VAL B 248 -15.65 -9.31 -14.19
C VAL B 248 -14.82 -8.30 -13.42
N ILE B 249 -14.11 -7.43 -14.15
CA ILE B 249 -13.47 -6.29 -13.51
C ILE B 249 -14.55 -5.30 -13.09
N LYS B 250 -14.57 -5.01 -11.80
CA LYS B 250 -15.61 -4.24 -11.14
C LYS B 250 -15.57 -2.79 -11.60
N ASP B 251 -16.73 -2.28 -11.99
CA ASP B 251 -16.87 -0.91 -12.51
C ASP B 251 -16.89 0.14 -11.41
N VAL B 252 -17.52 -0.18 -10.29
CA VAL B 252 -17.75 0.79 -9.24
C VAL B 252 -17.66 0.17 -7.85
N VAL B 253 -17.00 0.86 -6.93
CA VAL B 253 -17.10 0.49 -5.52
C VAL B 253 -17.62 1.63 -4.68
N GLU B 254 -18.43 1.29 -3.67
CA GLU B 254 -18.91 2.25 -2.69
C GLU B 254 -18.22 2.06 -1.36
N ILE B 255 -17.61 3.12 -0.87
CA ILE B 255 -16.91 3.13 0.40
C ILE B 255 -17.65 4.05 1.38
N GLU B 256 -17.82 3.60 2.62
CA GLU B 256 -18.41 4.46 3.63
C GLU B 256 -17.53 4.45 4.85
N GLY B 257 -17.37 5.62 5.44
CA GLY B 257 -16.49 5.75 6.59
C GLY B 257 -17.01 6.67 7.67
N ASP B 258 -16.29 6.63 8.78
CA ASP B 258 -16.68 7.29 10.01
C ASP B 258 -15.43 7.96 10.57
N VAL B 259 -15.59 9.20 11.03
CA VAL B 259 -14.49 10.01 11.47
C VAL B 259 -14.80 10.58 12.87
N ARG B 260 -13.79 10.61 13.72
CA ARG B 260 -13.86 11.31 15.00
C ARG B 260 -12.67 12.25 15.09
N GLY B 261 -12.91 13.42 15.66
CA GLY B 261 -11.83 14.36 15.99
C GLY B 261 -12.15 15.01 17.32
N LEU B 262 -11.14 15.18 18.18
CA LEU B 262 -11.37 15.79 19.50
C LEU B 262 -11.50 17.32 19.44
N THR B 263 -10.91 17.93 18.42
CA THR B 263 -11.05 19.36 18.22
C THR B 263 -11.63 19.60 16.84
N ASP B 264 -12.17 20.80 16.63
CA ASP B 264 -12.72 21.14 15.33
C ASP B 264 -11.62 21.34 14.27
N ALA B 265 -10.42 21.78 14.68
CA ALA B 265 -9.27 21.83 13.75
C ALA B 265 -8.83 20.41 13.33
N THR B 266 -8.84 19.47 14.26
CA THR B 266 -8.58 18.07 13.94
C THR B 266 -9.59 17.53 12.92
N LYS B 267 -10.88 17.69 13.19
CA LYS B 267 -11.92 17.36 12.22
C LYS B 267 -11.70 18.01 10.84
N ALA B 268 -11.24 19.25 10.83
CA ALA B 268 -11.10 19.98 9.56
C ALA B 268 -9.92 19.43 8.75
N THR B 269 -8.83 19.14 9.45
CA THR B 269 -7.62 18.56 8.86
C THR B 269 -7.96 17.18 8.28
N ILE B 270 -8.73 16.39 9.04
CA ILE B 270 -9.17 15.08 8.56
C ILE B 270 -9.99 15.19 7.28
N GLU B 271 -10.96 16.12 7.25
CA GLU B 271 -11.75 16.34 6.05
C GLU B 271 -10.87 16.73 4.85
N LYS B 272 -10.00 17.68 5.03
CA LYS B 272 -9.07 18.10 4.02
C LYS B 272 -8.18 16.96 3.44
N GLU B 273 -7.67 16.15 4.32
CA GLU B 273 -6.74 15.10 3.91
C GLU B 273 -7.45 13.94 3.23
N ILE B 274 -8.71 13.72 3.58
CA ILE B 274 -9.51 12.70 2.95
C ILE B 274 -9.90 13.19 1.56
N LYS B 275 -10.31 14.46 1.45
CA LYS B 275 -10.56 15.06 0.14
C LYS B 275 -9.31 15.07 -0.76
N ARG B 276 -8.13 15.31 -0.18
CA ARG B 276 -6.90 15.31 -0.99
C ARG B 276 -6.62 13.90 -1.56
N LEU B 277 -6.80 12.88 -0.74
CA LEU B 277 -6.63 11.50 -1.18
C LEU B 277 -7.68 11.09 -2.19
N SER B 278 -8.89 11.54 -1.99
CA SER B 278 -9.98 11.25 -2.86
C SER B 278 -9.78 11.85 -4.24
N LYS B 279 -9.52 13.13 -4.27
CA LYS B 279 -9.23 13.85 -5.51
C LYS B 279 -7.98 13.27 -6.17
N GLY B 280 -6.99 12.91 -5.36
CA GLY B 280 -5.74 12.36 -5.83
C GLY B 280 -5.85 10.94 -6.41
N LEU B 281 -6.79 10.16 -5.89
CA LEU B 281 -7.11 8.86 -6.49
C LEU B 281 -7.54 8.98 -7.96
N GLU B 282 -8.34 9.99 -8.25
CA GLU B 282 -8.80 10.28 -9.62
C GLU B 282 -7.58 10.48 -10.51
N ASP B 283 -6.62 11.28 -10.05
CA ASP B 283 -5.45 11.57 -10.87
C ASP B 283 -4.53 10.37 -11.04
N MET B 284 -4.31 9.62 -9.96
CA MET B 284 -3.40 8.49 -9.98
C MET B 284 -3.96 7.27 -10.75
N TYR B 285 -5.26 7.00 -10.59
CA TYR B 285 -5.86 5.79 -11.17
C TYR B 285 -6.80 6.06 -12.33
N GLY B 286 -7.13 7.33 -12.54
CA GLY B 286 -8.01 7.74 -13.66
C GLY B 286 -9.47 7.36 -13.41
N VAL B 287 -9.83 7.12 -12.16
CA VAL B 287 -11.20 6.81 -11.77
C VAL B 287 -11.93 8.13 -11.54
N THR B 288 -13.26 8.09 -11.47
CA THR B 288 -14.03 9.25 -11.01
C THR B 288 -14.55 9.02 -9.59
N CYS B 289 -14.33 10.02 -8.72
CA CYS B 289 -14.67 9.89 -7.31
C CYS B 289 -15.73 10.88 -6.95
N THR B 290 -16.81 10.39 -6.37
CA THR B 290 -17.88 11.24 -5.85
C THR B 290 -17.90 11.06 -4.33
N LEU B 291 -17.47 12.12 -3.65
CA LEU B 291 -17.37 12.10 -2.21
C LEU B 291 -18.48 12.95 -1.59
N GLU B 292 -19.29 12.32 -0.76
CA GLU B 292 -20.26 13.02 0.05
C GLU B 292 -19.67 13.09 1.44
N TYR B 293 -19.32 14.29 1.91
CA TYR B 293 -18.71 14.44 3.22
C TYR B 293 -19.64 15.23 4.11
N ASN B 294 -20.11 14.57 5.16
CA ASN B 294 -21.12 15.15 6.02
C ASN B 294 -20.63 15.32 7.44
N ASP B 295 -20.54 16.57 7.86
CA ASP B 295 -20.18 16.90 9.21
C ASP B 295 -21.35 16.59 10.14
N ASP B 296 -21.07 16.01 11.28
CA ASP B 296 -22.07 15.69 12.26
C ASP B 296 -21.51 16.36 13.50
N TYR B 297 -21.93 15.92 14.69
CA TYR B 297 -21.76 16.69 15.94
C TYR B 297 -20.38 17.34 15.96
N PRO B 298 -20.32 18.63 16.32
CA PRO B 298 -19.03 19.26 16.54
C PRO B 298 -18.40 18.70 17.82
N ALA B 299 -17.08 18.90 17.97
CA ALA B 299 -16.40 18.53 19.20
C ALA B 299 -16.90 19.42 20.34
N LEU B 300 -16.94 18.87 21.55
CA LEU B 300 -17.50 19.56 22.70
C LEU B 300 -16.41 20.42 23.34
N TYR B 301 -16.62 21.73 23.32
CA TYR B 301 -15.66 22.69 23.88
C TYR B 301 -16.14 23.32 25.19
N ASN B 302 -15.48 22.97 26.28
CA ASN B 302 -15.72 23.60 27.58
C ASN B 302 -14.96 24.92 27.67
N ASP B 303 -15.69 26.01 27.80
CA ASP B 303 -15.09 27.35 27.90
C ASP B 303 -14.18 27.41 29.12
N PRO B 304 -12.89 27.72 28.92
CA PRO B 304 -11.91 27.65 30.02
C PRO B 304 -12.27 28.44 31.27
N GLU B 305 -12.78 29.66 31.13
CA GLU B 305 -13.07 30.48 32.31
C GLU B 305 -14.26 29.95 33.08
N PHE B 306 -15.36 29.69 32.40
CA PHE B 306 -16.59 29.24 33.06
C PHE B 306 -16.40 27.89 33.77
N THR B 307 -15.69 26.96 33.15
CA THR B 307 -15.45 25.66 33.79
C THR B 307 -14.46 25.74 34.96
N GLU B 308 -13.39 26.53 34.82
CA GLU B 308 -12.55 26.86 35.99
C GLU B 308 -13.39 27.46 37.10
N TYR B 309 -14.25 28.43 36.75
CA TYR B 309 -15.18 28.99 37.72
C TYR B 309 -16.07 27.91 38.38
N VAL B 310 -16.68 27.07 37.56
CA VAL B 310 -17.57 26.00 38.03
C VAL B 310 -16.83 25.08 39.00
N ALA B 311 -15.57 24.77 38.68
CA ALA B 311 -14.75 23.90 39.51
C ALA B 311 -14.34 24.56 40.83
N LYS B 312 -13.98 25.85 40.76
CA LYS B 312 -13.61 26.62 41.95
C LYS B 312 -14.80 26.72 42.91
N THR B 313 -15.95 27.10 42.36
CA THR B 313 -17.17 27.22 43.12
C THR B 313 -17.47 25.92 43.86
N LEU B 314 -17.41 24.80 43.15
CA LEU B 314 -17.69 23.51 43.76
C LEU B 314 -16.76 23.14 44.91
N LYS B 315 -15.45 23.40 44.72
CA LYS B 315 -14.42 23.06 45.72
C LYS B 315 -14.52 23.91 46.98
N GLU B 316 -14.95 25.16 46.82
CA GLU B 316 -14.99 26.12 47.92
C GLU B 316 -16.24 26.01 48.79
N ALA B 317 -17.30 25.46 48.20
CA ALA B 317 -18.50 25.18 48.90
C ALA B 317 -18.02 24.05 49.72
N ASN B 318 -18.84 23.38 50.46
CA ASN B 318 -18.24 22.34 51.29
C ASN B 318 -19.02 21.09 51.10
N LEU B 319 -18.96 20.55 49.91
CA LEU B 319 -19.85 19.50 49.61
C LEU B 319 -19.29 18.16 49.99
N ASP B 320 -20.19 17.22 50.16
CA ASP B 320 -19.96 15.89 50.60
C ASP B 320 -19.07 15.09 49.67
N PHE B 321 -18.77 15.66 48.51
CA PHE B 321 -18.11 15.00 47.38
C PHE B 321 -16.94 15.83 46.85
N GLY B 322 -15.97 15.14 46.26
CA GLY B 322 -14.78 15.77 45.72
C GLY B 322 -14.91 16.28 44.30
N VAL B 323 -13.90 17.00 43.86
CA VAL B 323 -13.90 17.67 42.57
C VAL B 323 -12.50 17.51 41.98
N GLU B 324 -12.41 16.92 40.78
CA GLU B 324 -11.08 16.72 40.16
C GLU B 324 -11.10 16.68 38.64
N MET B 325 -9.94 16.96 38.05
CA MET B 325 -9.79 16.99 36.61
C MET B 325 -9.82 15.62 35.98
N CYS B 326 -10.54 15.50 34.86
CA CYS B 326 -10.57 14.28 34.10
C CYS B 326 -9.85 14.44 32.76
N GLU B 327 -9.59 13.31 32.11
CA GLU B 327 -9.17 13.24 30.71
C GLU B 327 -10.35 13.60 29.78
N PRO B 328 -10.07 13.95 28.51
CA PRO B 328 -11.18 14.07 27.55
C PRO B 328 -11.75 12.68 27.24
N GLN B 329 -12.97 12.63 26.71
CA GLN B 329 -13.72 11.39 26.59
C GLN B 329 -14.01 11.05 25.13
N PRO B 330 -13.97 9.75 24.78
CA PRO B 330 -14.24 9.27 23.42
C PRO B 330 -15.60 9.64 22.80
N PRO B 331 -16.72 9.45 23.51
CA PRO B 331 -18.00 9.56 22.80
C PRO B 331 -18.33 10.98 22.33
N SER B 332 -19.18 11.06 21.31
CA SER B 332 -19.74 12.32 20.86
C SER B 332 -20.90 12.73 21.75
N GLU B 333 -21.30 14.00 21.64
CA GLU B 333 -22.29 14.59 22.54
C GLU B 333 -22.86 15.85 21.89
N ASP B 334 -24.17 15.90 21.68
CA ASP B 334 -24.76 17.04 20.99
C ASP B 334 -24.86 18.29 21.86
N PHE B 335 -24.50 18.15 23.14
CA PHE B 335 -24.31 19.32 24.00
C PHE B 335 -23.37 20.31 23.33
N ALA B 336 -22.42 19.78 22.55
CA ALA B 336 -21.44 20.56 21.80
C ALA B 336 -22.02 21.72 20.98
N TYR B 337 -23.27 21.58 20.54
CA TYR B 337 -23.97 22.69 19.87
C TYR B 337 -24.23 23.90 20.77
N TYR B 338 -24.58 23.67 22.03
CA TYR B 338 -24.78 24.77 22.98
C TYR B 338 -23.42 25.40 23.25
N ALA B 339 -22.40 24.55 23.35
CA ALA B 339 -21.06 24.96 23.74
C ALA B 339 -20.41 25.86 22.70
N LYS B 340 -20.83 25.69 21.44
CA LYS B 340 -20.36 26.54 20.33
C LYS B 340 -21.04 27.91 20.33
N GLU B 341 -22.29 27.96 20.78
CA GLU B 341 -23.07 29.20 20.84
C GLU B 341 -22.76 30.09 22.05
N ARG B 342 -22.81 29.49 23.24
CA ARG B 342 -22.55 30.22 24.47
C ARG B 342 -21.36 29.61 25.17
N PRO B 343 -20.64 30.40 25.97
CA PRO B 343 -19.62 29.80 26.84
C PRO B 343 -20.30 28.78 27.77
N SER B 344 -19.80 27.55 27.75
CA SER B 344 -20.46 26.43 28.40
C SER B 344 -19.50 25.55 29.16
N ALA B 345 -20.04 24.80 30.12
CA ALA B 345 -19.32 23.70 30.74
C ALA B 345 -20.22 22.48 30.79
N PHE B 346 -19.67 21.37 30.34
CA PHE B 346 -20.27 20.06 30.47
C PHE B 346 -19.38 19.33 31.46
N ILE B 347 -19.91 19.02 32.65
CA ILE B 347 -19.10 18.31 33.66
C ILE B 347 -19.68 16.92 33.93
N TYR B 348 -18.96 16.13 34.70
CA TYR B 348 -19.35 14.75 34.89
C TYR B 348 -19.50 14.44 36.37
N THR B 349 -20.50 13.63 36.73
CA THR B 349 -20.52 13.07 38.09
C THR B 349 -20.24 11.58 38.08
N GLY B 350 -19.31 11.15 38.94
CA GLY B 350 -18.98 9.74 39.11
C GLY B 350 -20.22 8.91 39.43
N ALA B 351 -20.43 7.84 38.67
CA ALA B 351 -21.63 7.02 38.84
C ALA B 351 -21.37 5.50 38.72
N ALA B 352 -20.10 5.11 38.77
CA ALA B 352 -19.73 3.69 38.76
C ALA B 352 -20.36 2.95 39.94
N VAL B 353 -20.95 1.77 39.67
CA VAL B 353 -21.43 0.90 40.74
C VAL B 353 -20.28 0.67 41.74
N GLU B 354 -20.61 0.73 43.02
CA GLU B 354 -19.61 0.56 44.08
C GLU B 354 -19.36 -0.93 44.37
N ASN B 355 -20.31 -1.76 43.96
CA ASN B 355 -20.21 -3.22 44.04
C ASN B 355 -20.49 -3.87 42.69
N GLY B 356 -19.69 -4.87 42.35
CA GLY B 356 -19.87 -5.59 41.09
C GLY B 356 -19.24 -4.97 39.86
N GLU B 357 -19.52 -5.55 38.71
CA GLU B 357 -18.82 -5.23 37.49
C GLU B 357 -19.31 -3.93 36.87
N ILE B 358 -18.33 -3.18 36.37
CA ILE B 358 -18.51 -1.88 35.80
C ILE B 358 -18.69 -2.01 34.28
N TYR B 359 -19.85 -1.55 33.78
CA TYR B 359 -20.19 -1.65 32.37
C TYR B 359 -20.27 -0.25 31.75
N PRO B 360 -19.83 -0.09 30.49
CA PRO B 360 -19.79 1.24 29.91
C PRO B 360 -21.15 1.67 29.39
N HIS B 361 -21.22 2.90 28.90
CA HIS B 361 -22.42 3.46 28.30
C HIS B 361 -22.77 2.70 27.02
N HIS B 362 -24.08 2.59 26.75
CA HIS B 362 -24.61 1.86 25.58
C HIS B 362 -24.45 0.34 25.68
N HIS B 363 -24.12 -0.16 26.87
CA HIS B 363 -24.04 -1.61 27.10
C HIS B 363 -25.41 -2.11 27.60
N PRO B 364 -25.84 -3.32 27.18
CA PRO B 364 -27.07 -3.91 27.74
C PRO B 364 -27.07 -4.07 29.27
N LYS B 365 -25.88 -4.06 29.88
CA LYS B 365 -25.74 -4.25 31.33
C LYS B 365 -25.27 -2.96 32.04
N PHE B 366 -25.25 -1.85 31.31
CA PHE B 366 -25.03 -0.51 31.86
C PHE B 366 -25.82 -0.31 33.15
N ASN B 367 -25.13 0.18 34.18
CA ASN B 367 -25.73 0.42 35.49
C ASN B 367 -24.97 1.55 36.17
N ILE B 368 -25.68 2.32 36.99
CA ILE B 368 -25.05 3.43 37.71
C ILE B 368 -25.35 3.39 39.22
N SER B 369 -24.45 3.97 40.01
CA SER B 369 -24.75 4.30 41.40
C SER B 369 -25.80 5.41 41.42
N GLU B 370 -26.88 5.18 42.18
CA GLU B 370 -27.97 6.16 42.28
C GLU B 370 -27.62 7.35 43.18
N LYS B 371 -26.46 7.29 43.84
CA LYS B 371 -25.90 8.43 44.57
C LYS B 371 -25.55 9.59 43.64
N SER B 372 -25.41 9.30 42.35
CA SER B 372 -25.00 10.31 41.38
C SER B 372 -26.10 11.35 41.15
N LEU B 373 -27.32 11.01 41.52
CA LEU B 373 -28.46 11.92 41.38
C LEU B 373 -28.34 13.11 42.32
N LEU B 374 -28.15 12.83 43.61
CA LEU B 374 -28.10 13.88 44.62
C LEU B 374 -26.88 14.76 44.38
N ILE B 375 -25.75 14.11 44.13
CA ILE B 375 -24.50 14.79 43.85
C ILE B 375 -24.64 15.75 42.65
N SER B 376 -25.27 15.28 41.57
CA SER B 376 -25.52 16.11 40.38
C SER B 376 -26.35 17.36 40.71
N ALA B 377 -27.48 17.15 41.41
CA ALA B 377 -28.35 18.25 41.79
C ALA B 377 -27.65 19.25 42.72
N GLU B 378 -26.91 18.73 43.69
CA GLU B 378 -26.13 19.57 44.61
C GLU B 378 -25.10 20.41 43.87
N ALA B 379 -24.43 19.80 42.89
CA ALA B 379 -23.44 20.50 42.06
C ALA B 379 -24.06 21.61 41.20
N VAL B 380 -25.07 21.25 40.40
CA VAL B 380 -25.72 22.22 39.52
C VAL B 380 -26.40 23.35 40.33
N GLY B 381 -27.05 23.01 41.43
CA GLY B 381 -27.71 24.01 42.29
C GLY B 381 -26.72 25.02 42.87
N THR B 382 -25.63 24.51 43.43
CA THR B 382 -24.52 25.31 43.97
C THR B 382 -24.00 26.32 42.95
N VAL B 383 -23.79 25.87 41.71
CA VAL B 383 -23.38 26.78 40.63
C VAL B 383 -24.48 27.80 40.31
N VAL B 384 -25.73 27.34 40.21
CA VAL B 384 -26.86 28.23 39.97
C VAL B 384 -26.91 29.36 41.02
N LEU B 385 -26.84 29.00 42.29
CA LEU B 385 -26.92 29.96 43.39
C LEU B 385 -25.74 30.92 43.50
N ASP B 386 -24.52 30.42 43.28
CA ASP B 386 -23.34 31.29 43.30
C ASP B 386 -23.22 32.16 42.06
N TYR B 387 -23.60 31.58 40.91
CA TYR B 387 -23.56 32.29 39.63
C TYR B 387 -24.60 33.40 39.60
N LEU B 388 -25.77 33.13 40.15
CA LEU B 388 -26.88 34.10 40.11
C LEU B 388 -27.01 34.97 41.36
N LYS B 389 -26.06 34.83 42.29
CA LYS B 389 -25.99 35.66 43.49
C LYS B 389 -25.76 37.12 43.10
N MET C 1 -10.02 -42.83 -50.06
CA MET C 1 -8.97 -42.00 -50.56
C MET C 1 -9.46 -40.58 -50.57
N ASN C 2 -8.53 -39.68 -50.64
CA ASN C 2 -8.73 -38.24 -50.53
C ASN C 2 -9.67 -37.61 -51.55
N GLN C 3 -9.48 -37.93 -52.81
CA GLN C 3 -10.32 -37.36 -53.84
C GLN C 3 -11.77 -37.74 -53.60
N GLN C 4 -11.98 -38.99 -53.27
CA GLN C 4 -13.28 -39.48 -52.90
C GLN C 4 -13.88 -38.62 -51.81
N LEU C 5 -13.11 -38.48 -50.75
CA LEU C 5 -13.56 -37.80 -49.54
C LEU C 5 -13.98 -36.36 -49.82
N ILE C 6 -13.10 -35.60 -50.45
CA ILE C 6 -13.35 -34.20 -50.77
C ILE C 6 -14.60 -34.03 -51.63
N GLU C 7 -14.69 -34.77 -52.73
CA GLU C 7 -15.87 -34.77 -53.60
C GLU C 7 -17.13 -35.05 -52.80
N THR C 8 -17.10 -36.16 -52.11
CA THR C 8 -18.24 -36.57 -51.29
C THR C 8 -18.64 -35.47 -50.31
N LEU C 9 -17.68 -34.90 -49.59
CA LEU C 9 -17.96 -33.81 -48.65
C LEU C 9 -18.48 -32.57 -49.35
N LYS C 10 -17.94 -32.28 -50.54
CA LYS C 10 -18.39 -31.15 -51.35
C LYS C 10 -19.86 -31.27 -51.75
N SER C 11 -20.28 -32.46 -52.15
CA SER C 11 -21.67 -32.69 -52.56
C SER C 11 -22.64 -32.52 -51.38
N LYS C 12 -22.11 -32.67 -50.17
CA LYS C 12 -22.92 -32.60 -48.97
C LYS C 12 -22.84 -31.25 -48.24
N GLU C 13 -22.25 -30.26 -48.86
CA GLU C 13 -22.10 -28.96 -48.24
C GLU C 13 -23.41 -28.31 -47.90
N GLY C 14 -24.41 -28.50 -48.73
CA GLY C 14 -25.76 -28.00 -48.47
C GLY C 14 -26.39 -28.61 -47.23
N LYS C 15 -26.11 -29.88 -47.00
CA LYS C 15 -26.59 -30.58 -45.81
C LYS C 15 -25.92 -29.98 -44.55
N MET C 16 -24.63 -29.67 -44.62
CA MET C 16 -23.92 -29.00 -43.52
C MET C 16 -24.57 -27.68 -43.15
N ILE C 17 -24.81 -26.85 -44.16
CA ILE C 17 -25.41 -25.53 -43.96
C ILE C 17 -26.82 -25.62 -43.38
N GLU C 18 -27.63 -26.53 -43.90
CA GLU C 18 -29.00 -26.74 -43.40
C GLU C 18 -29.05 -27.20 -41.94
N ILE C 19 -28.15 -28.11 -41.56
CA ILE C 19 -28.03 -28.56 -40.18
C ILE C 19 -27.56 -27.42 -39.26
N ARG C 20 -26.59 -26.64 -39.72
CA ARG C 20 -26.09 -25.51 -38.98
C ARG C 20 -27.14 -24.49 -38.68
N ARG C 21 -27.92 -24.16 -39.68
CA ARG C 21 -28.98 -23.17 -39.51
C ARG C 21 -30.08 -23.64 -38.61
N TYR C 22 -30.44 -24.90 -38.73
CA TYR C 22 -31.41 -25.53 -37.83
C TYR C 22 -30.95 -25.44 -36.38
N LEU C 23 -29.67 -25.73 -36.14
CA LEU C 23 -29.10 -25.71 -34.78
C LEU C 23 -28.96 -24.29 -34.24
N HIS C 24 -28.67 -23.35 -35.13
CA HIS C 24 -28.57 -21.93 -34.77
C HIS C 24 -29.94 -21.37 -34.39
N GLN C 25 -30.99 -21.98 -34.93
CA GLN C 25 -32.36 -21.59 -34.66
C GLN C 25 -32.87 -22.11 -33.33
N HIS C 26 -32.33 -23.20 -32.84
CA HIS C 26 -32.74 -23.80 -31.57
C HIS C 26 -31.54 -24.13 -30.66
N PRO C 27 -30.92 -23.09 -30.05
CA PRO C 27 -29.77 -23.28 -29.17
C PRO C 27 -30.17 -23.62 -27.73
N GLU C 28 -29.30 -24.33 -27.03
CA GLU C 28 -29.55 -24.75 -25.65
C GLU C 28 -28.34 -24.49 -24.76
N LEU C 29 -28.61 -24.07 -23.52
CA LEU C 29 -27.56 -23.71 -22.56
C LEU C 29 -26.72 -24.91 -22.08
N SER C 30 -25.52 -24.60 -21.59
CA SER C 30 -24.60 -25.60 -21.02
C SER C 30 -25.27 -26.34 -19.87
N PHE C 31 -25.15 -27.67 -19.87
CA PHE C 31 -25.84 -28.56 -18.91
C PHE C 31 -27.36 -28.61 -19.10
N HIS C 32 -27.87 -28.02 -20.17
CA HIS C 32 -29.32 -28.02 -20.46
C HIS C 32 -29.64 -28.40 -21.91
N GLU C 33 -28.65 -29.01 -22.57
CA GLU C 33 -28.74 -29.28 -24.01
C GLU C 33 -29.44 -30.59 -24.36
N ASP C 34 -30.65 -30.78 -23.87
CA ASP C 34 -31.38 -32.02 -24.13
C ASP C 34 -31.87 -32.18 -25.56
N GLU C 35 -32.47 -31.14 -26.12
CA GLU C 35 -32.97 -31.21 -27.47
C GLU C 35 -31.87 -31.38 -28.53
N THR C 36 -30.72 -30.77 -28.31
CA THR C 36 -29.58 -30.85 -29.23
C THR C 36 -28.88 -32.22 -29.16
N ALA C 37 -28.74 -32.77 -27.95
CA ALA C 37 -28.17 -34.09 -27.78
C ALA C 37 -29.04 -35.19 -28.42
N LYS C 38 -30.34 -35.03 -28.39
CA LYS C 38 -31.24 -36.01 -29.00
C LYS C 38 -31.17 -35.93 -30.52
N TYR C 39 -31.09 -34.72 -31.03
CA TYR C 39 -30.91 -34.50 -32.47
C TYR C 39 -29.60 -35.16 -32.96
N ILE C 40 -28.53 -35.02 -32.19
CA ILE C 40 -27.24 -35.58 -32.57
C ILE C 40 -27.33 -37.11 -32.57
N ALA C 41 -28.01 -37.66 -31.57
CA ALA C 41 -28.17 -39.10 -31.48
C ALA C 41 -29.10 -39.61 -32.60
N GLU C 42 -30.20 -38.91 -32.84
CA GLU C 42 -31.13 -39.23 -33.94
C GLU C 42 -30.47 -39.23 -35.31
N PHE C 43 -29.52 -38.32 -35.50
CA PHE C 43 -28.81 -38.22 -36.76
C PHE C 43 -28.14 -39.53 -37.12
N TYR C 44 -27.61 -40.23 -36.13
CA TYR C 44 -26.83 -41.43 -36.38
C TYR C 44 -27.67 -42.70 -36.57
N LYS C 45 -28.99 -42.59 -36.44
CA LYS C 45 -29.87 -43.72 -36.77
C LYS C 45 -29.86 -43.99 -38.27
N GLY C 46 -29.76 -45.27 -38.63
CA GLY C 46 -29.63 -45.69 -40.02
C GLY C 46 -28.20 -45.80 -40.50
N LYS C 47 -27.28 -45.28 -39.70
CA LYS C 47 -25.87 -45.21 -40.10
C LYS C 47 -25.01 -46.25 -39.39
N ASP C 48 -23.99 -46.73 -40.11
CA ASP C 48 -23.15 -47.81 -39.63
C ASP C 48 -22.06 -47.34 -38.66
N VAL C 49 -22.49 -46.90 -37.48
CA VAL C 49 -21.61 -46.44 -36.40
C VAL C 49 -22.13 -47.02 -35.08
N GLU C 50 -21.29 -47.02 -34.04
CA GLU C 50 -21.75 -47.40 -32.71
C GLU C 50 -21.90 -46.15 -31.83
N VAL C 51 -23.14 -45.92 -31.39
CA VAL C 51 -23.48 -44.71 -30.66
C VAL C 51 -23.66 -45.01 -29.18
N GLU C 52 -22.73 -44.52 -28.37
CA GLU C 52 -22.84 -44.58 -26.91
C GLU C 52 -23.34 -43.23 -26.44
N THR C 53 -24.33 -43.25 -25.55
CA THR C 53 -25.08 -42.04 -25.27
C THR C 53 -25.05 -41.58 -23.80
N ASN C 54 -24.57 -42.43 -22.92
CA ASN C 54 -24.60 -42.10 -21.49
C ASN C 54 -23.20 -41.74 -20.95
N VAL C 55 -22.36 -41.14 -21.78
CA VAL C 55 -20.95 -40.99 -21.41
C VAL C 55 -20.35 -39.63 -21.72
N GLY C 56 -20.62 -38.64 -20.87
CA GLY C 56 -21.47 -38.78 -19.67
C GLY C 56 -22.80 -38.07 -19.88
N PRO C 57 -23.18 -37.16 -18.96
CA PRO C 57 -24.47 -36.45 -19.08
C PRO C 57 -24.58 -35.70 -20.41
N ARG C 58 -25.55 -36.12 -21.23
CA ARG C 58 -25.78 -35.57 -22.58
C ARG C 58 -24.59 -35.74 -23.52
N GLY C 59 -23.57 -36.46 -23.06
CA GLY C 59 -22.38 -36.70 -23.85
C GLY C 59 -22.60 -37.85 -24.82
N ILE C 60 -22.20 -37.62 -26.07
CA ILE C 60 -22.34 -38.64 -27.10
C ILE C 60 -20.98 -38.98 -27.70
N LYS C 61 -20.72 -40.29 -27.74
CA LYS C 61 -19.49 -40.81 -28.30
C LYS C 61 -19.90 -41.78 -29.41
N VAL C 62 -19.46 -41.51 -30.64
CA VAL C 62 -19.79 -42.43 -31.72
C VAL C 62 -18.53 -43.02 -32.32
N THR C 63 -18.50 -44.35 -32.39
CA THR C 63 -17.33 -45.06 -32.88
C THR C 63 -17.54 -45.48 -34.34
N ILE C 64 -16.55 -45.18 -35.16
CA ILE C 64 -16.53 -45.63 -36.55
C ILE C 64 -15.38 -46.62 -36.66
N ASP C 65 -15.70 -47.91 -36.56
CA ASP C 65 -14.69 -48.96 -36.51
C ASP C 65 -14.53 -49.59 -37.88
N SER C 66 -13.35 -49.38 -38.48
CA SER C 66 -13.03 -49.96 -39.79
C SER C 66 -13.19 -51.48 -39.88
N GLY C 67 -13.26 -52.13 -38.73
CA GLY C 67 -13.30 -53.60 -38.65
C GLY C 67 -11.91 -54.21 -38.77
N LYS C 68 -10.89 -53.35 -38.88
CA LYS C 68 -9.50 -53.79 -38.98
C LYS C 68 -8.69 -53.24 -37.80
N PRO C 69 -7.67 -54.00 -37.35
CA PRO C 69 -6.79 -53.51 -36.28
C PRO C 69 -5.99 -52.27 -36.69
N GLY C 70 -5.87 -51.32 -35.77
CA GLY C 70 -5.12 -50.11 -36.04
C GLY C 70 -5.26 -49.07 -34.94
N LYS C 71 -4.78 -47.86 -35.23
CA LYS C 71 -4.80 -46.76 -34.28
C LYS C 71 -6.21 -46.24 -34.02
N THR C 72 -6.35 -45.38 -33.02
CA THR C 72 -7.63 -44.77 -32.72
C THR C 72 -7.44 -43.27 -32.61
N LEU C 73 -8.17 -42.55 -33.45
CA LEU C 73 -8.19 -41.09 -33.42
C LEU C 73 -9.53 -40.61 -32.91
N ALA C 74 -9.51 -39.67 -31.98
CA ALA C 74 -10.72 -39.01 -31.52
C ALA C 74 -10.82 -37.66 -32.22
N ILE C 75 -12.01 -37.33 -32.70
CA ILE C 75 -12.27 -36.01 -33.25
C ILE C 75 -13.45 -35.38 -32.49
N ARG C 76 -13.31 -34.11 -32.12
CA ARG C 76 -14.21 -33.49 -31.15
C ARG C 76 -14.95 -32.30 -31.73
N ALA C 77 -16.25 -32.24 -31.46
CA ALA C 77 -17.08 -31.07 -31.71
C ALA C 77 -18.01 -30.82 -30.51
N ASP C 78 -18.10 -29.57 -30.07
CA ASP C 78 -18.97 -29.20 -28.96
C ASP C 78 -20.33 -28.67 -29.44
N PHE C 79 -21.33 -28.67 -28.56
CA PHE C 79 -22.68 -28.26 -29.00
C PHE C 79 -23.48 -27.34 -28.08
N ASP C 80 -22.94 -26.96 -26.93
CA ASP C 80 -23.60 -25.98 -26.05
C ASP C 80 -23.68 -24.56 -26.60
N ALA C 81 -24.71 -23.85 -26.19
CA ALA C 81 -24.88 -22.46 -26.60
C ALA C 81 -24.70 -21.52 -25.40
N LEU C 82 -24.95 -20.22 -25.60
CA LEU C 82 -24.58 -19.19 -24.63
C LEU C 82 -25.77 -18.31 -24.20
N PRO C 83 -25.73 -17.80 -22.94
CA PRO C 83 -26.83 -16.94 -22.47
C PRO C 83 -26.75 -15.52 -23.04
N ILE C 84 -27.07 -15.42 -24.34
CA ILE C 84 -27.01 -14.14 -25.07
C ILE C 84 -28.24 -14.02 -25.98
N THR C 85 -28.85 -12.84 -25.99
CA THR C 85 -29.98 -12.57 -26.85
C THR C 85 -29.53 -12.15 -28.24
N GLU C 86 -29.90 -12.93 -29.23
CA GLU C 86 -29.42 -12.70 -30.59
C GLU C 86 -29.95 -11.39 -31.20
N ASP C 87 -29.06 -10.49 -31.60
CA ASP C 87 -29.53 -9.33 -32.31
C ASP C 87 -28.81 -9.23 -33.63
N THR C 88 -28.53 -10.40 -34.15
CA THR C 88 -27.95 -10.58 -35.49
C THR C 88 -29.03 -10.42 -36.58
N GLY C 89 -30.27 -10.77 -36.24
CA GLY C 89 -31.41 -10.58 -37.13
C GLY C 89 -31.48 -11.45 -38.38
N LEU C 90 -30.69 -12.52 -38.41
CA LEU C 90 -30.72 -13.47 -39.53
C LEU C 90 -32.03 -14.24 -39.56
N SER C 91 -32.38 -14.73 -40.74
CA SER C 91 -33.59 -15.49 -40.92
C SER C 91 -33.66 -16.64 -39.97
N PHE C 92 -32.50 -17.18 -39.63
CA PHE C 92 -32.44 -18.37 -38.79
C PHE C 92 -32.00 -18.11 -37.37
N ALA C 93 -32.13 -16.87 -36.96
CA ALA C 93 -31.74 -16.45 -35.61
C ALA C 93 -32.53 -17.20 -34.54
N SER C 94 -31.95 -17.29 -33.34
CA SER C 94 -32.52 -18.05 -32.23
C SER C 94 -33.95 -17.62 -31.87
N GLN C 95 -34.86 -18.58 -31.87
CA GLN C 95 -36.23 -18.37 -31.41
C GLN C 95 -36.48 -19.06 -30.06
N ASN C 96 -35.39 -19.41 -29.37
CA ASN C 96 -35.45 -20.03 -28.05
C ASN C 96 -34.93 -19.06 -26.98
N LYS C 97 -35.87 -18.47 -26.22
CA LYS C 97 -35.58 -17.61 -25.07
C LYS C 97 -34.55 -16.51 -25.28
N GLY C 98 -33.58 -16.45 -24.36
CA GLY C 98 -32.47 -15.50 -24.44
C GLY C 98 -31.14 -16.22 -24.51
N VAL C 99 -31.01 -17.12 -25.49
CA VAL C 99 -29.81 -17.94 -25.66
C VAL C 99 -29.44 -18.03 -27.16
N MET C 100 -28.14 -18.10 -27.45
CA MET C 100 -27.62 -18.02 -28.82
C MET C 100 -26.30 -18.80 -29.00
N HIS C 101 -26.14 -19.43 -30.16
CA HIS C 101 -24.86 -20.01 -30.55
C HIS C 101 -23.86 -18.95 -30.97
N ALA C 102 -23.37 -18.18 -29.99
CA ALA C 102 -22.46 -17.06 -30.22
C ALA C 102 -20.97 -17.46 -30.26
N CYS C 103 -20.70 -18.76 -30.25
CA CYS C 103 -19.32 -19.25 -30.35
C CYS C 103 -19.17 -20.26 -31.51
N GLY C 104 -20.19 -20.37 -32.36
CA GLY C 104 -20.12 -21.22 -33.55
C GLY C 104 -20.16 -22.72 -33.30
N HIS C 105 -20.66 -23.13 -32.14
CA HIS C 105 -20.78 -24.54 -31.80
C HIS C 105 -21.78 -25.28 -32.71
N ASP C 106 -22.75 -24.55 -33.25
CA ASP C 106 -23.67 -25.07 -34.27
C ASP C 106 -22.93 -25.48 -35.54
N ALA C 107 -21.88 -24.74 -35.89
CA ALA C 107 -21.05 -25.08 -37.03
C ALA C 107 -20.16 -26.30 -36.77
N HIS C 108 -19.65 -26.42 -35.54
CA HIS C 108 -18.81 -27.57 -35.21
C HIS C 108 -19.62 -28.86 -35.32
N THR C 109 -20.79 -28.87 -34.70
CA THR C 109 -21.68 -30.01 -34.74
C THR C 109 -22.09 -30.33 -36.17
N ALA C 110 -22.47 -29.31 -36.94
CA ALA C 110 -22.95 -29.49 -38.32
C ALA C 110 -21.93 -30.16 -39.25
N TYR C 111 -20.68 -29.69 -39.27
CA TYR C 111 -19.68 -30.29 -40.16
C TYR C 111 -19.31 -31.68 -39.63
N MET C 112 -19.29 -31.83 -38.31
CA MET C 112 -18.91 -33.09 -37.70
C MET C 112 -19.88 -34.24 -38.02
N LEU C 113 -21.19 -33.97 -37.95
CA LEU C 113 -22.20 -34.97 -38.28
C LEU C 113 -22.06 -35.49 -39.70
N VAL C 114 -21.85 -34.57 -40.63
CA VAL C 114 -21.70 -34.89 -42.05
C VAL C 114 -20.37 -35.59 -42.34
N LEU C 115 -19.30 -35.16 -41.67
CA LEU C 115 -18.02 -35.83 -41.79
C LEU C 115 -18.07 -37.26 -41.28
N ALA C 116 -18.70 -37.46 -40.12
CA ALA C 116 -18.81 -38.77 -39.51
C ALA C 116 -19.62 -39.70 -40.40
N GLU C 117 -20.69 -39.16 -40.98
CA GLU C 117 -21.55 -39.89 -41.89
C GLU C 117 -20.72 -40.37 -43.09
N THR C 118 -19.91 -39.47 -43.62
CA THR C 118 -19.07 -39.74 -44.78
C THR C 118 -17.99 -40.79 -44.47
N LEU C 119 -17.30 -40.63 -43.34
CA LEU C 119 -16.26 -41.57 -42.91
C LEU C 119 -16.77 -42.98 -42.67
N ALA C 120 -18.01 -43.11 -42.19
CA ALA C 120 -18.65 -44.42 -42.03
C ALA C 120 -18.84 -45.16 -43.36
N GLU C 121 -18.98 -44.38 -44.44
CA GLU C 121 -19.14 -44.94 -45.79
C GLU C 121 -17.80 -45.34 -46.42
N MET C 122 -16.71 -45.10 -45.69
CA MET C 122 -15.36 -45.31 -46.18
C MET C 122 -14.52 -46.22 -45.32
N LYS C 123 -15.17 -47.08 -44.60
CA LYS C 123 -14.48 -48.03 -43.72
C LYS C 123 -13.41 -48.84 -44.46
N ASP C 124 -13.51 -48.85 -45.77
CA ASP C 124 -12.57 -49.52 -46.62
C ASP C 124 -11.27 -48.77 -46.67
N SER C 125 -11.36 -47.45 -46.57
CA SER C 125 -10.23 -46.55 -46.83
C SER C 125 -9.34 -46.23 -45.63
N PHE C 126 -9.63 -46.85 -44.49
CA PHE C 126 -8.80 -46.64 -43.31
C PHE C 126 -8.79 -47.85 -42.37
N THR C 127 -7.84 -47.85 -41.44
CA THR C 127 -7.72 -48.90 -40.43
C THR C 127 -7.98 -48.35 -39.02
N GLY C 128 -8.13 -49.25 -38.05
CA GLY C 128 -8.45 -48.85 -36.69
C GLY C 128 -9.84 -48.25 -36.54
N LYS C 129 -9.93 -47.20 -35.72
CA LYS C 129 -11.21 -46.63 -35.31
C LYS C 129 -11.14 -45.11 -35.26
N VAL C 130 -12.25 -44.46 -35.64
CA VAL C 130 -12.46 -43.05 -35.34
C VAL C 130 -13.45 -42.99 -34.20
N VAL C 131 -13.15 -42.14 -33.21
CA VAL C 131 -14.11 -41.87 -32.15
C VAL C 131 -14.59 -40.43 -32.30
N VAL C 132 -15.88 -40.27 -32.59
CA VAL C 132 -16.43 -38.93 -32.66
C VAL C 132 -16.97 -38.53 -31.31
N ILE C 133 -16.48 -37.39 -30.82
CA ILE C 133 -16.89 -36.85 -29.53
C ILE C 133 -17.76 -35.64 -29.76
N HIS C 134 -19.05 -35.82 -29.49
CA HIS C 134 -19.99 -34.72 -29.44
C HIS C 134 -20.11 -34.31 -27.98
N GLN C 135 -19.56 -33.14 -27.68
CA GLN C 135 -19.39 -32.73 -26.29
C GLN C 135 -20.30 -31.56 -25.91
N PRO C 136 -21.06 -31.71 -24.81
CA PRO C 136 -21.83 -30.61 -24.23
C PRO C 136 -20.98 -29.71 -23.33
N ALA C 137 -21.61 -28.68 -22.78
CA ALA C 137 -21.12 -27.91 -21.62
C ALA C 137 -19.67 -27.42 -21.68
N GLU C 138 -19.23 -26.98 -22.85
CA GLU C 138 -17.88 -26.45 -23.00
C GLU C 138 -17.79 -25.10 -22.28
N GLU C 139 -18.86 -24.31 -22.36
CA GLU C 139 -18.83 -22.89 -21.98
C GLU C 139 -18.81 -22.59 -20.49
N VAL C 140 -19.27 -23.55 -19.68
CA VAL C 140 -19.42 -23.34 -18.23
C VAL C 140 -18.68 -24.39 -17.40
N PRO C 141 -17.78 -23.94 -16.50
CA PRO C 141 -17.12 -24.80 -15.50
C PRO C 141 -18.13 -25.63 -14.67
N PRO C 142 -17.80 -26.90 -14.31
CA PRO C 142 -16.56 -27.67 -14.58
C PRO C 142 -16.33 -28.04 -16.05
N GLY C 143 -17.40 -28.06 -16.84
CA GLY C 143 -17.30 -28.40 -18.25
C GLY C 143 -17.73 -29.81 -18.61
N GLY C 144 -17.82 -30.07 -19.91
CA GLY C 144 -18.20 -31.36 -20.45
C GLY C 144 -17.02 -32.28 -20.70
N ALA C 145 -15.87 -31.72 -21.08
CA ALA C 145 -14.69 -32.53 -21.41
C ALA C 145 -14.22 -33.39 -20.24
N LYS C 146 -14.02 -32.76 -19.09
CA LYS C 146 -13.65 -33.47 -17.85
C LYS C 146 -14.63 -34.59 -17.53
N THR C 147 -15.93 -34.30 -17.60
CA THR C 147 -16.98 -35.31 -17.35
C THR C 147 -16.97 -36.45 -18.37
N MET C 148 -16.80 -36.12 -19.65
CA MET C 148 -16.73 -37.16 -20.67
C MET C 148 -15.51 -38.05 -20.47
N ILE C 149 -14.41 -37.43 -20.05
CA ILE C 149 -13.16 -38.14 -19.80
C ILE C 149 -13.25 -39.10 -18.61
N GLU C 150 -13.86 -38.66 -17.52
CA GLU C 150 -14.05 -39.55 -16.37
C GLU C 150 -15.04 -40.67 -16.70
N ASN C 151 -15.84 -40.45 -17.74
CA ASN C 151 -16.73 -41.50 -18.27
C ASN C 151 -16.12 -42.31 -19.42
N GLY C 152 -14.78 -42.29 -19.54
CA GLY C 152 -14.09 -43.18 -20.49
C GLY C 152 -14.10 -42.81 -21.97
N VAL C 153 -14.38 -41.55 -22.29
CA VAL C 153 -14.38 -41.12 -23.71
C VAL C 153 -13.02 -41.34 -24.41
N LEU C 154 -11.94 -41.32 -23.64
CA LEU C 154 -10.62 -41.53 -24.22
C LEU C 154 -10.08 -42.96 -24.05
N ASP C 155 -10.95 -43.92 -23.75
CA ASP C 155 -10.50 -45.30 -23.60
C ASP C 155 -9.98 -45.83 -24.93
N GLY C 156 -8.69 -46.14 -24.97
CA GLY C 156 -8.06 -46.68 -26.19
C GLY C 156 -7.78 -45.67 -27.29
N VAL C 157 -7.98 -44.38 -27.03
CA VAL C 157 -7.72 -43.33 -28.01
C VAL C 157 -6.24 -42.99 -28.00
N ASP C 158 -5.63 -42.85 -29.17
CA ASP C 158 -4.21 -42.49 -29.24
C ASP C 158 -3.96 -40.97 -29.33
N HIS C 159 -4.73 -40.28 -30.17
CA HIS C 159 -4.63 -38.82 -30.36
C HIS C 159 -6.02 -38.22 -30.46
N VAL C 160 -6.12 -36.93 -30.15
CA VAL C 160 -7.38 -36.18 -30.27
C VAL C 160 -7.19 -34.95 -31.16
N LEU C 161 -8.15 -34.73 -32.04
CA LEU C 161 -8.12 -33.58 -32.92
C LEU C 161 -9.39 -32.77 -32.70
N GLY C 162 -9.25 -31.46 -32.58
CA GLY C 162 -10.41 -30.59 -32.47
C GLY C 162 -10.28 -29.35 -33.34
N VAL C 163 -11.41 -28.79 -33.72
CA VAL C 163 -11.46 -27.60 -34.55
C VAL C 163 -12.38 -26.58 -33.91
N HIS C 164 -11.97 -25.32 -33.91
CA HIS C 164 -12.87 -24.23 -33.56
C HIS C 164 -12.94 -23.23 -34.72
N VAL C 165 -14.15 -22.89 -35.16
CA VAL C 165 -14.30 -21.82 -36.14
C VAL C 165 -13.98 -20.51 -35.42
N MET C 166 -13.36 -19.58 -36.12
CA MET C 166 -12.93 -18.36 -35.48
C MET C 166 -13.54 -17.11 -36.07
N SER C 167 -14.43 -16.41 -35.43
CA SER C 167 -15.03 -15.27 -36.09
C SER C 167 -14.08 -14.11 -36.40
N THR C 168 -12.90 -14.12 -35.83
CA THR C 168 -12.02 -13.03 -36.04
C THR C 168 -10.85 -13.37 -36.91
N MET C 169 -10.83 -14.56 -37.48
CA MET C 169 -9.74 -14.94 -38.36
C MET C 169 -10.18 -15.03 -39.81
N LYS C 170 -9.31 -14.73 -40.77
CA LYS C 170 -9.71 -14.65 -42.16
C LYS C 170 -10.18 -15.94 -42.70
N THR C 171 -11.37 -15.99 -43.31
CA THR C 171 -11.86 -17.19 -43.98
C THR C 171 -10.99 -17.60 -45.14
N GLY C 172 -10.76 -18.88 -45.32
CA GLY C 172 -9.92 -19.34 -46.38
C GLY C 172 -8.67 -20.08 -45.96
N LYS C 173 -8.36 -20.19 -44.68
CA LYS C 173 -7.21 -20.98 -44.25
C LYS C 173 -7.49 -21.88 -43.04
N VAL C 174 -6.68 -22.84 -42.71
CA VAL C 174 -6.80 -23.24 -41.35
C VAL C 174 -5.58 -22.73 -40.61
N TYR C 175 -5.71 -22.52 -39.32
CA TYR C 175 -4.65 -22.05 -38.47
C TYR C 175 -4.27 -22.99 -37.33
N TYR C 176 -2.99 -23.07 -37.07
CA TYR C 176 -2.44 -23.91 -36.06
C TYR C 176 -1.32 -23.23 -35.26
N ARG C 177 -1.06 -23.73 -34.07
CA ARG C 177 0.14 -23.41 -33.32
C ARG C 177 0.55 -24.57 -32.41
N PRO C 178 1.83 -24.98 -32.45
CA PRO C 178 2.31 -25.99 -31.51
C PRO C 178 2.47 -25.41 -30.10
N GLY C 179 2.37 -26.25 -29.09
CA GLY C 179 2.55 -25.83 -27.72
C GLY C 179 1.29 -25.21 -27.17
N TYR C 180 1.46 -24.34 -26.18
CA TYR C 180 0.33 -23.71 -25.52
C TYR C 180 -0.34 -22.66 -26.38
N VAL C 181 -1.63 -22.84 -26.65
CA VAL C 181 -2.36 -21.98 -27.58
C VAL C 181 -3.52 -21.23 -26.95
N GLN C 182 -4.04 -21.76 -25.85
CA GLN C 182 -5.11 -21.08 -25.13
C GLN C 182 -4.89 -21.18 -23.63
N THR C 183 -5.37 -20.16 -22.91
CA THR C 183 -5.13 -20.00 -21.50
C THR C 183 -5.95 -20.98 -20.70
N GLY C 184 -5.39 -21.37 -19.57
CA GLY C 184 -6.11 -22.12 -18.56
C GLY C 184 -6.62 -21.18 -17.48
N ARG C 185 -7.44 -21.68 -16.60
CA ARG C 185 -8.14 -20.90 -15.63
C ARG C 185 -8.08 -21.49 -14.25
N ALA C 186 -8.12 -20.62 -13.28
CA ALA C 186 -8.35 -20.96 -11.87
C ALA C 186 -9.25 -19.89 -11.24
N PHE C 187 -9.89 -20.23 -10.15
CA PHE C 187 -10.66 -19.29 -9.39
C PHE C 187 -10.47 -19.49 -7.90
N PHE C 188 -10.57 -18.42 -7.12
CA PHE C 188 -10.36 -18.56 -5.66
C PHE C 188 -11.33 -17.74 -4.84
N LYS C 189 -11.61 -18.20 -3.63
CA LYS C 189 -12.30 -17.38 -2.64
C LYS C 189 -11.40 -17.25 -1.42
N LEU C 190 -11.18 -16.00 -0.98
CA LEU C 190 -10.41 -15.75 0.22
C LEU C 190 -11.31 -15.12 1.28
N LYS C 191 -11.41 -15.77 2.40
CA LYS C 191 -12.07 -15.22 3.54
C LYS C 191 -11.06 -14.61 4.50
N VAL C 192 -11.19 -13.33 4.80
CA VAL C 192 -10.25 -12.64 5.70
C VAL C 192 -10.98 -12.36 7.00
N GLN C 193 -10.64 -13.11 8.04
CA GLN C 193 -11.29 -12.98 9.35
C GLN C 193 -10.45 -12.13 10.29
N GLY C 194 -10.99 -10.98 10.69
CA GLY C 194 -10.35 -10.09 11.64
C GLY C 194 -11.17 -10.11 12.92
N LYS C 195 -11.36 -8.95 13.55
CA LYS C 195 -12.16 -8.84 14.77
C LYS C 195 -12.95 -7.55 14.70
N GLY C 196 -14.28 -7.67 14.56
CA GLY C 196 -15.14 -6.49 14.48
C GLY C 196 -15.20 -5.71 15.78
N GLY C 197 -15.65 -4.45 15.70
CA GLY C 197 -15.76 -3.59 16.86
C GLY C 197 -16.29 -2.21 16.53
N HIS C 198 -16.59 -1.42 17.57
CA HIS C 198 -17.02 -0.04 17.35
C HIS C 198 -15.97 0.77 16.60
N GLY C 199 -16.44 1.55 15.63
CA GLY C 199 -15.56 2.24 14.68
C GLY C 199 -14.58 3.21 15.29
N SER C 200 -14.84 3.67 16.50
CA SER C 200 -13.96 4.65 17.14
C SER C 200 -12.94 4.08 18.13
N SER C 201 -12.93 2.76 18.29
CA SER C 201 -11.89 2.10 19.08
C SER C 201 -11.14 1.08 18.22
N PRO C 202 -10.37 1.56 17.23
CA PRO C 202 -9.65 0.63 16.33
C PRO C 202 -8.71 -0.32 17.06
N HIS C 203 -8.12 0.18 18.14
CA HIS C 203 -7.16 -0.59 18.93
C HIS C 203 -7.76 -1.86 19.56
N MET C 204 -9.08 -1.93 19.68
CA MET C 204 -9.80 -3.09 20.20
C MET C 204 -10.30 -4.04 19.13
N ALA C 205 -9.97 -3.73 17.91
CA ALA C 205 -10.45 -4.49 16.77
C ALA C 205 -9.30 -4.95 15.86
N ASN C 206 -9.60 -5.81 14.90
CA ASN C 206 -8.63 -6.13 13.84
C ASN C 206 -9.37 -5.97 12.50
N ASP C 207 -9.04 -4.88 11.82
CA ASP C 207 -9.85 -4.36 10.70
C ASP C 207 -9.68 -5.26 9.46
N ALA C 208 -10.75 -5.98 9.10
CA ALA C 208 -10.72 -6.86 7.92
C ALA C 208 -10.71 -6.11 6.58
N ILE C 209 -11.35 -4.94 6.50
CA ILE C 209 -11.31 -4.18 5.26
C ILE C 209 -9.90 -3.66 4.96
N VAL C 210 -9.20 -3.22 6.01
CA VAL C 210 -7.82 -2.77 5.92
C VAL C 210 -6.87 -3.92 5.51
N ALA C 211 -6.96 -5.04 6.20
CA ALA C 211 -6.20 -6.22 5.79
C ALA C 211 -6.50 -6.66 4.35
N GLY C 212 -7.80 -6.70 3.98
CA GLY C 212 -8.20 -7.12 2.64
C GLY C 212 -7.65 -6.17 1.59
N SER C 213 -7.78 -4.87 1.86
CA SER C 213 -7.25 -3.80 1.00
C SER C 213 -5.72 -3.89 0.81
N TYR C 214 -4.99 -4.14 1.89
N TYR C 214 -4.99 -4.13 1.90
CA TYR C 214 -3.58 -4.38 1.75
CA TYR C 214 -3.55 -4.36 1.77
C TYR C 214 -3.34 -5.62 0.90
C TYR C 214 -3.28 -5.65 0.97
N PHE C 215 -4.07 -6.71 1.18
CA PHE C 215 -3.96 -7.91 0.34
C PHE C 215 -4.05 -7.59 -1.17
N VAL C 216 -5.07 -6.85 -1.59
CA VAL C 216 -5.29 -6.59 -3.01
C VAL C 216 -4.13 -5.77 -3.60
N THR C 217 -3.63 -4.84 -2.81
CA THR C 217 -2.48 -4.05 -3.17
C THR C 217 -1.26 -4.95 -3.41
N ALA C 218 -0.97 -5.84 -2.46
CA ALA C 218 0.19 -6.76 -2.52
C ALA C 218 0.08 -7.79 -3.64
N LEU C 219 -1.16 -8.20 -3.92
CA LEU C 219 -1.48 -9.17 -4.96
C LEU C 219 -0.98 -8.72 -6.34
N GLN C 220 -0.84 -7.43 -6.54
CA GLN C 220 -0.42 -6.91 -7.85
C GLN C 220 0.99 -7.36 -8.19
N THR C 221 1.76 -7.77 -7.17
CA THR C 221 3.12 -8.22 -7.37
C THR C 221 3.20 -9.61 -7.97
N VAL C 222 2.11 -10.37 -7.94
CA VAL C 222 2.16 -11.71 -8.51
C VAL C 222 2.51 -11.60 -10.01
N VAL C 223 1.70 -10.82 -10.72
CA VAL C 223 1.93 -10.53 -12.13
C VAL C 223 3.09 -9.56 -12.38
N SER C 224 3.24 -8.56 -11.50
CA SER C 224 4.25 -7.53 -11.78
C SER C 224 5.67 -7.92 -11.41
N ARG C 225 5.86 -8.91 -10.55
CA ARG C 225 7.16 -9.34 -10.06
C ARG C 225 7.40 -10.85 -10.23
N ARG C 226 6.44 -11.69 -9.90
CA ARG C 226 6.71 -13.15 -9.76
C ARG C 226 6.69 -13.93 -11.06
N LEU C 227 5.95 -13.43 -12.03
CA LEU C 227 5.90 -14.04 -13.34
C LEU C 227 7.04 -13.50 -14.16
N SER C 228 7.57 -14.35 -15.03
CA SER C 228 8.45 -13.89 -16.08
C SER C 228 7.68 -12.92 -16.99
N PRO C 229 8.34 -11.84 -17.45
CA PRO C 229 7.78 -10.91 -18.42
C PRO C 229 7.20 -11.63 -19.65
N PHE C 230 7.83 -12.75 -20.04
CA PHE C 230 7.38 -13.51 -21.22
C PHE C 230 6.24 -14.49 -20.96
N GLU C 231 5.87 -14.66 -19.69
CA GLU C 231 4.69 -15.46 -19.36
C GLU C 231 3.44 -14.62 -19.52
N THR C 232 2.31 -15.30 -19.62
CA THR C 232 1.06 -14.63 -19.80
C THR C 232 0.13 -15.02 -18.65
N GLY C 233 -0.04 -14.10 -17.71
CA GLY C 233 -0.88 -14.30 -16.51
C GLY C 233 -1.76 -13.10 -16.20
N VAL C 234 -2.92 -13.37 -15.61
CA VAL C 234 -3.84 -12.35 -15.13
C VAL C 234 -4.41 -12.80 -13.80
N VAL C 235 -4.46 -11.88 -12.85
CA VAL C 235 -5.08 -12.09 -11.55
C VAL C 235 -6.07 -10.93 -11.35
N THR C 236 -7.35 -11.24 -11.45
CA THR C 236 -8.41 -10.27 -11.23
C THR C 236 -9.22 -10.57 -9.96
N ILE C 237 -9.40 -9.57 -9.10
CA ILE C 237 -10.37 -9.67 -7.99
C ILE C 237 -11.64 -9.03 -8.49
N GLY C 238 -12.64 -9.84 -8.81
CA GLY C 238 -13.91 -9.28 -9.26
C GLY C 238 -14.87 -9.00 -8.12
N SER C 239 -14.59 -9.56 -6.94
CA SER C 239 -15.47 -9.37 -5.80
C SER C 239 -14.68 -9.09 -4.51
N PHE C 240 -14.97 -7.95 -3.90
CA PHE C 240 -14.42 -7.62 -2.59
C PHE C 240 -15.67 -7.28 -1.80
N ASP C 241 -16.18 -8.29 -1.08
CA ASP C 241 -17.43 -8.17 -0.32
C ASP C 241 -17.14 -7.69 1.08
N GLY C 242 -17.13 -6.36 1.27
CA GLY C 242 -16.79 -5.76 2.55
C GLY C 242 -17.87 -4.79 2.98
N LYS C 243 -19.07 -4.98 2.44
CA LYS C 243 -20.25 -4.16 2.76
C LYS C 243 -20.63 -4.29 4.24
N GLY C 244 -20.77 -3.16 4.94
CA GLY C 244 -21.18 -3.14 6.35
C GLY C 244 -21.75 -1.81 6.78
N GLN C 245 -21.73 -1.54 8.08
CA GLN C 245 -22.15 -0.25 8.62
C GLN C 245 -20.98 0.69 8.65
N PHE C 246 -21.17 1.93 8.18
CA PHE C 246 -20.09 2.92 8.06
C PHE C 246 -19.23 3.03 9.32
N ASN C 247 -19.86 2.88 10.48
CA ASN C 247 -19.17 3.11 11.74
C ASN C 247 -18.79 1.87 12.54
N VAL C 248 -18.80 0.70 11.91
CA VAL C 248 -18.38 -0.52 12.59
C VAL C 248 -17.12 -1.03 11.90
N ILE C 249 -16.10 -1.35 12.69
CA ILE C 249 -14.94 -2.03 12.10
C ILE C 249 -15.39 -3.43 11.68
N LYS C 250 -15.20 -3.72 10.40
CA LYS C 250 -15.64 -4.96 9.76
C LYS C 250 -14.89 -6.22 10.26
N ASP C 251 -15.66 -7.22 10.64
CA ASP C 251 -15.16 -8.48 11.20
C ASP C 251 -14.56 -9.42 10.13
N VAL C 252 -15.18 -9.49 8.97
CA VAL C 252 -14.76 -10.45 7.95
C VAL C 252 -14.98 -9.89 6.57
N VAL C 253 -14.06 -10.13 5.66
CA VAL C 253 -14.33 -9.81 4.26
C VAL C 253 -14.17 -11.04 3.38
N GLU C 254 -14.94 -11.08 2.29
CA GLU C 254 -14.85 -12.18 1.34
C GLU C 254 -14.39 -11.64 -0.02
N ILE C 255 -13.27 -12.18 -0.47
CA ILE C 255 -12.63 -11.76 -1.70
C ILE C 255 -12.72 -12.91 -2.69
N GLU C 256 -13.08 -12.60 -3.92
CA GLU C 256 -13.17 -13.61 -4.97
C GLU C 256 -12.42 -13.14 -6.20
N GLY C 257 -11.60 -14.05 -6.73
CA GLY C 257 -10.83 -13.76 -7.90
C GLY C 257 -10.81 -14.83 -8.97
N ASP C 258 -10.19 -14.47 -10.07
CA ASP C 258 -10.22 -15.19 -11.32
C ASP C 258 -8.81 -15.07 -11.85
N VAL C 259 -8.27 -16.18 -12.33
CA VAL C 259 -6.90 -16.28 -12.77
C VAL C 259 -6.86 -16.88 -14.17
N ARG C 260 -5.95 -16.38 -15.01
CA ARG C 260 -5.62 -16.99 -16.29
C ARG C 260 -4.11 -17.20 -16.38
N GLY C 261 -3.69 -18.31 -16.97
CA GLY C 261 -2.28 -18.55 -17.32
C GLY C 261 -2.20 -19.27 -18.65
N LEU C 262 -1.24 -18.87 -19.51
CA LEU C 262 -1.10 -19.48 -20.82
C LEU C 262 -0.39 -20.83 -20.75
N THR C 263 0.39 -21.06 -19.69
CA THR C 263 0.99 -22.36 -19.46
C THR C 263 0.55 -22.89 -18.10
N ASP C 264 0.58 -24.20 -17.94
CA ASP C 264 0.22 -24.81 -16.68
C ASP C 264 1.26 -24.41 -15.61
N ALA C 265 2.49 -24.15 -16.04
CA ALA C 265 3.55 -23.67 -15.13
C ALA C 265 3.24 -22.25 -14.64
N THR C 266 2.73 -21.40 -15.53
CA THR C 266 2.28 -20.07 -15.14
C THR C 266 1.19 -20.14 -14.08
N LYS C 267 0.22 -21.01 -14.31
CA LYS C 267 -0.90 -21.18 -13.38
C LYS C 267 -0.43 -21.66 -12.04
N ALA C 268 0.57 -22.55 -12.03
CA ALA C 268 1.08 -23.09 -10.78
C ALA C 268 1.85 -22.03 -10.01
N THR C 269 2.60 -21.18 -10.72
CA THR C 269 3.31 -20.09 -10.07
C THR C 269 2.33 -19.11 -9.43
N ILE C 270 1.25 -18.80 -10.15
CA ILE C 270 0.26 -17.89 -9.64
C ILE C 270 -0.38 -18.43 -8.34
N GLU C 271 -0.74 -19.72 -8.35
CA GLU C 271 -1.38 -20.34 -7.22
C GLU C 271 -0.45 -20.29 -6.00
N LYS C 272 0.81 -20.69 -6.20
CA LYS C 272 1.82 -20.72 -5.14
C LYS C 272 2.01 -19.32 -4.52
N GLU C 273 2.02 -18.30 -5.38
CA GLU C 273 2.24 -16.92 -4.96
C GLU C 273 1.02 -16.35 -4.26
N ILE C 274 -0.18 -16.73 -4.68
CA ILE C 274 -1.40 -16.27 -4.01
C ILE C 274 -1.54 -16.92 -2.63
N LYS C 275 -1.18 -18.21 -2.54
CA LYS C 275 -1.12 -18.88 -1.24
C LYS C 275 -0.10 -18.24 -0.31
N ARG C 276 1.05 -17.83 -0.85
CA ARG C 276 2.07 -17.17 -0.04
C ARG C 276 1.55 -15.84 0.53
N LEU C 277 0.86 -15.05 -0.30
CA LEU C 277 0.34 -13.78 0.16
C LEU C 277 -0.80 -13.96 1.17
N SER C 278 -1.63 -14.99 0.99
CA SER C 278 -2.73 -15.25 1.92
CA SER C 278 -2.73 -15.25 1.90
C SER C 278 -2.20 -15.62 3.29
N LYS C 279 -1.16 -16.46 3.34
CA LYS C 279 -0.60 -16.82 4.65
C LYS C 279 0.30 -15.72 5.25
N GLY C 280 1.05 -14.99 4.43
CA GLY C 280 1.69 -13.75 4.88
C GLY C 280 0.74 -12.69 5.44
N LEU C 281 -0.47 -12.57 4.91
CA LEU C 281 -1.45 -11.62 5.47
C LEU C 281 -1.78 -11.94 6.94
N GLU C 282 -1.93 -13.25 7.23
CA GLU C 282 -2.23 -13.72 8.57
C GLU C 282 -1.11 -13.31 9.49
N ASP C 283 0.13 -13.57 9.07
CA ASP C 283 1.27 -13.25 9.92
C ASP C 283 1.49 -11.74 10.07
N MET C 284 1.28 -10.95 9.01
CA MET C 284 1.47 -9.49 9.14
C MET C 284 0.35 -8.80 9.91
N TYR C 285 -0.89 -9.19 9.67
CA TYR C 285 -2.02 -8.46 10.27
C TYR C 285 -2.75 -9.21 11.36
N GLY C 286 -2.35 -10.46 11.61
CA GLY C 286 -2.96 -11.27 12.67
C GLY C 286 -4.39 -11.68 12.35
N VAL C 287 -4.82 -11.50 11.11
CA VAL C 287 -6.09 -12.07 10.65
C VAL C 287 -5.99 -13.60 10.44
N THR C 288 -7.14 -14.23 10.21
CA THR C 288 -7.20 -15.63 9.83
C THR C 288 -7.78 -15.72 8.41
N CYS C 289 -7.05 -16.41 7.54
CA CYS C 289 -7.47 -16.54 6.16
C CYS C 289 -7.91 -17.95 5.85
N THR C 290 -8.95 -18.05 5.04
CA THR C 290 -9.33 -19.33 4.44
C THR C 290 -9.28 -19.10 2.95
N LEU C 291 -8.25 -19.63 2.32
CA LEU C 291 -8.15 -19.53 0.86
C LEU C 291 -8.67 -20.83 0.23
N GLU C 292 -9.72 -20.75 -0.53
CA GLU C 292 -10.24 -21.85 -1.34
C GLU C 292 -9.81 -21.63 -2.79
N TYR C 293 -8.90 -22.44 -3.29
CA TYR C 293 -8.29 -22.20 -4.57
C TYR C 293 -8.62 -23.36 -5.49
N ASN C 294 -9.45 -23.08 -6.49
CA ASN C 294 -9.97 -24.09 -7.40
C ASN C 294 -9.35 -23.97 -8.78
N ASP C 295 -8.44 -24.90 -9.07
CA ASP C 295 -7.97 -25.09 -10.43
C ASP C 295 -9.20 -25.35 -11.29
N ASP C 296 -9.19 -24.79 -12.50
CA ASP C 296 -10.25 -25.02 -13.47
C ASP C 296 -9.43 -25.28 -14.77
N TYR C 297 -10.02 -25.10 -15.95
CA TYR C 297 -9.46 -25.57 -17.22
C TYR C 297 -7.92 -25.50 -17.28
N PRO C 298 -7.26 -26.62 -17.61
CA PRO C 298 -5.84 -26.46 -17.92
C PRO C 298 -5.63 -25.55 -19.12
N ALA C 299 -4.41 -25.05 -19.26
CA ALA C 299 -4.03 -24.34 -20.47
C ALA C 299 -3.98 -25.39 -21.57
N LEU C 300 -4.35 -25.00 -22.79
CA LEU C 300 -4.49 -25.95 -23.90
C LEU C 300 -3.15 -26.15 -24.55
N TYR C 301 -2.59 -27.35 -24.35
CA TYR C 301 -1.31 -27.70 -24.94
C TYR C 301 -1.46 -28.51 -26.24
N ASN C 302 -1.11 -27.89 -27.36
CA ASN C 302 -1.06 -28.58 -28.64
C ASN C 302 0.25 -29.35 -28.72
N ASP C 303 0.15 -30.68 -28.73
CA ASP C 303 1.32 -31.54 -28.83
C ASP C 303 2.14 -31.17 -30.06
N PRO C 304 3.41 -30.76 -29.86
CA PRO C 304 4.22 -30.27 -30.98
C PRO C 304 4.34 -31.25 -32.13
N GLU C 305 4.64 -32.51 -31.83
CA GLU C 305 4.80 -33.51 -32.88
C GLU C 305 3.49 -33.73 -33.67
N PHE C 306 2.39 -33.95 -32.97
CA PHE C 306 1.09 -34.17 -33.61
C PHE C 306 0.62 -32.97 -34.41
N THR C 307 0.78 -31.78 -33.83
CA THR C 307 0.34 -30.52 -34.45
C THR C 307 1.13 -30.22 -35.73
N GLU C 308 2.43 -30.48 -35.70
CA GLU C 308 3.26 -30.33 -36.88
C GLU C 308 2.85 -31.30 -37.98
N TYR C 309 2.59 -32.55 -37.59
CA TYR C 309 2.09 -33.58 -38.49
C TYR C 309 0.75 -33.18 -39.13
N VAL C 310 -0.17 -32.65 -38.33
CA VAL C 310 -1.45 -32.14 -38.85
C VAL C 310 -1.22 -31.03 -39.88
N ALA C 311 -0.39 -30.07 -39.53
CA ALA C 311 -0.08 -28.94 -40.41
C ALA C 311 0.52 -29.44 -41.73
N LYS C 312 1.50 -30.34 -41.62
CA LYS C 312 2.18 -30.89 -42.78
C LYS C 312 1.21 -31.70 -43.66
N THR C 313 0.41 -32.55 -43.02
CA THR C 313 -0.54 -33.41 -43.71
C THR C 313 -1.53 -32.59 -44.55
N LEU C 314 -2.01 -31.50 -43.99
CA LEU C 314 -2.92 -30.59 -44.68
C LEU C 314 -2.25 -29.82 -45.82
N LYS C 315 -1.00 -29.43 -45.62
CA LYS C 315 -0.23 -28.68 -46.62
C LYS C 315 0.07 -29.51 -47.87
N GLU C 316 0.33 -30.80 -47.68
CA GLU C 316 0.72 -31.71 -48.74
C GLU C 316 -0.46 -32.37 -49.43
N ALA C 317 -1.64 -32.31 -48.80
CA ALA C 317 -2.86 -32.67 -49.49
C ALA C 317 -3.21 -31.50 -50.41
N ASN C 318 -3.74 -31.80 -51.59
CA ASN C 318 -4.01 -30.73 -52.56
C ASN C 318 -5.36 -30.05 -52.26
N LEU C 319 -5.35 -29.21 -51.23
CA LEU C 319 -6.60 -28.61 -50.74
C LEU C 319 -6.76 -27.16 -51.16
N ASP C 320 -8.01 -26.72 -51.23
CA ASP C 320 -8.35 -25.39 -51.72
C ASP C 320 -8.36 -24.27 -50.68
N PHE C 321 -7.60 -24.49 -49.61
CA PHE C 321 -7.46 -23.51 -48.54
C PHE C 321 -6.05 -23.58 -47.99
N GLY C 322 -5.58 -22.46 -47.45
CA GLY C 322 -4.26 -22.41 -46.86
C GLY C 322 -4.20 -22.95 -45.44
N VAL C 323 -2.99 -23.18 -44.98
CA VAL C 323 -2.74 -23.50 -43.59
C VAL C 323 -1.57 -22.68 -43.11
N GLU C 324 -1.78 -21.95 -42.01
CA GLU C 324 -0.73 -21.12 -41.46
C GLU C 324 -0.72 -21.02 -39.94
N MET C 325 0.44 -20.66 -39.41
CA MET C 325 0.60 -20.53 -37.96
C MET C 325 -0.10 -19.28 -37.43
N CYS C 326 -0.75 -19.42 -36.28
CA CYS C 326 -1.39 -18.28 -35.61
C CYS C 326 -0.73 -17.98 -34.26
N GLU C 327 -1.22 -16.93 -33.61
CA GLU C 327 -0.81 -16.54 -32.27
C GLU C 327 -1.62 -17.34 -31.24
N PRO C 328 -1.12 -17.44 -29.99
CA PRO C 328 -1.92 -18.05 -28.94
C PRO C 328 -3.16 -17.18 -28.67
N GLN C 329 -4.24 -17.78 -28.18
CA GLN C 329 -5.51 -17.07 -28.04
C GLN C 329 -5.90 -16.84 -26.57
N PRO C 330 -6.49 -15.68 -26.26
CA PRO C 330 -6.93 -15.35 -24.90
C PRO C 330 -7.94 -16.29 -24.22
N PRO C 331 -9.01 -16.72 -24.92
CA PRO C 331 -10.03 -17.50 -24.20
C PRO C 331 -9.53 -18.86 -23.69
N SER C 332 -10.19 -19.36 -22.65
CA SER C 332 -9.98 -20.73 -22.19
C SER C 332 -10.82 -21.70 -23.02
N GLU C 333 -10.39 -22.96 -23.08
CA GLU C 333 -11.10 -23.97 -23.89
C GLU C 333 -10.97 -25.32 -23.19
N ASP C 334 -12.10 -25.97 -22.93
CA ASP C 334 -12.05 -27.19 -22.13
C ASP C 334 -11.54 -28.40 -22.92
N PHE C 335 -11.32 -28.19 -24.22
CA PHE C 335 -10.57 -29.16 -25.04
C PHE C 335 -9.21 -29.48 -24.40
N ALA C 336 -8.69 -28.51 -23.64
CA ALA C 336 -7.42 -28.63 -22.94
C ALA C 336 -7.36 -29.85 -22.01
N TYR C 337 -8.52 -30.24 -21.48
CA TYR C 337 -8.62 -31.45 -20.68
C TYR C 337 -8.23 -32.70 -21.47
N TYR C 338 -8.67 -32.78 -22.73
CA TYR C 338 -8.25 -33.87 -23.62
C TYR C 338 -6.76 -33.78 -23.91
N ALA C 339 -6.31 -32.58 -24.28
CA ALA C 339 -4.92 -32.32 -24.65
C ALA C 339 -3.95 -32.61 -23.51
N LYS C 340 -4.47 -32.60 -22.30
CA LYS C 340 -3.76 -32.98 -21.10
C LYS C 340 -3.66 -34.51 -20.98
N GLU C 341 -4.69 -35.21 -21.42
CA GLU C 341 -4.74 -36.67 -21.25
C GLU C 341 -4.13 -37.43 -22.42
N ARG C 342 -4.13 -36.83 -23.61
CA ARG C 342 -3.57 -37.47 -24.81
C ARG C 342 -2.83 -36.45 -25.64
N PRO C 343 -1.81 -36.89 -26.41
CA PRO C 343 -1.22 -35.95 -27.37
C PRO C 343 -2.30 -35.44 -28.35
N SER C 344 -2.48 -34.13 -28.44
CA SER C 344 -3.64 -33.58 -29.13
C SER C 344 -3.35 -32.31 -29.94
N ALA C 345 -4.27 -32.00 -30.86
CA ALA C 345 -4.19 -30.78 -31.64
C ALA C 345 -5.53 -30.09 -31.72
N PHE C 346 -5.54 -28.82 -31.33
CA PHE C 346 -6.67 -27.95 -31.54
C PHE C 346 -6.37 -26.93 -32.63
N ILE C 347 -7.09 -27.00 -33.73
CA ILE C 347 -6.82 -26.11 -34.87
C ILE C 347 -8.01 -25.18 -35.14
N TYR C 348 -7.75 -24.11 -35.87
CA TYR C 348 -8.77 -23.10 -36.11
C TYR C 348 -9.10 -23.01 -37.59
N THR C 349 -10.38 -22.83 -37.87
CA THR C 349 -10.84 -22.56 -39.21
C THR C 349 -11.29 -21.11 -39.27
N GLY C 350 -10.71 -20.36 -40.20
CA GLY C 350 -11.07 -18.96 -40.38
C GLY C 350 -12.54 -18.88 -40.74
N ALA C 351 -13.26 -17.95 -40.12
CA ALA C 351 -14.69 -17.86 -40.33
C ALA C 351 -15.22 -16.44 -40.46
N ALA C 352 -14.33 -15.46 -40.41
CA ALA C 352 -14.74 -14.05 -40.49
C ALA C 352 -15.69 -13.82 -41.64
N VAL C 353 -16.76 -13.10 -41.40
CA VAL C 353 -17.69 -12.73 -42.45
C VAL C 353 -16.98 -11.92 -43.49
N GLU C 354 -17.08 -12.38 -44.72
CA GLU C 354 -16.40 -11.74 -45.85
C GLU C 354 -16.95 -10.36 -46.12
N ASN C 355 -18.05 -9.99 -45.54
CA ASN C 355 -18.48 -8.66 -45.80
C ASN C 355 -19.44 -8.11 -44.79
N GLY C 356 -19.10 -6.93 -44.27
CA GLY C 356 -19.80 -6.37 -43.14
C GLY C 356 -18.84 -6.45 -41.99
N GLU C 357 -19.16 -5.78 -40.90
CA GLU C 357 -18.23 -5.66 -39.78
C GLU C 357 -18.11 -6.97 -39.04
N ILE C 358 -16.92 -7.31 -38.56
CA ILE C 358 -16.76 -8.59 -37.87
C ILE C 358 -16.88 -8.46 -36.36
N TYR C 359 -17.71 -9.30 -35.76
CA TYR C 359 -17.93 -9.31 -34.32
C TYR C 359 -17.21 -10.50 -33.67
N PRO C 360 -16.63 -10.29 -32.47
CA PRO C 360 -15.93 -11.36 -31.74
C PRO C 360 -16.87 -12.44 -31.17
N HIS C 361 -16.29 -13.51 -30.65
CA HIS C 361 -17.06 -14.58 -29.99
C HIS C 361 -17.75 -14.06 -28.74
N HIS C 362 -18.93 -14.60 -28.46
CA HIS C 362 -19.76 -14.22 -27.31
C HIS C 362 -20.38 -12.83 -27.48
N HIS C 363 -20.62 -12.43 -28.72
CA HIS C 363 -21.25 -11.14 -29.05
C HIS C 363 -22.68 -11.37 -29.57
N PRO C 364 -23.61 -10.43 -29.29
CA PRO C 364 -24.97 -10.52 -29.86
C PRO C 364 -25.01 -10.50 -31.39
N LYS C 365 -24.03 -9.85 -32.02
CA LYS C 365 -23.99 -9.72 -33.48
C LYS C 365 -23.08 -10.76 -34.14
N PHE C 366 -22.38 -11.54 -33.32
CA PHE C 366 -21.52 -12.65 -33.77
C PHE C 366 -22.05 -13.40 -34.99
N ASN C 367 -21.21 -13.51 -36.01
CA ASN C 367 -21.59 -14.16 -37.28
C ASN C 367 -20.37 -14.79 -37.94
N ILE C 368 -20.60 -15.93 -38.59
CA ILE C 368 -19.52 -16.67 -39.23
C ILE C 368 -19.81 -17.00 -40.68
N SER C 369 -18.78 -16.91 -41.52
CA SER C 369 -18.83 -17.37 -42.90
C SER C 369 -19.11 -18.88 -42.92
N GLU C 370 -20.07 -19.29 -43.74
CA GLU C 370 -20.49 -20.69 -43.76
C GLU C 370 -19.58 -21.60 -44.57
N LYS C 371 -18.64 -21.00 -45.29
CA LYS C 371 -17.57 -21.73 -45.95
C LYS C 371 -16.68 -22.48 -44.93
N SER C 372 -16.66 -22.00 -43.69
CA SER C 372 -15.85 -22.64 -42.65
C SER C 372 -16.27 -24.09 -42.41
N LEU C 373 -17.52 -24.41 -42.71
CA LEU C 373 -18.06 -25.77 -42.52
C LEU C 373 -17.32 -26.79 -43.38
N LEU C 374 -17.29 -26.57 -44.69
CA LEU C 374 -16.62 -27.48 -45.61
C LEU C 374 -15.14 -27.58 -45.32
N ILE C 375 -14.50 -26.44 -45.12
CA ILE C 375 -13.08 -26.41 -44.83
C ILE C 375 -12.78 -27.26 -43.58
N SER C 376 -13.56 -27.08 -42.52
CA SER C 376 -13.44 -27.89 -41.32
C SER C 376 -13.57 -29.38 -41.62
N ALA C 377 -14.61 -29.75 -42.34
CA ALA C 377 -14.85 -31.16 -42.69
C ALA C 377 -13.73 -31.76 -43.54
N GLU C 378 -13.23 -31.00 -44.52
CA GLU C 378 -12.16 -31.48 -45.38
C GLU C 378 -10.85 -31.62 -44.63
N ALA C 379 -10.54 -30.61 -43.83
CA ALA C 379 -9.35 -30.62 -42.99
C ALA C 379 -9.34 -31.82 -42.05
N VAL C 380 -10.41 -32.01 -41.30
CA VAL C 380 -10.48 -33.09 -40.33
C VAL C 380 -10.43 -34.46 -41.00
N GLY C 381 -11.21 -34.62 -42.07
CA GLY C 381 -11.24 -35.85 -42.87
C GLY C 381 -9.89 -36.22 -43.47
N THR C 382 -9.20 -35.23 -44.02
CA THR C 382 -7.86 -35.43 -44.57
C THR C 382 -6.91 -36.00 -43.50
N VAL C 383 -6.94 -35.42 -42.31
CA VAL C 383 -6.09 -35.90 -41.21
C VAL C 383 -6.48 -37.33 -40.83
N VAL C 384 -7.78 -37.58 -40.71
CA VAL C 384 -8.30 -38.91 -40.37
C VAL C 384 -7.77 -40.01 -41.31
N LEU C 385 -7.90 -39.80 -42.63
CA LEU C 385 -7.54 -40.84 -43.60
C LEU C 385 -6.04 -41.10 -43.63
N ASP C 386 -5.26 -40.06 -43.33
CA ASP C 386 -3.82 -40.18 -43.36
C ASP C 386 -3.31 -40.83 -42.09
N TYR C 387 -3.83 -40.38 -40.95
CA TYR C 387 -3.45 -40.91 -39.65
C TYR C 387 -3.80 -42.39 -39.51
N LEU C 388 -4.90 -42.80 -40.13
CA LEU C 388 -5.38 -44.17 -40.04
C LEU C 388 -5.11 -44.97 -41.33
N LYS C 389 -4.05 -44.60 -42.05
CA LYS C 389 -3.65 -45.34 -43.25
C LYS C 389 -3.15 -46.72 -42.87
N MET D 1 26.74 -24.94 -55.72
CA MET D 1 27.74 -23.88 -55.83
C MET D 1 27.87 -23.20 -54.48
N ASN D 2 27.62 -23.98 -53.46
CA ASN D 2 27.62 -23.45 -52.13
C ASN D 2 28.30 -24.48 -51.33
N GLN D 3 28.91 -25.43 -52.02
CA GLN D 3 29.72 -26.40 -51.33
C GLN D 3 31.03 -25.71 -51.38
N GLN D 4 31.23 -25.02 -52.48
CA GLN D 4 32.40 -24.21 -52.62
C GLN D 4 32.52 -23.27 -51.44
N LEU D 5 31.48 -22.45 -51.27
CA LEU D 5 31.19 -21.72 -50.05
C LEU D 5 31.38 -22.58 -48.84
N ILE D 6 30.58 -23.62 -48.73
CA ILE D 6 30.66 -24.42 -47.55
C ILE D 6 32.02 -24.92 -47.28
N GLU D 7 32.64 -25.45 -48.33
CA GLU D 7 33.88 -26.16 -48.21
C GLU D 7 35.01 -25.21 -47.95
N THR D 8 34.94 -24.06 -48.57
CA THR D 8 35.96 -23.09 -48.34
C THR D 8 35.92 -22.66 -46.89
N LEU D 9 34.74 -22.58 -46.31
CA LEU D 9 34.63 -22.24 -44.88
C LEU D 9 35.15 -23.30 -43.95
N LYS D 10 34.54 -24.46 -44.01
CA LYS D 10 34.99 -25.63 -43.27
C LYS D 10 36.50 -25.68 -43.18
N SER D 11 37.12 -25.35 -44.28
CA SER D 11 38.58 -25.33 -44.40
C SER D 11 39.24 -24.30 -43.49
N LYS D 12 38.72 -23.08 -43.49
CA LYS D 12 39.31 -21.95 -42.76
C LYS D 12 38.84 -21.88 -41.31
N GLU D 13 38.30 -22.97 -40.78
CA GLU D 13 37.79 -22.88 -39.45
C GLU D 13 38.85 -22.45 -38.52
N GLY D 14 39.89 -23.25 -38.43
CA GLY D 14 40.97 -23.02 -37.46
C GLY D 14 41.48 -21.60 -37.44
N LYS D 15 41.34 -20.91 -38.58
CA LYS D 15 41.63 -19.47 -38.69
C LYS D 15 40.68 -18.66 -37.80
N MET D 16 39.41 -19.08 -37.75
CA MET D 16 38.39 -18.39 -36.95
C MET D 16 38.70 -18.49 -35.45
N ILE D 17 39.32 -19.56 -35.05
CA ILE D 17 39.58 -19.84 -33.65
C ILE D 17 40.72 -19.03 -33.09
N GLU D 18 41.79 -19.02 -33.84
CA GLU D 18 42.93 -18.17 -33.57
C GLU D 18 42.49 -16.76 -33.34
N ILE D 19 41.84 -16.19 -34.34
CA ILE D 19 41.35 -14.80 -34.32
C ILE D 19 40.48 -14.54 -33.08
N ARG D 20 39.60 -15.47 -32.80
CA ARG D 20 38.73 -15.38 -31.66
C ARG D 20 39.49 -15.33 -30.35
N ARG D 21 40.50 -16.17 -30.23
CA ARG D 21 41.33 -16.21 -29.05
C ARG D 21 42.17 -14.99 -28.90
N TYR D 22 42.64 -14.46 -29.99
CA TYR D 22 43.47 -13.26 -29.98
C TYR D 22 42.69 -12.03 -29.50
N LEU D 23 41.46 -11.90 -29.97
CA LEU D 23 40.58 -10.80 -29.57
C LEU D 23 40.09 -10.93 -28.13
N HIS D 24 39.79 -12.16 -27.72
CA HIS D 24 39.44 -12.47 -26.34
C HIS D 24 40.57 -12.09 -25.37
N GLN D 25 41.80 -12.14 -25.87
CA GLN D 25 42.97 -11.84 -25.08
C GLN D 25 43.16 -10.35 -24.91
N HIS D 26 42.80 -9.60 -25.93
CA HIS D 26 42.99 -8.15 -25.95
C HIS D 26 41.61 -7.50 -26.13
N PRO D 27 40.79 -7.49 -25.06
CA PRO D 27 39.46 -6.89 -25.15
C PRO D 27 39.47 -5.40 -24.80
N GLU D 28 38.48 -4.68 -25.31
CA GLU D 28 38.37 -3.24 -25.11
C GLU D 28 36.92 -2.80 -24.87
N LEU D 29 36.74 -1.85 -23.96
CA LEU D 29 35.41 -1.34 -23.58
C LEU D 29 34.66 -0.63 -24.71
N SER D 30 33.35 -0.59 -24.60
CA SER D 30 32.52 0.22 -25.45
C SER D 30 33.04 1.67 -25.45
N PHE D 31 33.08 2.28 -26.62
CA PHE D 31 33.60 3.64 -26.84
C PHE D 31 35.12 3.81 -26.55
N HIS D 32 35.81 2.70 -26.32
CA HIS D 32 37.25 2.72 -26.05
C HIS D 32 37.99 1.65 -26.87
N GLU D 33 37.34 1.18 -27.94
CA GLU D 33 37.81 0.02 -28.70
C GLU D 33 38.78 0.37 -29.85
N ASP D 34 39.85 1.10 -29.52
CA ASP D 34 40.83 1.57 -30.50
C ASP D 34 41.60 0.45 -31.21
N GLU D 35 42.16 -0.49 -30.44
CA GLU D 35 43.00 -1.56 -31.00
C GLU D 35 42.22 -2.64 -31.78
N THR D 36 40.96 -2.86 -31.41
CA THR D 36 40.11 -3.84 -32.11
C THR D 36 39.62 -3.30 -33.44
N ALA D 37 39.26 -2.02 -33.46
CA ALA D 37 38.92 -1.33 -34.71
C ALA D 37 40.10 -1.31 -35.67
N LYS D 38 41.31 -1.18 -35.13
CA LYS D 38 42.54 -1.24 -35.93
C LYS D 38 42.74 -2.65 -36.50
N TYR D 39 42.68 -3.66 -35.63
CA TYR D 39 42.86 -5.06 -36.02
C TYR D 39 41.89 -5.49 -37.12
N ILE D 40 40.60 -5.16 -36.96
CA ILE D 40 39.59 -5.50 -37.97
C ILE D 40 39.92 -4.87 -39.32
N ALA D 41 40.36 -3.61 -39.29
CA ALA D 41 40.79 -2.89 -40.51
C ALA D 41 41.99 -3.55 -41.17
N GLU D 42 42.97 -3.95 -40.38
CA GLU D 42 44.18 -4.56 -40.94
C GLU D 42 43.88 -5.93 -41.52
N PHE D 43 43.08 -6.74 -40.82
CA PHE D 43 42.73 -8.06 -41.34
C PHE D 43 42.34 -8.01 -42.82
N TYR D 44 41.57 -6.99 -43.19
CA TYR D 44 41.15 -6.82 -44.57
C TYR D 44 42.22 -6.30 -45.54
N LYS D 45 43.38 -5.94 -45.04
CA LYS D 45 44.49 -5.60 -45.92
C LYS D 45 44.90 -6.79 -46.79
N GLY D 46 45.05 -6.54 -48.07
CA GLY D 46 45.33 -7.62 -49.03
C GLY D 46 44.10 -8.28 -49.63
N LYS D 47 42.93 -7.92 -49.11
CA LYS D 47 41.68 -8.51 -49.60
C LYS D 47 40.89 -7.53 -50.46
N ASP D 48 40.16 -8.06 -51.43
CA ASP D 48 39.41 -7.22 -52.38
C ASP D 48 38.11 -6.74 -51.75
N VAL D 49 38.23 -5.75 -50.86
CA VAL D 49 37.09 -5.13 -50.20
C VAL D 49 37.40 -3.64 -49.99
N GLU D 50 36.38 -2.86 -49.76
CA GLU D 50 36.52 -1.47 -49.43
C GLU D 50 36.27 -1.28 -47.97
N VAL D 51 37.16 -0.58 -47.29
CA VAL D 51 37.08 -0.47 -45.83
C VAL D 51 36.97 0.99 -45.40
N GLU D 52 35.95 1.29 -44.58
CA GLU D 52 35.80 2.59 -43.95
C GLU D 52 36.10 2.46 -42.47
N THR D 53 37.08 3.22 -41.99
CA THR D 53 37.60 3.07 -40.63
C THR D 53 36.82 3.87 -39.60
N ASN D 54 36.12 4.90 -40.08
CA ASN D 54 35.31 5.77 -39.23
C ASN D 54 33.91 6.14 -39.68
N VAL D 55 33.02 5.16 -39.65
CA VAL D 55 31.64 5.32 -40.07
C VAL D 55 30.64 4.92 -39.04
N GLY D 56 30.52 5.58 -37.89
CA GLY D 56 31.29 6.71 -37.50
C GLY D 56 32.28 6.30 -36.46
N PRO D 57 32.10 6.81 -35.26
CA PRO D 57 33.13 6.74 -34.26
C PRO D 57 33.39 5.29 -34.56
N ARG D 58 34.62 5.09 -34.94
CA ARG D 58 35.22 3.80 -35.00
C ARG D 58 34.21 2.88 -35.62
N GLY D 59 33.40 3.33 -36.57
CA GLY D 59 32.61 2.27 -37.10
C GLY D 59 33.31 1.73 -38.31
N ILE D 60 33.33 0.42 -38.40
CA ILE D 60 33.92 -0.26 -39.56
C ILE D 60 32.88 -0.87 -40.49
N LYS D 61 32.82 -0.32 -41.67
CA LYS D 61 31.98 -0.80 -42.70
C LYS D 61 32.90 -1.29 -43.78
N VAL D 62 32.89 -2.58 -44.01
CA VAL D 62 33.55 -3.15 -45.17
C VAL D 62 32.49 -3.51 -46.21
N THR D 63 32.65 -2.93 -47.40
CA THR D 63 31.74 -3.25 -48.50
C THR D 63 32.39 -4.21 -49.48
N ILE D 64 31.63 -5.24 -49.83
CA ILE D 64 32.05 -6.21 -50.83
C ILE D 64 31.13 -6.03 -52.02
N ASP D 65 31.62 -5.28 -53.01
CA ASP D 65 30.86 -4.99 -54.21
C ASP D 65 31.19 -6.04 -55.26
N SER D 66 30.17 -6.70 -55.80
CA SER D 66 30.38 -7.69 -56.86
C SER D 66 30.78 -7.05 -58.20
N GLY D 67 30.75 -5.72 -58.27
CA GLY D 67 30.96 -4.99 -59.51
C GLY D 67 29.74 -4.99 -60.42
N LYS D 68 28.63 -5.57 -59.93
CA LYS D 68 27.41 -5.73 -60.72
C LYS D 68 26.17 -5.26 -59.95
N PRO D 69 25.23 -4.59 -60.64
CA PRO D 69 23.99 -4.10 -60.02
C PRO D 69 23.04 -5.23 -59.58
N GLY D 70 22.41 -5.09 -58.40
CA GLY D 70 22.58 -3.93 -57.54
C GLY D 70 21.79 -3.92 -56.24
N LYS D 71 21.39 -5.09 -55.74
CA LYS D 71 20.80 -5.27 -54.41
C LYS D 71 21.82 -5.31 -53.24
N THR D 72 21.48 -4.75 -52.10
CA THR D 72 22.44 -4.56 -51.01
C THR D 72 22.00 -5.15 -49.67
N LEU D 73 22.74 -6.16 -49.23
CA LEU D 73 22.50 -6.81 -47.95
C LEU D 73 23.59 -6.46 -46.94
N ALA D 74 23.16 -6.04 -45.74
CA ALA D 74 24.08 -5.77 -44.66
C ALA D 74 24.06 -6.92 -43.66
N ILE D 75 25.25 -7.36 -43.27
CA ILE D 75 25.43 -8.39 -42.24
C ILE D 75 26.26 -7.83 -41.10
N ARG D 76 25.84 -8.11 -39.86
CA ARG D 76 26.36 -7.42 -38.70
C ARG D 76 27.04 -8.31 -37.67
N ALA D 77 28.18 -7.85 -37.17
CA ALA D 77 28.88 -8.47 -36.04
C ALA D 77 29.43 -7.36 -35.15
N ASP D 78 29.19 -7.46 -33.85
CA ASP D 78 29.65 -6.42 -32.90
C ASP D 78 30.97 -6.80 -32.26
N PHE D 79 31.69 -5.81 -31.72
CA PHE D 79 33.06 -6.09 -31.25
C PHE D 79 33.58 -5.48 -29.95
N ASP D 80 32.72 -4.74 -29.23
CA ASP D 80 33.07 -4.19 -27.92
C ASP D 80 33.06 -5.24 -26.81
N ALA D 81 33.88 -5.02 -25.79
CA ALA D 81 33.94 -5.91 -24.63
C ALA D 81 33.29 -5.28 -23.40
N LEU D 82 33.27 -6.04 -22.30
CA LEU D 82 32.54 -5.67 -21.07
C LEU D 82 33.44 -5.40 -19.87
N PRO D 83 33.04 -4.46 -18.99
CA PRO D 83 33.83 -4.13 -17.80
C PRO D 83 33.69 -5.18 -16.69
N ILE D 84 34.27 -6.36 -16.91
CA ILE D 84 34.30 -7.41 -15.88
C ILE D 84 35.67 -8.11 -15.78
N THR D 85 35.99 -8.62 -14.61
CA THR D 85 37.28 -9.25 -14.37
C THR D 85 37.25 -10.73 -14.60
N GLU D 86 37.78 -11.10 -15.74
CA GLU D 86 37.67 -12.48 -16.24
C GLU D 86 38.14 -13.54 -15.24
N ASP D 87 37.29 -14.55 -15.04
CA ASP D 87 37.60 -15.70 -14.19
C ASP D 87 37.19 -17.01 -14.86
N THR D 88 37.85 -17.32 -15.97
CA THR D 88 37.59 -18.56 -16.71
C THR D 88 38.71 -19.57 -16.52
N GLY D 89 39.93 -19.07 -16.30
CA GLY D 89 41.13 -19.92 -16.22
C GLY D 89 41.48 -20.49 -17.58
N LEU D 90 41.52 -19.60 -18.57
CA LEU D 90 41.71 -19.98 -19.95
C LEU D 90 43.09 -19.66 -20.47
N SER D 91 43.56 -20.46 -21.42
CA SER D 91 44.91 -20.28 -21.96
C SER D 91 45.01 -19.03 -22.87
N PHE D 92 43.87 -18.40 -23.16
CA PHE D 92 43.82 -17.17 -23.95
C PHE D 92 42.96 -16.09 -23.25
N ALA D 93 43.03 -16.07 -21.92
CA ALA D 93 42.28 -15.14 -21.09
C ALA D 93 42.73 -13.68 -21.26
N SER D 94 41.84 -12.76 -20.91
CA SER D 94 42.05 -11.31 -21.09
C SER D 94 43.37 -10.80 -20.48
N GLN D 95 44.09 -10.03 -21.26
CA GLN D 95 45.31 -9.42 -20.83
C GLN D 95 45.02 -8.05 -20.32
N ASN D 96 43.88 -7.52 -20.72
CA ASN D 96 43.35 -6.26 -20.23
C ASN D 96 42.52 -6.52 -18.96
N LYS D 97 43.15 -6.37 -17.81
CA LYS D 97 42.52 -6.63 -16.51
C LYS D 97 41.35 -5.70 -16.25
N GLY D 98 40.21 -6.28 -15.90
CA GLY D 98 38.97 -5.52 -15.68
C GLY D 98 38.04 -5.50 -16.88
N VAL D 99 38.59 -5.88 -18.04
CA VAL D 99 37.85 -5.92 -19.30
C VAL D 99 37.76 -7.37 -19.78
N MET D 100 36.59 -7.76 -20.30
CA MET D 100 36.40 -9.11 -20.83
C MET D 100 35.39 -9.15 -21.99
N HIS D 101 35.70 -9.95 -23.01
CA HIS D 101 34.72 -10.30 -24.03
C HIS D 101 33.84 -11.41 -23.48
N ALA D 102 32.86 -11.01 -22.68
CA ALA D 102 32.01 -11.94 -21.94
C ALA D 102 30.58 -12.03 -22.50
N CYS D 103 30.39 -11.51 -23.70
CA CYS D 103 29.13 -11.68 -24.42
C CYS D 103 29.34 -12.41 -25.74
N GLY D 104 30.60 -12.70 -26.07
CA GLY D 104 30.93 -13.47 -27.26
C GLY D 104 31.08 -12.66 -28.53
N HIS D 105 31.30 -11.35 -28.38
CA HIS D 105 31.47 -10.44 -29.50
C HIS D 105 32.77 -10.70 -30.26
N ASP D 106 33.77 -11.24 -29.57
CA ASP D 106 34.99 -11.75 -30.20
C ASP D 106 34.71 -12.89 -31.17
N ALA D 107 33.78 -13.78 -30.80
CA ALA D 107 33.34 -14.86 -31.68
C ALA D 107 32.60 -14.31 -32.91
N HIS D 108 31.70 -13.35 -32.69
CA HIS D 108 30.98 -12.72 -33.79
C HIS D 108 31.95 -12.15 -34.80
N THR D 109 32.92 -11.38 -34.28
CA THR D 109 33.96 -10.76 -35.08
C THR D 109 34.80 -11.81 -35.81
N ALA D 110 35.23 -12.84 -35.10
CA ALA D 110 36.10 -13.87 -35.69
C ALA D 110 35.46 -14.54 -36.90
N TYR D 111 34.25 -15.07 -36.75
CA TYR D 111 33.63 -15.80 -37.85
C TYR D 111 33.30 -14.85 -39.00
N MET D 112 32.88 -13.63 -38.68
CA MET D 112 32.45 -12.68 -39.71
C MET D 112 33.62 -12.27 -40.60
N LEU D 113 34.77 -12.01 -39.97
CA LEU D 113 35.99 -11.70 -40.72
C LEU D 113 36.25 -12.78 -41.75
N VAL D 114 36.15 -14.03 -41.32
CA VAL D 114 36.48 -15.18 -42.16
C VAL D 114 35.43 -15.40 -43.26
N LEU D 115 34.16 -15.15 -42.93
CA LEU D 115 33.11 -15.24 -43.92
C LEU D 115 33.22 -14.11 -44.95
N ALA D 116 33.62 -12.93 -44.50
CA ALA D 116 33.81 -11.79 -45.37
C ALA D 116 34.91 -12.02 -46.41
N GLU D 117 36.04 -12.59 -45.99
CA GLU D 117 37.14 -12.83 -46.92
C GLU D 117 36.68 -13.83 -48.00
N THR D 118 35.99 -14.88 -47.55
CA THR D 118 35.40 -15.88 -48.45
C THR D 118 34.44 -15.25 -49.46
N LEU D 119 33.57 -14.37 -49.00
CA LEU D 119 32.61 -13.70 -49.88
C LEU D 119 33.28 -12.77 -50.88
N ALA D 120 34.44 -12.22 -50.50
CA ALA D 120 35.21 -11.39 -51.41
C ALA D 120 35.76 -12.22 -52.57
N GLU D 121 35.88 -13.51 -52.36
CA GLU D 121 36.43 -14.40 -53.34
C GLU D 121 35.42 -14.96 -54.27
N MET D 122 34.14 -14.67 -54.03
CA MET D 122 33.10 -15.19 -54.89
C MET D 122 32.30 -14.14 -55.59
N LYS D 123 32.92 -13.04 -55.87
CA LYS D 123 32.26 -11.88 -56.48
C LYS D 123 31.47 -12.17 -57.75
N ASP D 124 31.83 -13.28 -58.39
CA ASP D 124 31.24 -13.78 -59.61
C ASP D 124 29.94 -14.45 -59.32
N SER D 125 29.86 -14.99 -58.12
CA SER D 125 28.78 -15.88 -57.69
C SER D 125 27.53 -15.17 -57.16
N PHE D 126 27.57 -13.84 -57.10
CA PHE D 126 26.41 -13.06 -56.66
C PHE D 126 26.33 -11.68 -57.32
N THR D 127 25.15 -11.07 -57.23
CA THR D 127 24.91 -9.74 -57.79
C THR D 127 24.80 -8.71 -56.66
N GLY D 128 25.00 -7.44 -56.99
CA GLY D 128 24.86 -6.36 -56.02
C GLY D 128 26.06 -6.21 -55.09
N LYS D 129 25.79 -5.88 -53.83
CA LYS D 129 26.87 -5.69 -52.86
C LYS D 129 26.51 -6.11 -51.45
N VAL D 130 27.52 -6.57 -50.71
CA VAL D 130 27.41 -6.90 -49.30
C VAL D 130 28.07 -5.84 -48.46
N VAL D 131 27.40 -5.42 -47.40
CA VAL D 131 27.96 -4.47 -46.46
C VAL D 131 28.16 -5.19 -45.14
N VAL D 132 29.43 -5.38 -44.78
CA VAL D 132 29.74 -6.03 -43.52
C VAL D 132 29.83 -4.94 -42.47
N ILE D 133 29.05 -5.09 -41.41
CA ILE D 133 29.04 -4.11 -40.35
C ILE D 133 29.74 -4.68 -39.14
N HIS D 134 30.90 -4.14 -38.84
CA HIS D 134 31.63 -4.45 -37.63
C HIS D 134 31.33 -3.32 -36.65
N GLN D 135 30.53 -3.63 -35.64
CA GLN D 135 29.91 -2.60 -34.79
C GLN D 135 30.52 -2.51 -33.39
N PRO D 136 31.03 -1.32 -33.00
CA PRO D 136 31.48 -1.11 -31.64
C PRO D 136 30.32 -0.68 -30.76
N ALA D 137 30.57 -0.64 -29.44
CA ALA D 137 29.71 0.07 -28.47
C ALA D 137 28.28 -0.46 -28.31
N GLU D 138 28.06 -1.73 -28.64
CA GLU D 138 26.76 -2.38 -28.45
C GLU D 138 26.29 -2.32 -26.98
N GLU D 139 27.23 -2.57 -26.06
CA GLU D 139 26.90 -2.78 -24.65
C GLU D 139 26.44 -1.55 -23.86
N VAL D 140 27.03 -0.39 -24.16
CA VAL D 140 26.78 0.82 -23.37
C VAL D 140 25.95 1.83 -24.17
N PRO D 141 24.76 2.21 -23.63
CA PRO D 141 23.95 3.27 -24.24
C PRO D 141 24.76 4.57 -24.43
N PRO D 142 24.57 5.26 -25.58
CA PRO D 142 23.51 5.09 -26.58
C PRO D 142 23.77 4.05 -27.66
N GLY D 143 24.90 3.35 -27.58
CA GLY D 143 25.36 2.53 -28.71
C GLY D 143 26.25 3.35 -29.61
N GLY D 144 26.93 2.73 -30.57
CA GLY D 144 26.68 1.37 -30.98
C GLY D 144 26.13 1.43 -32.39
N ALA D 145 24.98 0.81 -32.59
CA ALA D 145 24.31 0.80 -33.84
C ALA D 145 23.83 2.17 -34.19
N LYS D 146 23.43 2.91 -33.16
CA LYS D 146 22.89 4.26 -33.34
C LYS D 146 23.64 5.26 -34.23
N THR D 147 24.79 5.68 -33.75
CA THR D 147 25.68 6.51 -34.54
C THR D 147 25.94 5.95 -35.92
N MET D 148 26.39 4.71 -35.99
CA MET D 148 26.70 4.11 -37.29
C MET D 148 25.62 4.40 -38.32
N ILE D 149 24.36 4.22 -37.91
CA ILE D 149 23.21 4.42 -38.79
C ILE D 149 23.17 5.83 -39.37
N GLU D 150 23.46 6.80 -38.52
CA GLU D 150 23.42 8.19 -38.95
C GLU D 150 24.64 8.57 -39.77
N ASN D 151 25.74 7.95 -39.38
CA ASN D 151 27.01 8.19 -39.97
C ASN D 151 26.80 7.17 -41.00
N GLY D 152 27.59 6.92 -41.98
CA GLY D 152 26.89 6.31 -43.13
C GLY D 152 26.04 5.04 -43.24
N VAL D 153 26.25 4.11 -42.31
CA VAL D 153 26.19 2.67 -42.52
C VAL D 153 25.06 2.06 -43.31
N LEU D 154 23.91 2.69 -43.39
CA LEU D 154 22.78 2.03 -44.00
C LEU D 154 22.42 2.47 -45.42
N ASP D 155 23.07 3.52 -45.83
CA ASP D 155 22.90 4.13 -47.16
C ASP D 155 22.96 3.07 -48.25
N GLY D 156 21.85 2.90 -48.97
CA GLY D 156 21.77 1.93 -50.04
C GLY D 156 21.50 0.49 -49.62
N VAL D 157 21.47 0.24 -48.30
CA VAL D 157 21.17 -1.10 -47.78
C VAL D 157 19.67 -1.33 -47.82
N ASP D 158 19.23 -2.52 -48.25
CA ASP D 158 17.80 -2.84 -48.23
C ASP D 158 17.34 -3.82 -47.14
N HIS D 159 18.22 -4.73 -46.76
CA HIS D 159 18.00 -5.67 -45.66
C HIS D 159 19.23 -5.69 -44.74
N VAL D 160 19.00 -5.93 -43.45
CA VAL D 160 20.08 -6.18 -42.49
C VAL D 160 19.92 -7.55 -41.86
N LEU D 161 21.02 -8.28 -41.69
CA LEU D 161 20.99 -9.59 -41.03
C LEU D 161 22.04 -9.66 -39.94
N GLY D 162 21.66 -10.20 -38.78
CA GLY D 162 22.60 -10.33 -37.67
C GLY D 162 22.50 -11.65 -36.93
N VAL D 163 23.55 -11.97 -36.19
CA VAL D 163 23.65 -13.22 -35.44
C VAL D 163 24.28 -12.98 -34.06
N HIS D 164 23.73 -13.56 -33.02
CA HIS D 164 24.36 -13.58 -31.71
C HIS D 164 24.66 -15.02 -31.31
N VAL D 165 25.78 -15.23 -30.65
CA VAL D 165 26.06 -16.50 -30.00
C VAL D 165 25.44 -16.59 -28.61
N MET D 166 24.67 -17.63 -28.39
CA MET D 166 23.98 -17.85 -27.13
C MET D 166 24.59 -18.98 -26.30
N SER D 167 25.45 -18.62 -25.38
CA SER D 167 26.12 -19.55 -24.50
C SER D 167 25.17 -20.49 -23.77
N THR D 168 23.89 -20.29 -23.94
CA THR D 168 22.96 -21.12 -23.25
C THR D 168 21.96 -21.63 -24.23
N MET D 169 22.46 -22.07 -25.36
CA MET D 169 21.68 -22.87 -26.25
C MET D 169 22.58 -24.03 -26.77
N LYS D 170 22.18 -25.25 -26.44
CA LYS D 170 23.01 -26.46 -26.60
C LYS D 170 24.27 -26.27 -27.38
N THR D 171 24.07 -26.11 -28.67
CA THR D 171 25.20 -25.94 -29.53
C THR D 171 25.15 -27.04 -30.51
N GLY D 172 24.22 -26.93 -31.45
CA GLY D 172 24.12 -27.86 -32.54
C GLY D 172 23.28 -27.32 -33.66
N LYS D 173 22.75 -26.13 -33.47
CA LYS D 173 22.01 -25.47 -34.53
C LYS D 173 21.83 -24.00 -34.26
N VAL D 174 21.10 -23.38 -35.16
CA VAL D 174 20.91 -21.99 -35.14
C VAL D 174 19.44 -21.81 -34.95
N TYR D 175 19.09 -21.08 -33.89
CA TYR D 175 17.72 -20.80 -33.49
C TYR D 175 17.16 -19.42 -33.90
N TYR D 176 15.88 -19.31 -34.15
CA TYR D 176 15.29 -18.04 -34.60
C TYR D 176 13.84 -17.73 -34.11
N ARG D 177 13.28 -16.56 -34.44
CA ARG D 177 11.89 -16.24 -34.14
C ARG D 177 11.44 -14.97 -34.88
N PRO D 178 10.35 -15.07 -35.67
CA PRO D 178 9.75 -13.92 -36.36
C PRO D 178 9.02 -12.98 -35.40
N GLY D 179 8.81 -11.74 -35.83
CA GLY D 179 8.13 -10.74 -35.03
C GLY D 179 9.04 -10.15 -33.95
N TYR D 180 8.42 -9.46 -33.01
CA TYR D 180 9.14 -8.84 -31.90
C TYR D 180 9.79 -9.91 -31.05
N VAL D 181 11.12 -9.87 -31.00
CA VAL D 181 11.91 -10.96 -30.40
C VAL D 181 12.72 -10.54 -29.17
N GLN D 182 13.09 -9.26 -29.09
CA GLN D 182 13.76 -8.76 -27.89
C GLN D 182 13.20 -7.42 -27.45
N THR D 183 13.13 -7.24 -26.14
CA THR D 183 12.53 -6.08 -25.53
C THR D 183 13.32 -4.81 -25.81
N GLY D 184 12.60 -3.70 -25.93
CA GLY D 184 13.21 -2.38 -25.89
C GLY D 184 13.27 -1.88 -24.45
N ARG D 185 13.93 -0.74 -24.27
CA ARG D 185 14.30 -0.30 -22.94
C ARG D 185 14.05 1.22 -22.78
N ALA D 186 13.70 1.61 -21.56
CA ALA D 186 13.72 3.01 -21.15
C ALA D 186 14.15 3.05 -19.70
N PHE D 187 14.58 4.23 -19.25
CA PHE D 187 14.90 4.41 -17.85
CA PHE D 187 15.03 4.46 -17.87
C PHE D 187 14.41 5.74 -17.35
N PHE D 188 14.22 5.84 -16.05
CA PHE D 188 13.74 7.09 -15.52
C PHE D 188 14.34 7.40 -14.17
N LYS D 189 14.33 8.69 -13.87
CA LYS D 189 14.73 9.17 -12.55
C LYS D 189 13.55 9.98 -12.02
N LEU D 190 13.15 9.68 -10.79
CA LEU D 190 12.03 10.38 -10.18
C LEU D 190 12.47 11.03 -8.86
N LYS D 191 12.46 12.35 -8.82
CA LYS D 191 12.68 13.06 -7.59
C LYS D 191 11.32 13.33 -6.91
N VAL D 192 11.15 12.76 -5.71
CA VAL D 192 9.97 13.00 -4.88
C VAL D 192 10.32 14.00 -3.74
N GLN D 193 9.84 15.23 -3.87
CA GLN D 193 10.17 16.31 -2.94
C GLN D 193 8.98 16.54 -2.02
N GLY D 194 9.18 16.28 -0.74
CA GLY D 194 8.18 16.57 0.30
C GLY D 194 8.70 17.74 1.12
N LYS D 195 8.56 17.65 2.43
CA LYS D 195 9.03 18.67 3.36
C LYS D 195 9.61 18.01 4.59
N GLY D 196 10.88 18.23 4.87
CA GLY D 196 11.53 17.62 6.03
C GLY D 196 11.13 18.27 7.35
N GLY D 197 11.43 17.60 8.47
CA GLY D 197 11.14 18.15 9.79
C GLY D 197 11.55 17.17 10.89
N HIS D 198 11.45 17.59 12.14
CA HIS D 198 11.76 16.71 13.26
C HIS D 198 10.79 15.55 13.34
N GLY D 199 11.30 14.40 13.69
CA GLY D 199 10.52 13.16 13.64
C GLY D 199 9.31 13.07 14.55
N SER D 200 9.25 13.93 15.55
CA SER D 200 8.17 13.91 16.52
C SER D 200 7.00 14.84 16.14
N SER D 201 7.10 15.49 14.98
CA SER D 201 6.02 16.37 14.52
C SER D 201 5.65 16.08 13.08
N PRO D 202 5.12 14.87 12.77
CA PRO D 202 4.85 14.50 11.35
C PRO D 202 3.87 15.43 10.64
N HIS D 203 2.92 15.97 11.41
CA HIS D 203 1.90 16.87 10.88
C HIS D 203 2.47 18.17 10.27
N MET D 204 3.70 18.53 10.63
CA MET D 204 4.35 19.74 10.12
C MET D 204 5.27 19.40 8.95
N ALA D 205 5.30 18.14 8.55
CA ALA D 205 6.20 17.67 7.53
C ALA D 205 5.39 17.00 6.42
N ASN D 206 6.04 16.70 5.30
CA ASN D 206 5.43 15.87 4.28
C ASN D 206 6.45 14.79 3.93
N ASP D 207 6.23 13.59 4.45
CA ASP D 207 7.19 12.47 4.43
C ASP D 207 7.46 11.92 3.02
N ALA D 208 8.62 12.23 2.44
CA ALA D 208 8.93 11.75 1.09
C ALA D 208 9.18 10.23 1.03
N ILE D 209 9.60 9.62 2.14
CA ILE D 209 9.77 8.14 2.18
C ILE D 209 8.40 7.43 2.07
N VAL D 210 7.41 7.95 2.80
CA VAL D 210 6.06 7.45 2.72
C VAL D 210 5.47 7.65 1.29
N ALA D 211 5.61 8.86 0.74
CA ALA D 211 5.09 9.12 -0.62
C ALA D 211 5.76 8.17 -1.61
N GLY D 212 7.07 8.08 -1.54
CA GLY D 212 7.84 7.22 -2.42
C GLY D 212 7.46 5.75 -2.28
N SER D 213 7.28 5.31 -1.05
CA SER D 213 6.87 3.93 -0.78
C SER D 213 5.50 3.62 -1.39
N TYR D 214 4.53 4.49 -1.18
CA TYR D 214 3.25 4.41 -1.78
C TYR D 214 3.38 4.41 -3.36
N PHE D 215 4.26 5.22 -3.90
CA PHE D 215 4.49 5.25 -5.35
C PHE D 215 4.91 3.84 -5.84
N VAL D 216 5.86 3.21 -5.16
CA VAL D 216 6.40 1.93 -5.62
C VAL D 216 5.31 0.84 -5.61
N THR D 217 4.42 0.98 -4.64
CA THR D 217 3.31 0.12 -4.43
C THR D 217 2.31 0.24 -5.57
N ALA D 218 1.86 1.47 -5.84
CA ALA D 218 0.95 1.75 -6.95
C ALA D 218 1.55 1.37 -8.31
N LEU D 219 2.88 1.49 -8.41
CA LEU D 219 3.60 1.26 -9.68
C LEU D 219 3.38 -0.16 -10.23
N GLN D 220 3.10 -1.10 -9.34
CA GLN D 220 2.93 -2.51 -9.72
C GLN D 220 1.74 -2.74 -10.63
N THR D 221 0.77 -1.82 -10.57
CA THR D 221 -0.42 -1.89 -11.39
C THR D 221 -0.17 -1.59 -12.86
N VAL D 222 0.97 -0.99 -13.19
CA VAL D 222 1.32 -0.72 -14.61
C VAL D 222 1.40 -2.06 -15.35
N VAL D 223 2.21 -2.97 -14.84
CA VAL D 223 2.34 -4.29 -15.45
C VAL D 223 1.09 -5.16 -15.18
N SER D 224 0.56 -5.07 -13.96
CA SER D 224 -0.47 -6.01 -13.54
C SER D 224 -1.88 -5.63 -14.02
N ARG D 225 -2.13 -4.36 -14.36
CA ARG D 225 -3.48 -3.92 -14.76
C ARG D 225 -3.52 -3.15 -16.07
N ARG D 226 -2.47 -2.37 -16.35
CA ARG D 226 -2.50 -1.47 -17.50
C ARG D 226 -2.05 -2.16 -18.79
N LEU D 227 -1.23 -3.21 -18.69
CA LEU D 227 -0.84 -3.96 -19.88
C LEU D 227 -1.72 -5.17 -20.10
N SER D 228 -1.84 -5.56 -21.37
CA SER D 228 -2.51 -6.80 -21.70
C SER D 228 -1.68 -7.95 -21.16
N PRO D 229 -2.34 -9.02 -20.71
CA PRO D 229 -1.67 -10.27 -20.36
C PRO D 229 -0.76 -10.73 -21.50
N PHE D 230 -1.14 -10.45 -22.74
CA PHE D 230 -0.36 -10.89 -23.91
C PHE D 230 0.78 -9.96 -24.31
N GLU D 231 0.94 -8.87 -23.56
CA GLU D 231 2.11 -8.00 -23.67
C GLU D 231 3.20 -8.45 -22.70
N THR D 232 4.43 -8.05 -23.02
CA THR D 232 5.58 -8.28 -22.17
C THR D 232 6.16 -6.95 -21.71
N GLY D 233 5.97 -6.66 -20.44
CA GLY D 233 6.46 -5.44 -19.84
C GLY D 233 7.15 -5.69 -18.52
N VAL D 234 8.10 -4.82 -18.20
CA VAL D 234 8.83 -4.85 -16.94
C VAL D 234 8.97 -3.40 -16.47
N VAL D 235 8.64 -3.16 -15.20
CA VAL D 235 8.93 -1.91 -14.53
C VAL D 235 9.62 -2.26 -13.22
N THR D 236 10.93 -2.01 -13.18
CA THR D 236 11.76 -2.25 -11.98
C THR D 236 12.25 -0.93 -11.37
N ILE D 237 12.09 -0.77 -10.06
CA ILE D 237 12.78 0.31 -9.37
C ILE D 237 14.04 -0.29 -8.76
N GLY D 238 15.21 0.05 -9.33
CA GLY D 238 16.48 -0.52 -8.85
C GLY D 238 17.16 0.31 -7.78
N SER D 239 16.72 1.57 -7.63
CA SER D 239 17.32 2.49 -6.70
C SER D 239 16.25 3.30 -5.99
N PHE D 240 16.25 3.22 -4.67
CA PHE D 240 15.33 4.02 -3.86
C PHE D 240 16.23 4.67 -2.82
N ASP D 241 16.65 5.88 -3.14
CA ASP D 241 17.67 6.56 -2.35
C ASP D 241 16.99 7.46 -1.34
N GLY D 242 16.75 6.92 -0.15
CA GLY D 242 16.03 7.61 0.90
C GLY D 242 16.84 7.57 2.19
N LYS D 243 18.15 7.39 2.04
CA LYS D 243 19.07 7.35 3.17
C LYS D 243 19.02 8.67 3.95
N GLY D 244 18.89 8.56 5.27
CA GLY D 244 18.71 9.71 6.11
C GLY D 244 19.18 9.59 7.55
N GLN D 245 18.52 10.31 8.42
CA GLN D 245 18.83 10.35 9.82
C GLN D 245 17.68 9.79 10.59
N PHE D 246 17.97 8.95 11.58
CA PHE D 246 17.02 8.56 12.61
C PHE D 246 16.56 9.89 13.01
N ASN D 247 15.29 10.03 13.31
CA ASN D 247 14.89 11.18 14.03
C ASN D 247 14.64 12.37 13.11
N VAL D 248 14.55 12.18 11.80
CA VAL D 248 14.27 13.31 10.94
C VAL D 248 13.39 12.79 9.83
N ILE D 249 12.25 13.43 9.63
CA ILE D 249 11.38 13.05 8.52
C ILE D 249 12.05 13.50 7.23
N LYS D 250 12.15 12.58 6.26
CA LYS D 250 12.98 12.77 5.09
C LYS D 250 12.33 13.69 4.08
N ASP D 251 13.07 14.69 3.66
CA ASP D 251 12.51 15.67 2.79
C ASP D 251 12.43 15.34 1.29
N VAL D 252 13.27 14.47 0.80
CA VAL D 252 13.35 14.16 -0.62
C VAL D 252 13.81 12.71 -0.75
N VAL D 253 13.23 11.99 -1.71
CA VAL D 253 13.87 10.74 -2.13
C VAL D 253 14.12 10.74 -3.64
N GLU D 254 15.18 10.03 -4.04
CA GLU D 254 15.49 9.84 -5.44
C GLU D 254 15.21 8.40 -5.85
N ILE D 255 14.29 8.25 -6.79
CA ILE D 255 13.94 6.95 -7.33
C ILE D 255 14.47 6.79 -8.75
N GLU D 256 15.11 5.66 -9.03
CA GLU D 256 15.55 5.38 -10.41
C GLU D 256 14.94 4.07 -10.88
N GLY D 257 14.48 4.06 -12.12
CA GLY D 257 13.78 2.92 -12.66
C GLY D 257 14.28 2.49 -14.01
N ASP D 258 13.84 1.31 -14.40
CA ASP D 258 14.32 0.58 -15.56
C ASP D 258 13.06 -0.08 -16.12
N VAL D 259 12.77 0.19 -17.39
CA VAL D 259 11.55 -0.27 -18.06
C VAL D 259 11.93 -1.16 -19.25
N ARG D 260 11.16 -2.24 -19.46
CA ARG D 260 11.24 -3.03 -20.71
C ARG D 260 9.86 -3.21 -21.30
N GLY D 261 9.79 -3.18 -22.63
CA GLY D 261 8.58 -3.52 -23.37
C GLY D 261 8.99 -4.26 -24.61
N LEU D 262 8.19 -5.23 -24.97
CA LEU D 262 8.44 -6.07 -26.10
C LEU D 262 8.04 -5.43 -27.39
N THR D 263 7.10 -4.52 -27.34
CA THR D 263 6.70 -3.76 -28.53
C THR D 263 6.90 -2.28 -28.24
N ASP D 264 6.96 -1.46 -29.27
CA ASP D 264 7.07 -0.02 -29.06
C ASP D 264 5.77 0.57 -28.46
N ALA D 265 4.63 -0.06 -28.78
CA ALA D 265 3.35 0.33 -28.20
C ALA D 265 3.30 0.08 -26.69
N THR D 266 3.90 -1.03 -26.26
CA THR D 266 3.98 -1.40 -24.84
C THR D 266 4.85 -0.42 -24.09
N LYS D 267 5.96 -0.04 -24.71
CA LYS D 267 6.86 0.95 -24.10
C LYS D 267 6.16 2.29 -23.90
N ALA D 268 5.38 2.71 -24.90
CA ALA D 268 4.61 3.98 -24.84
C ALA D 268 3.52 3.95 -23.77
N THR D 269 2.83 2.81 -23.68
CA THR D 269 1.82 2.63 -22.63
C THR D 269 2.46 2.73 -21.26
N ILE D 270 3.56 2.01 -21.05
CA ILE D 270 4.26 2.03 -19.76
C ILE D 270 4.66 3.48 -19.39
N GLU D 271 5.14 4.22 -20.39
CA GLU D 271 5.59 5.59 -20.17
C GLU D 271 4.42 6.47 -19.76
N LYS D 272 3.32 6.38 -20.49
CA LYS D 272 2.10 7.12 -20.16
C LYS D 272 1.65 6.81 -18.73
N GLU D 273 1.68 5.53 -18.40
CA GLU D 273 1.13 5.09 -17.13
C GLU D 273 2.03 5.46 -15.95
N ILE D 274 3.35 5.37 -16.13
CA ILE D 274 4.27 5.88 -15.12
C ILE D 274 4.08 7.39 -14.92
N LYS D 275 3.99 8.15 -16.01
CA LYS D 275 3.69 9.59 -15.92
C LYS D 275 2.36 9.87 -15.23
N ARG D 276 1.32 9.06 -15.48
CA ARG D 276 0.04 9.25 -14.78
C ARG D 276 0.22 9.08 -13.26
N LEU D 277 0.96 8.05 -12.87
CA LEU D 277 1.16 7.82 -11.46
C LEU D 277 2.02 8.88 -10.80
N SER D 278 3.05 9.32 -11.48
CA SER D 278 3.97 10.32 -11.01
C SER D 278 3.30 11.63 -10.71
N LYS D 279 2.54 12.01 -11.69
CA LYS D 279 1.70 13.19 -11.58
C LYS D 279 0.63 13.03 -10.49
N GLY D 280 -0.01 11.87 -10.44
CA GLY D 280 -1.02 11.58 -9.44
C GLY D 280 -0.49 11.60 -8.02
N LEU D 281 0.77 11.20 -7.85
CA LEU D 281 1.38 11.20 -6.51
C LEU D 281 1.40 12.61 -5.92
N GLU D 282 1.62 13.59 -6.80
CA GLU D 282 1.64 15.00 -6.43
C GLU D 282 0.29 15.39 -5.85
N ASP D 283 -0.80 15.05 -6.53
CA ASP D 283 -2.12 15.40 -6.03
C ASP D 283 -2.41 14.62 -4.74
N MET D 284 -2.06 13.34 -4.70
CA MET D 284 -2.42 12.50 -3.57
C MET D 284 -1.65 12.77 -2.26
N TYR D 285 -0.36 13.08 -2.36
CA TYR D 285 0.50 13.27 -1.19
C TYR D 285 1.02 14.70 -1.01
N GLY D 286 0.74 15.56 -1.97
CA GLY D 286 1.14 16.96 -1.87
C GLY D 286 2.62 17.18 -2.14
N VAL D 287 3.28 16.16 -2.70
CA VAL D 287 4.70 16.24 -3.03
C VAL D 287 4.91 16.92 -4.38
N THR D 288 6.16 17.26 -4.70
CA THR D 288 6.51 17.71 -6.05
C THR D 288 7.35 16.58 -6.66
N CYS D 289 6.99 16.16 -7.89
CA CYS D 289 7.70 15.09 -8.57
C CYS D 289 8.43 15.65 -9.78
N THR D 290 9.72 15.39 -9.88
CA THR D 290 10.44 15.77 -11.09
C THR D 290 10.82 14.46 -11.73
N LEU D 291 10.19 14.16 -12.86
CA LEU D 291 10.41 12.91 -13.58
C LEU D 291 11.22 13.16 -14.84
N GLU D 292 12.39 12.52 -14.91
CA GLU D 292 13.21 12.52 -16.12
C GLU D 292 12.99 11.15 -16.79
N TYR D 293 12.33 11.13 -17.95
CA TYR D 293 12.05 9.87 -18.63
C TYR D 293 12.91 9.77 -19.87
N ASN D 294 13.84 8.80 -19.87
CA ASN D 294 14.77 8.59 -20.97
C ASN D 294 14.46 7.31 -21.77
N ASP D 295 14.04 7.49 -23.00
CA ASP D 295 13.92 6.38 -23.92
C ASP D 295 15.27 5.80 -24.26
N ASP D 296 15.30 4.52 -24.51
CA ASP D 296 16.54 3.79 -24.79
C ASP D 296 16.19 2.78 -25.90
N TYR D 297 17.00 1.75 -26.08
CA TYR D 297 16.88 0.84 -27.23
C TYR D 297 15.43 0.53 -27.61
N PRO D 298 15.12 0.56 -28.89
CA PRO D 298 13.83 0.07 -29.34
C PRO D 298 13.72 -1.45 -29.20
N ALA D 299 12.50 -1.96 -29.17
CA ALA D 299 12.29 -3.41 -29.23
C ALA D 299 12.75 -3.92 -30.60
N LEU D 300 13.36 -5.10 -30.59
CA LEU D 300 13.94 -5.67 -31.78
C LEU D 300 12.88 -6.36 -32.61
N TYR D 301 12.55 -5.76 -33.74
CA TYR D 301 11.56 -6.37 -34.62
C TYR D 301 12.19 -7.17 -35.77
N ASN D 302 12.16 -8.50 -35.66
CA ASN D 302 12.50 -9.39 -36.76
C ASN D 302 11.38 -9.39 -37.78
N ASP D 303 11.62 -8.73 -38.92
CA ASP D 303 10.69 -8.73 -40.04
C ASP D 303 10.25 -10.16 -40.38
N PRO D 304 8.93 -10.43 -40.32
CA PRO D 304 8.36 -11.79 -40.40
C PRO D 304 8.51 -12.50 -41.74
N GLU D 305 8.40 -11.74 -42.83
CA GLU D 305 8.61 -12.29 -44.16
C GLU D 305 10.06 -12.70 -44.19
N PHE D 306 10.92 -11.70 -44.08
CA PHE D 306 12.37 -11.87 -44.17
C PHE D 306 12.95 -12.88 -43.22
N THR D 307 12.36 -13.01 -42.06
CA THR D 307 12.86 -13.99 -41.07
C THR D 307 12.55 -15.44 -41.45
N GLU D 308 11.33 -15.68 -41.92
CA GLU D 308 10.98 -17.01 -42.45
C GLU D 308 11.74 -17.26 -43.76
N TYR D 309 11.86 -16.21 -44.57
CA TYR D 309 12.73 -16.14 -45.75
C TYR D 309 14.11 -16.74 -45.48
N VAL D 310 14.76 -16.32 -44.38
CA VAL D 310 16.10 -16.83 -44.07
C VAL D 310 16.08 -18.23 -43.47
N ALA D 311 15.03 -18.53 -42.71
CA ALA D 311 14.85 -19.86 -42.12
C ALA D 311 14.58 -20.91 -43.19
N LYS D 312 13.84 -20.50 -44.22
CA LYS D 312 13.50 -21.38 -45.35
C LYS D 312 14.75 -21.60 -46.20
N THR D 313 15.51 -20.53 -46.42
CA THR D 313 16.75 -20.61 -47.18
C THR D 313 17.77 -21.50 -46.45
N LEU D 314 17.80 -21.42 -45.12
CA LEU D 314 18.72 -22.23 -44.31
C LEU D 314 18.32 -23.72 -44.24
N LYS D 315 17.02 -23.96 -44.25
CA LYS D 315 16.48 -25.30 -44.13
C LYS D 315 16.74 -26.15 -45.35
N GLU D 316 16.92 -25.48 -46.47
CA GLU D 316 16.88 -26.04 -47.81
C GLU D 316 18.31 -26.23 -48.28
N ALA D 317 19.24 -25.84 -47.43
CA ALA D 317 20.62 -26.22 -47.53
C ALA D 317 20.63 -27.37 -46.56
N ASN D 318 21.77 -27.74 -46.03
CA ASN D 318 21.84 -28.87 -45.10
C ASN D 318 22.92 -28.77 -44.04
N LEU D 319 22.73 -29.44 -42.93
CA LEU D 319 23.69 -29.33 -41.85
C LEU D 319 24.99 -28.79 -42.30
N MET D 325 12.70 -22.75 -34.19
CA MET D 325 12.10 -21.63 -33.50
C MET D 325 12.40 -21.62 -32.06
N CYS D 326 12.54 -20.41 -31.54
CA CYS D 326 12.89 -20.28 -30.12
C CYS D 326 11.91 -19.33 -29.41
N GLU D 327 12.04 -19.23 -28.08
CA GLU D 327 11.32 -18.22 -27.30
C GLU D 327 11.98 -16.85 -27.44
N PRO D 328 11.22 -15.75 -27.25
CA PRO D 328 11.83 -14.41 -27.22
C PRO D 328 12.86 -14.35 -26.10
N GLN D 329 13.81 -13.43 -26.20
CA GLN D 329 14.94 -13.44 -25.26
C GLN D 329 15.00 -12.19 -24.39
N PRO D 330 15.41 -12.34 -23.12
CA PRO D 330 15.45 -11.23 -22.14
C PRO D 330 16.38 -10.02 -22.42
N PRO D 331 17.62 -10.23 -22.93
CA PRO D 331 18.46 -9.04 -23.13
C PRO D 331 17.88 -8.06 -24.13
N SER D 332 18.23 -6.79 -23.98
CA SER D 332 17.96 -5.82 -25.02
C SER D 332 19.20 -5.84 -25.89
N GLU D 333 19.03 -5.47 -27.16
CA GLU D 333 20.06 -5.63 -28.17
C GLU D 333 19.97 -4.43 -29.08
N ASP D 334 21.05 -3.67 -29.22
CA ASP D 334 21.00 -2.48 -30.05
C ASP D 334 20.88 -2.74 -31.56
N PHE D 335 20.97 -4.01 -31.96
CA PHE D 335 20.62 -4.39 -33.34
C PHE D 335 19.23 -3.85 -33.70
N ALA D 336 18.39 -3.70 -32.67
CA ALA D 336 17.04 -3.19 -32.84
C ALA D 336 17.01 -1.87 -33.60
N TYR D 337 18.07 -1.07 -33.47
CA TYR D 337 18.14 0.20 -34.20
C TYR D 337 18.20 0.00 -35.70
N TYR D 338 18.97 -0.99 -36.17
CA TYR D 338 19.02 -1.28 -37.62
C TYR D 338 17.65 -1.78 -38.02
N ALA D 339 17.11 -2.69 -37.20
CA ALA D 339 15.85 -3.36 -37.51
C ALA D 339 14.65 -2.39 -37.54
N LYS D 340 14.82 -1.23 -36.97
CA LYS D 340 13.81 -0.19 -36.98
C LYS D 340 13.81 0.53 -38.33
N GLU D 341 14.99 0.69 -38.95
CA GLU D 341 15.14 1.37 -40.24
C GLU D 341 15.11 0.53 -41.49
N ARG D 342 15.36 -0.73 -41.38
CA ARG D 342 15.34 -1.63 -42.53
C ARG D 342 14.67 -2.95 -42.18
N PRO D 343 14.02 -3.61 -43.16
CA PRO D 343 13.55 -4.97 -42.89
C PRO D 343 14.76 -5.81 -42.52
N SER D 344 14.81 -6.28 -41.28
CA SER D 344 15.98 -7.00 -40.80
C SER D 344 15.61 -8.31 -40.14
N ALA D 345 16.62 -9.13 -39.86
CA ALA D 345 16.44 -10.36 -39.11
C ALA D 345 17.64 -10.65 -38.20
N PHE D 346 17.34 -10.96 -36.95
CA PHE D 346 18.35 -11.29 -35.95
C PHE D 346 18.14 -12.72 -35.49
N ILE D 347 19.11 -13.61 -35.75
CA ILE D 347 18.98 -15.01 -35.34
C ILE D 347 20.12 -15.44 -34.40
N TYR D 348 19.93 -16.59 -33.74
CA TYR D 348 20.85 -17.03 -32.69
C TYR D 348 21.60 -18.30 -33.04
N THR D 349 22.84 -18.41 -32.55
CA THR D 349 23.67 -19.58 -32.77
C THR D 349 24.02 -20.27 -31.48
N GLY D 350 23.55 -21.50 -31.31
CA GLY D 350 23.87 -22.32 -30.15
C GLY D 350 25.36 -22.33 -29.87
N ALA D 351 25.73 -22.27 -28.58
CA ALA D 351 27.13 -22.17 -28.17
C ALA D 351 27.41 -22.80 -26.80
N ALA D 352 26.50 -23.61 -26.31
CA ALA D 352 26.73 -24.20 -25.00
C ALA D 352 28.07 -24.90 -25.04
N VAL D 353 28.96 -24.51 -24.15
CA VAL D 353 30.25 -25.15 -24.01
C VAL D 353 30.09 -26.64 -23.70
N PRO D 360 26.61 -18.82 -19.25
CA PRO D 360 26.31 -17.68 -18.40
C PRO D 360 26.64 -16.29 -19.02
N HIS D 361 25.75 -15.61 -19.76
CA HIS D 361 26.12 -14.33 -20.39
C HIS D 361 26.30 -13.14 -19.46
N HIS D 362 27.42 -12.52 -19.68
CA HIS D 362 27.90 -11.40 -18.95
C HIS D 362 28.43 -11.96 -17.61
N HIS D 363 28.39 -13.28 -17.42
CA HIS D 363 28.94 -13.92 -16.23
C HIS D 363 30.47 -13.88 -16.18
N PRO D 364 31.07 -13.88 -14.96
CA PRO D 364 32.53 -13.81 -14.83
C PRO D 364 33.24 -15.00 -15.47
N LYS D 365 32.61 -16.17 -15.44
CA LYS D 365 33.16 -17.38 -16.04
C LYS D 365 32.49 -17.70 -17.38
N PHE D 366 32.37 -16.69 -18.24
CA PHE D 366 31.72 -16.85 -19.54
C PHE D 366 32.56 -17.64 -20.54
N ASN D 367 31.98 -18.73 -21.04
CA ASN D 367 32.62 -19.59 -22.03
C ASN D 367 31.57 -20.12 -23.01
N ILE D 368 32.03 -20.64 -24.16
CA ILE D 368 31.17 -21.07 -25.27
C ILE D 368 31.79 -22.15 -26.16
N SER D 369 30.96 -22.97 -26.81
CA SER D 369 31.45 -23.93 -27.81
C SER D 369 32.03 -23.22 -29.02
N GLU D 370 33.16 -23.67 -29.51
CA GLU D 370 33.76 -22.99 -30.63
C GLU D 370 33.28 -23.50 -31.98
N LYS D 371 32.32 -24.40 -31.94
CA LYS D 371 31.65 -24.82 -33.14
C LYS D 371 30.63 -23.80 -33.54
N SER D 372 30.47 -22.77 -32.75
CA SER D 372 29.48 -21.73 -33.07
C SER D 372 29.96 -20.91 -34.23
N LEU D 373 31.24 -20.57 -34.15
CA LEU D 373 31.86 -19.79 -35.15
C LEU D 373 31.56 -20.30 -36.53
N LEU D 374 31.71 -21.60 -36.73
CA LEU D 374 31.64 -22.13 -38.07
C LEU D 374 30.22 -22.24 -38.56
N ILE D 375 29.32 -22.50 -37.65
CA ILE D 375 27.92 -22.61 -37.95
C ILE D 375 27.29 -21.29 -38.41
N SER D 376 27.80 -20.23 -37.83
CA SER D 376 27.36 -18.85 -38.02
C SER D 376 27.68 -18.41 -39.45
N ALA D 377 28.92 -18.65 -39.86
CA ALA D 377 29.39 -18.29 -41.20
C ALA D 377 28.60 -19.06 -42.25
N GLU D 378 28.37 -20.34 -41.99
CA GLU D 378 27.63 -21.21 -42.90
C GLU D 378 26.26 -20.61 -43.22
N ALA D 379 25.50 -20.32 -42.17
CA ALA D 379 24.12 -19.85 -42.29
C ALA D 379 24.00 -18.45 -42.89
N VAL D 380 24.89 -17.54 -42.51
CA VAL D 380 24.87 -16.17 -43.04
C VAL D 380 25.30 -16.14 -44.52
N GLY D 381 26.40 -16.81 -44.83
CA GLY D 381 26.90 -16.92 -46.21
C GLY D 381 25.84 -17.43 -47.16
N THR D 382 25.21 -18.54 -46.77
CA THR D 382 24.11 -19.14 -47.51
C THR D 382 23.07 -18.08 -47.87
N VAL D 383 22.60 -17.34 -46.87
CA VAL D 383 21.58 -16.31 -47.08
C VAL D 383 22.06 -15.22 -48.05
N VAL D 384 23.31 -14.77 -47.87
CA VAL D 384 23.92 -13.73 -48.73
C VAL D 384 23.86 -14.05 -50.23
N LEU D 385 24.13 -15.29 -50.59
CA LEU D 385 24.16 -15.70 -52.00
C LEU D 385 22.78 -15.68 -52.66
N ASP D 386 21.71 -15.53 -51.88
CA ASP D 386 20.34 -15.50 -52.42
C ASP D 386 19.66 -14.18 -52.85
#